data_1WZ2
#
_entry.id   1WZ2
#
_cell.length_a   120.546
_cell.length_b   231.127
_cell.length_c   118.181
_cell.angle_alpha   90.00
_cell.angle_beta   90.00
_cell.angle_gamma   90.00
#
_symmetry.space_group_name_H-M   'P 21 21 2'
#
loop_
_entity.id
_entity.type
_entity.pdbx_description
1 polymer tRNA
2 polymer 'Leucyl-tRNA synthetase'
#
loop_
_entity_poly.entity_id
_entity_poly.type
_entity_poly.pdbx_seq_one_letter_code
_entity_poly.pdbx_strand_id
1 'polyribonucleotide'
;GCGGGGGUUGCCGAGCCUGGUCAAAGGCGGGGGACUCAAGAUCCCCUCCCGUAGGGGUUCCGGGGUUCGAAUCCCCGCCC
CCGCACCA
;
C,D
2 'polypeptide(L)'
;MAELNFKAIEEKWQKRWLEAKIFEPNIRDKPKEKKFYITVAFPYLSGHLHVGHARTYTIPDVIARFKRMQGYNVLFPMAW
HITGSPIVGIAERIKNRDPKTIWIYRDVYKVPEEILWTFEDPINIVKYFMKAAKETFIRAGFSVDWSREFYTTSLFPPFS
KFIEWQFWKLKEKGYIVKGAHRVRWDPVVGTPLGDHDLMEGEDVPILDYIIIKFELRENGEVIYLPAATLRPETVYGVTN
MWVNPNATYVKAKVRRKDKEETWIVSKEAAYKLSFQDREIEVIEEFKGEKLIGKYVRNPVSGDEVIILPAEFVDPDNATG
VVMSVPAHAPFDHVALEDLKRETEILEKYDIDPRIVENITYISLIKLEGYGDFPAVEEVNKLGIKSQKDKEKLEQATKTI
YKAEYHKGIFKVPPYEGKPVQEVKEAIAKEMLEKGIAEIMYEFAEKNVISRFGNRAVIKIIHDQWFIDYGNPEWKEKARK
ALERMKILPETRRAQFEAIIDWLDKKACARKIGLGTPLPWDPEWVIESLSDSTIYMAYYTISRHINKLRQEGKLDPEKLT
PEFFDYIFLEEFSEDKEKELEKKTGIPAEIIHEMKEEFEYWYPLDWRCSGKDLIPNHLTFFIFNHVAIFREEHWPKGIAV
NGFGTLEGQKMSKSKGNVLNFIDAIEENGADVVRLYIMSLAEHDSDFDWRRKEVGKLRKQIERFYELISQFAEYEVKGNV
ELKDIDRWMLHRLNKAIKETTNALEEFRTRTAVQWAFYSIMNDLRWYLRRTEGRDDEAKRYVLRTLADVWVRLMAPFTPH
ICEELWEKLGGEGFVSLAKWPEPVEEWWNETIEAEEEFIRSVMEDIKEIIEVAKIENAKRAYIYTAEDWKWKVAEVVSEK
RDFKSSMEELMKDSEIRKHGKEVAKIVQKLIKERTFDVKRINEEKALREAKEFMEKELGIEIIINPTEDKGGKKKQAMPL
KPAIFIE
;
A,B
#
loop_
_chem_comp.id
_chem_comp.type
_chem_comp.name
_chem_comp.formula
A RNA linking ADENOSINE-5'-MONOPHOSPHATE 'C10 H14 N5 O7 P'
C RNA linking CYTIDINE-5'-MONOPHOSPHATE 'C9 H14 N3 O8 P'
G RNA linking GUANOSINE-5'-MONOPHOSPHATE 'C10 H14 N5 O8 P'
U RNA linking URIDINE-5'-MONOPHOSPHATE 'C9 H13 N2 O9 P'
#
# COMPACT_ATOMS: atom_id res chain seq x y z
N LEU C 4 -74.73 14.00 -62.92
CA LEU C 4 -75.07 14.18 -61.47
C LEU C 4 -76.06 13.13 -60.88
N ASN C 5 -76.20 11.95 -61.51
CA ASN C 5 -77.09 10.87 -61.01
C ASN C 5 -76.60 9.44 -61.25
N PHE C 6 -76.53 9.06 -62.53
CA PHE C 6 -76.01 7.77 -62.98
C PHE C 6 -76.80 6.55 -62.58
N LYS C 7 -77.72 6.68 -61.65
CA LYS C 7 -78.52 5.52 -61.22
C LYS C 7 -79.16 4.78 -62.40
N ALA C 8 -79.65 5.57 -63.35
CA ALA C 8 -80.30 5.07 -64.54
C ALA C 8 -79.30 4.40 -65.43
N ILE C 9 -78.09 4.95 -65.44
CA ILE C 9 -76.98 4.41 -66.24
C ILE C 9 -76.42 3.12 -65.63
N GLU C 10 -76.15 3.15 -64.33
CA GLU C 10 -75.61 1.98 -63.63
C GLU C 10 -76.38 0.77 -64.14
N GLU C 11 -77.68 0.76 -63.89
CA GLU C 11 -78.52 -0.33 -64.29
C GLU C 11 -78.43 -0.62 -65.77
N LYS C 12 -78.39 0.44 -66.57
CA LYS C 12 -78.35 0.27 -68.01
C LYS C 12 -77.25 -0.68 -68.41
N TRP C 13 -76.13 -0.58 -67.72
CA TRP C 13 -74.94 -1.38 -68.04
C TRP C 13 -74.82 -2.72 -67.40
N GLN C 14 -75.30 -2.82 -66.17
CA GLN C 14 -75.26 -4.10 -65.50
C GLN C 14 -76.05 -5.09 -66.37
N LYS C 15 -77.14 -4.59 -66.95
CA LYS C 15 -77.98 -5.40 -67.81
C LYS C 15 -77.23 -5.74 -69.09
N ARG C 16 -76.58 -4.72 -69.64
CA ARG C 16 -75.84 -4.86 -70.87
C ARG C 16 -74.71 -5.91 -70.73
N TRP C 17 -73.82 -5.66 -69.76
CA TRP C 17 -72.72 -6.57 -69.47
C TRP C 17 -73.31 -7.96 -69.31
N LEU C 18 -74.25 -8.06 -68.38
CA LEU C 18 -74.92 -9.30 -68.10
C LEU C 18 -75.33 -10.05 -69.34
N GLU C 19 -76.30 -9.51 -70.08
CA GLU C 19 -76.83 -10.17 -71.28
C GLU C 19 -75.75 -10.52 -72.30
N ALA C 20 -74.75 -9.66 -72.39
CA ALA C 20 -73.66 -9.87 -73.31
C ALA C 20 -72.85 -11.08 -72.87
N LYS C 21 -72.98 -11.44 -71.58
CA LYS C 21 -72.25 -12.56 -70.97
C LYS C 21 -70.79 -12.29 -71.32
N ILE C 22 -70.43 -11.03 -71.12
CA ILE C 22 -69.11 -10.54 -71.45
C ILE C 22 -68.12 -10.90 -70.36
N PHE C 23 -68.63 -11.07 -69.15
CA PHE C 23 -67.80 -11.41 -68.02
C PHE C 23 -67.85 -12.90 -67.67
N GLU C 24 -68.16 -13.71 -68.68
CA GLU C 24 -68.22 -15.14 -68.55
C GLU C 24 -67.19 -15.67 -69.53
N PRO C 25 -65.91 -15.71 -69.11
CA PRO C 25 -64.78 -16.18 -69.93
C PRO C 25 -64.94 -17.51 -70.63
N ASN C 26 -64.23 -17.64 -71.74
CA ASN C 26 -64.23 -18.87 -72.53
C ASN C 26 -62.77 -19.26 -72.62
N ILE C 27 -62.42 -20.48 -72.26
CA ILE C 27 -61.02 -20.85 -72.31
C ILE C 27 -60.41 -20.78 -73.72
N ARG C 28 -61.09 -21.29 -74.74
CA ARG C 28 -60.53 -21.24 -76.10
C ARG C 28 -60.20 -19.81 -76.53
N ASP C 29 -60.95 -18.84 -75.99
CA ASP C 29 -60.74 -17.43 -76.30
C ASP C 29 -59.28 -17.07 -76.42
N LYS C 30 -58.46 -17.65 -75.53
CA LYS C 30 -57.03 -17.38 -75.52
C LYS C 30 -56.20 -18.54 -74.97
N PRO C 31 -54.86 -18.45 -75.12
CA PRO C 31 -53.92 -19.48 -74.64
C PRO C 31 -53.87 -19.44 -73.10
N LYS C 32 -53.23 -20.43 -72.47
CA LYS C 32 -53.19 -20.47 -71.00
C LYS C 32 -52.37 -19.39 -70.30
N GLU C 33 -51.22 -19.00 -70.85
CA GLU C 33 -50.40 -17.98 -70.20
C GLU C 33 -51.05 -16.61 -70.21
N LYS C 34 -52.29 -16.56 -70.70
CA LYS C 34 -53.07 -15.32 -70.77
C LYS C 34 -54.12 -15.33 -69.68
N LYS C 35 -54.53 -16.53 -69.27
CA LYS C 35 -55.53 -16.72 -68.23
C LYS C 35 -55.20 -15.94 -66.96
N PHE C 36 -56.21 -15.67 -66.14
CA PHE C 36 -55.95 -14.94 -64.91
C PHE C 36 -57.03 -15.26 -63.91
N TYR C 37 -57.05 -16.50 -63.42
CA TYR C 37 -58.05 -16.88 -62.45
C TYR C 37 -57.76 -16.05 -61.20
N ILE C 38 -58.80 -15.63 -60.49
CA ILE C 38 -58.65 -14.80 -59.29
C ILE C 38 -59.94 -14.87 -58.49
N THR C 39 -59.83 -15.13 -57.18
CA THR C 39 -60.99 -15.26 -56.32
C THR C 39 -60.90 -14.54 -54.99
N VAL C 40 -62.00 -14.51 -54.28
CA VAL C 40 -62.07 -13.87 -52.97
C VAL C 40 -63.06 -14.71 -52.14
N ALA C 41 -62.90 -14.68 -50.82
CA ALA C 41 -63.74 -15.49 -49.95
C ALA C 41 -65.23 -15.21 -50.02
N PHE C 42 -66.01 -16.23 -50.43
CA PHE C 42 -67.47 -16.04 -50.50
C PHE C 42 -67.98 -15.67 -49.11
N PRO C 43 -68.75 -14.58 -49.03
CA PRO C 43 -69.29 -14.12 -47.75
C PRO C 43 -70.17 -15.16 -47.07
N TYR C 44 -70.47 -14.90 -45.82
CA TYR C 44 -71.34 -15.80 -45.08
C TYR C 44 -72.71 -15.12 -45.04
N LEU C 45 -73.60 -15.57 -45.92
CA LEU C 45 -74.95 -15.01 -46.02
C LEU C 45 -75.62 -15.00 -44.67
N SER C 46 -75.46 -13.93 -43.90
CA SER C 46 -76.06 -13.86 -42.58
C SER C 46 -76.65 -12.48 -42.36
N GLY C 47 -76.48 -11.62 -43.34
CA GLY C 47 -76.99 -10.27 -43.26
C GLY C 47 -76.51 -9.46 -44.44
N HIS C 48 -76.44 -8.16 -44.29
CA HIS C 48 -76.00 -7.35 -45.40
C HIS C 48 -74.53 -6.99 -45.23
N LEU C 49 -73.76 -7.18 -46.30
CA LEU C 49 -72.35 -6.84 -46.27
C LEU C 49 -72.33 -5.35 -46.04
N HIS C 50 -71.36 -4.86 -45.29
CA HIS C 50 -71.29 -3.43 -45.06
C HIS C 50 -70.16 -2.90 -45.91
N VAL C 51 -69.88 -1.60 -45.80
CA VAL C 51 -68.83 -0.94 -46.57
C VAL C 51 -67.51 -1.68 -46.38
N GLY C 52 -67.23 -2.15 -45.16
CA GLY C 52 -66.01 -2.89 -44.90
C GLY C 52 -65.86 -4.03 -45.90
N HIS C 53 -66.80 -4.95 -45.88
CA HIS C 53 -66.74 -6.07 -46.80
C HIS C 53 -66.78 -5.58 -48.23
N ALA C 54 -67.30 -4.36 -48.40
CA ALA C 54 -67.42 -3.77 -49.72
C ALA C 54 -66.08 -3.87 -50.40
N ARG C 55 -65.09 -3.31 -49.70
CA ARG C 55 -63.69 -3.24 -50.13
C ARG C 55 -63.05 -4.56 -50.45
N THR C 56 -63.33 -5.57 -49.65
CA THR C 56 -62.73 -6.86 -49.88
C THR C 56 -63.05 -7.35 -51.28
N TYR C 57 -64.19 -6.89 -51.80
CA TYR C 57 -64.64 -7.36 -53.09
C TYR C 57 -64.28 -6.51 -54.28
N THR C 58 -64.27 -5.21 -54.08
CA THR C 58 -63.95 -4.31 -55.19
C THR C 58 -62.58 -4.68 -55.73
N ILE C 59 -61.62 -4.73 -54.83
CA ILE C 59 -60.23 -5.06 -55.12
C ILE C 59 -60.09 -6.24 -56.08
N PRO C 60 -60.65 -7.38 -55.72
CA PRO C 60 -60.47 -8.43 -56.71
C PRO C 60 -61.12 -8.06 -58.07
N ASP C 61 -62.19 -7.23 -58.06
CA ASP C 61 -62.86 -6.84 -59.31
C ASP C 61 -61.93 -5.88 -60.05
N VAL C 62 -61.57 -4.80 -59.36
CA VAL C 62 -60.70 -3.80 -59.93
C VAL C 62 -59.53 -4.42 -60.65
N ILE C 63 -59.01 -5.52 -60.11
CA ILE C 63 -57.88 -6.17 -60.73
C ILE C 63 -58.34 -7.06 -61.85
N ALA C 64 -59.54 -7.62 -61.68
CA ALA C 64 -60.13 -8.56 -62.64
C ALA C 64 -60.47 -7.77 -63.89
N ARG C 65 -60.95 -6.54 -63.68
CA ARG C 65 -61.29 -5.69 -64.78
C ARG C 65 -59.95 -5.34 -65.44
N PHE C 66 -59.15 -4.55 -64.73
CA PHE C 66 -57.80 -4.15 -65.13
C PHE C 66 -57.08 -5.18 -65.98
N LYS C 67 -56.83 -6.34 -65.41
CA LYS C 67 -56.16 -7.38 -66.14
C LYS C 67 -56.96 -7.84 -67.34
N ARG C 68 -58.28 -7.68 -67.28
CA ARG C 68 -59.08 -8.12 -68.42
C ARG C 68 -58.78 -7.21 -69.59
N MET C 69 -58.75 -5.90 -69.34
CA MET C 69 -58.43 -4.91 -70.37
C MET C 69 -57.00 -5.17 -70.79
N GLN C 70 -56.16 -5.52 -69.82
CA GLN C 70 -54.77 -5.81 -70.07
C GLN C 70 -54.61 -6.91 -71.12
N GLY C 71 -55.68 -7.61 -71.42
CA GLY C 71 -55.60 -8.65 -72.44
C GLY C 71 -55.65 -10.08 -71.93
N TYR C 72 -55.83 -10.24 -70.62
CA TYR C 72 -55.88 -11.57 -69.99
C TYR C 72 -57.28 -12.19 -70.00
N ASN C 73 -57.32 -13.50 -70.25
CA ASN C 73 -58.53 -14.33 -70.31
C ASN C 73 -59.29 -14.48 -68.97
N VAL C 74 -59.12 -13.53 -68.06
CA VAL C 74 -59.76 -13.50 -66.74
C VAL C 74 -60.98 -14.35 -66.32
N LEU C 75 -60.89 -14.98 -65.14
CA LEU C 75 -62.00 -15.76 -64.57
C LEU C 75 -62.20 -15.34 -63.11
N PHE C 76 -63.30 -14.67 -62.83
CA PHE C 76 -63.57 -14.17 -61.48
C PHE C 76 -65.03 -14.46 -61.09
N PRO C 77 -65.28 -15.60 -60.43
CA PRO C 77 -66.58 -16.05 -59.99
C PRO C 77 -66.91 -15.62 -58.58
N MET C 78 -68.05 -16.10 -58.11
CA MET C 78 -68.56 -15.80 -56.79
C MET C 78 -69.66 -16.79 -56.43
N ALA C 79 -69.73 -17.17 -55.15
CA ALA C 79 -70.73 -18.11 -54.65
C ALA C 79 -71.13 -17.70 -53.26
N TRP C 80 -71.91 -18.52 -52.57
CA TRP C 80 -72.34 -18.16 -51.22
C TRP C 80 -71.94 -19.22 -50.20
N HIS C 81 -71.48 -18.76 -49.04
CA HIS C 81 -71.06 -19.65 -47.97
C HIS C 81 -72.13 -19.61 -46.89
N ILE C 82 -72.65 -20.78 -46.56
CA ILE C 82 -73.69 -20.92 -45.52
C ILE C 82 -73.39 -21.98 -44.43
N THR C 83 -72.54 -22.97 -44.76
CA THR C 83 -72.16 -24.03 -43.79
C THR C 83 -71.80 -23.38 -42.45
N GLY C 84 -72.66 -23.51 -41.46
CA GLY C 84 -72.36 -22.88 -40.19
C GLY C 84 -73.41 -23.05 -39.09
N SER C 85 -73.36 -22.15 -38.10
CA SER C 85 -74.27 -22.20 -36.95
C SER C 85 -74.92 -20.87 -36.51
N PRO C 86 -74.34 -19.72 -36.90
CA PRO C 86 -74.97 -18.47 -36.48
C PRO C 86 -76.41 -18.38 -36.97
N ILE C 87 -76.56 -18.45 -38.31
CA ILE C 87 -77.87 -18.38 -38.95
C ILE C 87 -78.87 -19.17 -38.12
N VAL C 88 -78.59 -20.48 -37.98
CA VAL C 88 -79.43 -21.36 -37.21
C VAL C 88 -79.82 -20.71 -35.89
N GLY C 89 -78.86 -20.53 -34.99
CA GLY C 89 -79.16 -19.89 -33.72
C GLY C 89 -80.01 -18.64 -33.86
N ILE C 90 -79.68 -17.82 -34.86
CA ILE C 90 -80.42 -16.58 -35.11
C ILE C 90 -81.91 -16.85 -35.27
N ALA C 91 -82.20 -17.86 -36.10
CA ALA C 91 -83.57 -18.29 -36.35
C ALA C 91 -84.30 -18.42 -35.01
N GLU C 92 -83.93 -19.41 -34.22
CA GLU C 92 -84.55 -19.61 -32.92
C GLU C 92 -84.74 -18.29 -32.19
N ARG C 93 -83.69 -17.45 -32.17
CA ARG C 93 -83.77 -16.18 -31.46
C ARG C 93 -84.91 -15.25 -31.88
N ILE C 94 -85.17 -15.15 -33.18
CA ILE C 94 -86.28 -14.29 -33.65
C ILE C 94 -87.58 -15.02 -33.32
N LYS C 95 -87.48 -16.34 -33.26
CA LYS C 95 -88.62 -17.19 -32.94
C LYS C 95 -89.04 -16.76 -31.56
N ASN C 96 -88.14 -16.93 -30.61
CA ASN C 96 -88.41 -16.57 -29.22
C ASN C 96 -88.75 -15.08 -29.19
N ARG C 97 -88.80 -14.48 -30.37
CA ARG C 97 -89.14 -13.07 -30.54
C ARG C 97 -88.20 -12.27 -29.66
N ASP C 98 -86.91 -12.42 -29.97
CA ASP C 98 -85.85 -11.76 -29.23
C ASP C 98 -85.78 -10.25 -29.52
N PRO C 99 -85.93 -9.42 -28.49
CA PRO C 99 -85.87 -7.96 -28.68
C PRO C 99 -84.64 -7.44 -29.44
N LYS C 100 -83.44 -7.85 -29.02
CA LYS C 100 -82.24 -7.36 -29.69
C LYS C 100 -82.04 -7.93 -31.10
N THR C 101 -82.09 -9.24 -31.24
CA THR C 101 -81.89 -9.81 -32.56
C THR C 101 -82.87 -9.27 -33.60
N ILE C 102 -84.12 -9.07 -33.19
CA ILE C 102 -85.11 -8.55 -34.13
C ILE C 102 -84.82 -7.09 -34.46
N TRP C 103 -84.25 -6.37 -33.50
CA TRP C 103 -83.91 -4.98 -33.74
C TRP C 103 -82.74 -4.92 -34.73
N ILE C 104 -81.94 -5.96 -34.73
CA ILE C 104 -80.78 -6.05 -35.58
C ILE C 104 -81.18 -6.35 -37.02
N TYR C 105 -82.39 -6.85 -37.21
CA TYR C 105 -82.86 -7.15 -38.55
C TYR C 105 -83.95 -6.22 -39.00
N ARG C 106 -84.60 -5.58 -38.03
CA ARG C 106 -85.71 -4.70 -38.33
C ARG C 106 -85.24 -3.27 -38.54
N ASP C 107 -84.13 -2.90 -37.91
CA ASP C 107 -83.60 -1.55 -38.03
C ASP C 107 -82.24 -1.46 -38.67
N VAL C 108 -81.34 -2.35 -38.28
CA VAL C 108 -80.01 -2.30 -38.85
C VAL C 108 -79.97 -2.88 -40.24
N TYR C 109 -80.29 -4.16 -40.37
CA TYR C 109 -80.27 -4.77 -41.70
C TYR C 109 -81.56 -4.50 -42.45
N LYS C 110 -82.45 -3.73 -41.82
CA LYS C 110 -83.74 -3.35 -42.38
C LYS C 110 -84.40 -4.45 -43.21
N VAL C 111 -85.33 -5.14 -42.58
CA VAL C 111 -86.07 -6.22 -43.24
C VAL C 111 -87.55 -5.93 -43.03
N PRO C 112 -88.36 -6.05 -44.09
CA PRO C 112 -89.81 -5.79 -44.04
C PRO C 112 -90.43 -6.47 -42.83
N GLU C 113 -90.82 -5.66 -41.85
CA GLU C 113 -91.40 -6.13 -40.61
C GLU C 113 -92.04 -7.49 -40.78
N GLU C 114 -92.72 -7.68 -41.90
CA GLU C 114 -93.38 -8.94 -42.25
C GLU C 114 -92.36 -10.06 -42.43
N ILE C 115 -91.67 -10.04 -43.58
CA ILE C 115 -90.66 -11.03 -43.94
C ILE C 115 -89.84 -11.55 -42.77
N LEU C 116 -89.48 -10.63 -41.88
CA LEU C 116 -88.67 -10.97 -40.73
C LEU C 116 -89.17 -12.25 -40.12
N TRP C 117 -90.37 -12.17 -39.55
CA TRP C 117 -91.04 -13.27 -38.86
C TRP C 117 -90.88 -14.66 -39.51
N THR C 118 -90.70 -14.68 -40.82
CA THR C 118 -90.53 -15.94 -41.53
C THR C 118 -89.13 -16.50 -41.31
N PHE C 119 -88.38 -15.88 -40.41
CA PHE C 119 -87.01 -16.31 -40.15
C PHE C 119 -86.84 -17.51 -39.22
N GLU C 120 -87.90 -17.90 -38.51
CA GLU C 120 -87.81 -19.06 -37.62
C GLU C 120 -87.16 -20.16 -38.44
N ASP C 121 -87.37 -20.08 -39.75
CA ASP C 121 -86.83 -21.01 -40.71
C ASP C 121 -85.46 -20.47 -41.07
N PRO C 122 -84.39 -21.24 -40.82
CA PRO C 122 -83.04 -20.78 -41.16
C PRO C 122 -82.91 -20.57 -42.67
N ILE C 123 -83.34 -21.56 -43.45
CA ILE C 123 -83.30 -21.50 -44.90
C ILE C 123 -83.91 -20.20 -45.45
N ASN C 124 -84.77 -19.56 -44.67
CA ASN C 124 -85.37 -18.29 -45.09
C ASN C 124 -84.34 -17.17 -44.90
N ILE C 125 -83.46 -17.35 -43.91
CA ILE C 125 -82.41 -16.38 -43.67
C ILE C 125 -81.30 -16.61 -44.68
N VAL C 126 -81.09 -17.85 -45.07
CA VAL C 126 -80.07 -18.14 -46.04
C VAL C 126 -80.66 -17.92 -47.43
N LYS C 127 -81.90 -17.44 -47.45
CA LYS C 127 -82.60 -17.17 -48.70
C LYS C 127 -82.68 -15.69 -49.00
N TYR C 128 -83.19 -14.92 -48.04
CA TYR C 128 -83.35 -13.48 -48.20
C TYR C 128 -82.03 -12.78 -48.40
N PHE C 129 -80.98 -13.28 -47.76
CA PHE C 129 -79.68 -12.66 -47.87
C PHE C 129 -78.80 -13.16 -48.98
N MET C 130 -79.09 -14.35 -49.47
CA MET C 130 -78.31 -14.86 -50.58
C MET C 130 -78.70 -13.96 -51.73
N LYS C 131 -79.99 -13.71 -51.81
CA LYS C 131 -80.58 -12.86 -52.83
C LYS C 131 -80.10 -11.43 -52.63
N ALA C 132 -80.08 -10.99 -51.37
CA ALA C 132 -79.66 -9.64 -51.05
C ALA C 132 -78.20 -9.36 -51.37
N ALA C 133 -77.43 -10.43 -51.58
CA ALA C 133 -76.01 -10.31 -51.90
C ALA C 133 -75.84 -10.23 -53.40
N LYS C 134 -76.13 -11.32 -54.09
CA LYS C 134 -76.03 -11.39 -55.55
C LYS C 134 -76.54 -10.11 -56.20
N GLU C 135 -77.55 -9.49 -55.59
CA GLU C 135 -78.09 -8.26 -56.16
C GLU C 135 -77.15 -7.09 -55.88
N THR C 136 -76.68 -6.98 -54.63
CA THR C 136 -75.77 -5.91 -54.27
C THR C 136 -74.42 -6.04 -55.00
N PHE C 137 -73.97 -7.26 -55.21
CA PHE C 137 -72.72 -7.43 -55.92
C PHE C 137 -72.94 -6.95 -57.32
N ILE C 138 -74.04 -7.37 -57.93
CA ILE C 138 -74.37 -6.97 -59.29
C ILE C 138 -74.76 -5.50 -59.37
N ARG C 139 -75.31 -4.97 -58.30
CA ARG C 139 -75.67 -3.55 -58.25
C ARG C 139 -74.43 -2.67 -58.03
N ALA C 140 -73.27 -3.29 -57.86
CA ALA C 140 -72.01 -2.58 -57.65
C ALA C 140 -71.12 -2.92 -58.85
N GLY C 141 -71.73 -3.65 -59.77
CA GLY C 141 -71.09 -4.05 -61.00
C GLY C 141 -69.81 -4.81 -60.97
N PHE C 142 -69.79 -6.01 -60.41
CA PHE C 142 -68.56 -6.79 -60.37
C PHE C 142 -68.37 -7.68 -61.61
N SER C 143 -67.16 -7.75 -62.15
CA SER C 143 -66.88 -8.57 -63.33
C SER C 143 -67.20 -10.06 -63.17
N VAL C 144 -67.99 -10.37 -62.15
CA VAL C 144 -68.35 -11.74 -61.81
C VAL C 144 -68.95 -12.64 -62.86
N ASP C 145 -68.37 -13.82 -63.03
CA ASP C 145 -68.87 -14.82 -63.98
C ASP C 145 -69.90 -15.65 -63.23
N TRP C 146 -71.14 -15.19 -63.18
CA TRP C 146 -72.16 -15.92 -62.45
C TRP C 146 -72.44 -17.32 -63.01
N SER C 147 -71.89 -17.61 -64.19
CA SER C 147 -72.12 -18.92 -64.77
C SER C 147 -71.84 -19.95 -63.72
N ARG C 148 -70.70 -19.76 -63.05
CA ARG C 148 -70.23 -20.63 -61.99
C ARG C 148 -70.76 -20.08 -60.68
N GLU C 149 -71.88 -20.57 -60.22
CA GLU C 149 -72.39 -20.09 -58.95
C GLU C 149 -73.07 -21.21 -58.21
N PHE C 150 -72.87 -21.22 -56.90
CA PHE C 150 -73.46 -22.22 -56.04
C PHE C 150 -73.43 -21.70 -54.61
N TYR C 151 -74.16 -22.39 -53.73
CA TYR C 151 -74.15 -22.06 -52.30
C TYR C 151 -73.53 -23.29 -51.64
N THR C 152 -73.25 -23.20 -50.35
CA THR C 152 -72.61 -24.33 -49.65
C THR C 152 -73.60 -25.28 -49.00
N THR C 153 -73.04 -26.23 -48.24
CA THR C 153 -73.73 -27.27 -47.46
C THR C 153 -74.31 -28.45 -48.24
N SER C 154 -74.94 -29.34 -47.49
CA SER C 154 -75.61 -30.53 -48.01
C SER C 154 -76.78 -30.10 -48.89
N LEU C 155 -77.06 -28.80 -48.89
CA LEU C 155 -78.15 -28.30 -49.69
C LEU C 155 -77.76 -28.07 -51.16
N PHE C 156 -76.47 -28.16 -51.49
CA PHE C 156 -76.05 -28.04 -52.87
C PHE C 156 -75.28 -29.34 -53.20
N PRO C 157 -76.01 -30.46 -53.26
CA PRO C 157 -75.56 -31.83 -53.54
C PRO C 157 -74.23 -32.04 -54.25
N PRO C 158 -74.05 -31.43 -55.43
CA PRO C 158 -72.80 -31.61 -56.16
C PRO C 158 -71.58 -31.02 -55.43
N PHE C 159 -71.79 -29.95 -54.68
CA PHE C 159 -70.69 -29.34 -53.94
C PHE C 159 -70.32 -30.29 -52.81
N SER C 160 -71.30 -30.66 -51.99
CA SER C 160 -71.05 -31.56 -50.88
C SER C 160 -70.29 -32.78 -51.36
N LYS C 161 -70.65 -33.30 -52.52
CA LYS C 161 -69.92 -34.45 -53.05
C LYS C 161 -68.44 -34.06 -53.22
N PHE C 162 -68.20 -32.87 -53.76
CA PHE C 162 -66.84 -32.35 -53.94
C PHE C 162 -66.20 -32.32 -52.56
N ILE C 163 -66.85 -31.58 -51.65
CA ILE C 163 -66.41 -31.45 -50.26
C ILE C 163 -66.12 -32.84 -49.67
N GLU C 164 -67.00 -33.81 -49.92
CA GLU C 164 -66.80 -35.17 -49.43
C GLU C 164 -65.47 -35.68 -49.97
N TRP C 165 -65.42 -35.88 -51.29
CA TRP C 165 -64.21 -36.33 -51.95
C TRP C 165 -63.00 -35.75 -51.23
N GLN C 166 -63.05 -34.45 -50.98
CA GLN C 166 -61.93 -33.79 -50.31
C GLN C 166 -61.58 -34.47 -49.00
N PHE C 167 -62.49 -34.43 -48.02
CA PHE C 167 -62.25 -35.02 -46.72
C PHE C 167 -61.83 -36.47 -46.75
N TRP C 168 -62.39 -37.25 -47.65
CA TRP C 168 -61.99 -38.66 -47.77
C TRP C 168 -60.50 -38.67 -48.14
N LYS C 169 -60.17 -37.89 -49.16
CA LYS C 169 -58.80 -37.78 -49.63
C LYS C 169 -57.93 -37.26 -48.50
N LEU C 170 -58.57 -36.81 -47.42
CA LEU C 170 -57.85 -36.29 -46.27
C LEU C 170 -57.47 -37.39 -45.26
N LYS C 171 -57.96 -38.59 -45.49
CA LYS C 171 -57.64 -39.73 -44.64
C LYS C 171 -56.49 -40.49 -45.29
N GLU C 172 -56.52 -40.56 -46.62
CA GLU C 172 -55.47 -41.26 -47.35
C GLU C 172 -54.09 -40.75 -46.92
N LYS C 173 -54.06 -39.54 -46.37
CA LYS C 173 -52.83 -38.94 -45.91
C LYS C 173 -52.70 -38.99 -44.39
N GLY C 174 -53.81 -39.29 -43.74
CA GLY C 174 -53.81 -39.38 -42.29
C GLY C 174 -53.73 -38.02 -41.62
N TYR C 175 -54.53 -37.07 -42.08
CA TYR C 175 -54.55 -35.75 -41.48
C TYR C 175 -55.84 -35.62 -40.69
N ILE C 176 -56.59 -36.71 -40.66
CA ILE C 176 -57.84 -36.72 -39.93
C ILE C 176 -57.64 -37.62 -38.70
N VAL C 177 -57.87 -37.05 -37.53
CA VAL C 177 -57.71 -37.80 -36.30
C VAL C 177 -58.80 -37.44 -35.29
N LYS C 178 -58.89 -38.25 -34.24
CA LYS C 178 -59.85 -38.01 -33.18
C LYS C 178 -59.05 -37.86 -31.90
N GLY C 179 -59.62 -37.18 -30.90
CA GLY C 179 -58.90 -36.99 -29.65
C GLY C 179 -59.65 -36.16 -28.65
N ALA C 180 -59.03 -35.90 -27.52
CA ALA C 180 -59.66 -35.11 -26.47
C ALA C 180 -59.88 -33.72 -27.01
N HIS C 181 -60.49 -32.85 -26.22
CA HIS C 181 -60.73 -31.50 -26.66
C HIS C 181 -61.59 -30.70 -25.70
N ARG C 182 -60.99 -29.71 -25.07
CA ARG C 182 -61.67 -28.84 -24.13
C ARG C 182 -62.62 -27.96 -24.94
N VAL C 183 -63.42 -27.14 -24.26
CA VAL C 183 -64.34 -26.23 -24.95
C VAL C 183 -65.39 -25.64 -24.03
N ARG C 184 -65.49 -24.31 -24.00
CA ARG C 184 -66.50 -23.67 -23.15
C ARG C 184 -67.79 -24.47 -23.32
N TRP C 185 -68.60 -24.56 -22.27
CA TRP C 185 -69.84 -25.34 -22.36
C TRP C 185 -70.91 -24.82 -21.40
N ASP C 186 -72.17 -25.11 -21.71
CA ASP C 186 -73.30 -24.69 -20.89
C ASP C 186 -73.94 -25.93 -20.26
N PRO C 187 -73.84 -26.07 -18.93
CA PRO C 187 -74.39 -27.20 -18.19
C PRO C 187 -75.91 -27.34 -18.16
N VAL C 188 -76.62 -26.60 -19.03
CA VAL C 188 -78.08 -26.69 -19.08
C VAL C 188 -78.46 -28.15 -19.23
N VAL C 189 -78.60 -28.62 -20.47
CA VAL C 189 -78.92 -30.02 -20.73
C VAL C 189 -77.80 -30.50 -21.65
N GLY C 190 -77.00 -29.54 -22.13
CA GLY C 190 -75.89 -29.86 -23.01
C GLY C 190 -75.79 -28.91 -24.20
N THR C 191 -74.62 -28.29 -24.38
CA THR C 191 -74.41 -27.36 -25.49
C THR C 191 -73.08 -26.60 -25.45
N PRO C 192 -72.32 -26.65 -26.56
CA PRO C 192 -71.02 -25.97 -26.67
C PRO C 192 -71.18 -24.46 -26.73
N LEU C 193 -70.20 -23.74 -26.20
CA LEU C 193 -70.23 -22.27 -26.21
C LEU C 193 -69.07 -21.75 -27.03
N GLY C 194 -69.30 -21.60 -28.33
CA GLY C 194 -68.27 -21.12 -29.23
C GLY C 194 -67.78 -19.70 -29.03
N ASP C 195 -67.59 -19.31 -27.77
CA ASP C 195 -67.09 -17.98 -27.45
C ASP C 195 -68.07 -16.90 -27.91
N HIS C 196 -69.35 -17.25 -28.00
CA HIS C 196 -70.35 -16.28 -28.43
C HIS C 196 -71.58 -16.29 -27.54
N ASP C 197 -72.00 -17.48 -27.11
CA ASP C 197 -73.18 -17.61 -26.26
C ASP C 197 -73.01 -17.02 -24.86
N LEU C 198 -71.78 -17.03 -24.36
CA LEU C 198 -71.52 -16.50 -23.03
C LEU C 198 -72.15 -15.12 -22.87
N MET C 199 -73.01 -15.01 -21.86
CA MET C 199 -73.71 -13.77 -21.56
C MET C 199 -72.76 -12.78 -20.87
N GLU C 200 -71.55 -13.23 -20.56
CA GLU C 200 -70.57 -12.38 -19.89
C GLU C 200 -69.14 -12.92 -19.96
N GLY C 201 -68.17 -12.00 -19.89
CA GLY C 201 -66.75 -12.34 -19.92
C GLY C 201 -66.38 -13.61 -20.67
N GLU C 202 -66.25 -13.51 -21.99
CA GLU C 202 -65.91 -14.65 -22.81
C GLU C 202 -64.41 -14.69 -23.08
N ASP C 203 -63.67 -13.76 -22.48
CA ASP C 203 -62.23 -13.68 -22.67
C ASP C 203 -61.47 -14.46 -21.60
N VAL C 204 -62.19 -15.05 -20.66
CA VAL C 204 -61.55 -15.84 -19.60
C VAL C 204 -60.80 -17.01 -20.24
N PRO C 205 -59.46 -17.02 -20.16
CA PRO C 205 -58.62 -18.08 -20.73
C PRO C 205 -58.80 -19.47 -20.12
N ILE C 206 -58.42 -20.49 -20.89
CA ILE C 206 -58.53 -21.88 -20.44
C ILE C 206 -57.22 -22.38 -19.83
N LEU C 207 -57.09 -22.20 -18.52
CA LEU C 207 -55.89 -22.62 -17.81
C LEU C 207 -55.81 -24.14 -17.68
N ASP C 208 -54.59 -24.64 -17.59
CA ASP C 208 -54.35 -26.08 -17.47
C ASP C 208 -53.81 -26.54 -16.11
N TYR C 209 -54.45 -26.10 -15.02
CA TYR C 209 -54.05 -26.49 -13.68
C TYR C 209 -53.98 -28.01 -13.66
N ILE C 210 -52.77 -28.56 -13.56
CA ILE C 210 -52.63 -30.01 -13.52
C ILE C 210 -52.63 -30.47 -12.08
N ILE C 211 -53.35 -31.55 -11.83
CA ILE C 211 -53.45 -32.11 -10.50
C ILE C 211 -52.44 -33.24 -10.32
N ILE C 212 -51.71 -33.17 -9.22
CA ILE C 212 -50.70 -34.17 -8.87
C ILE C 212 -51.31 -35.01 -7.76
N LYS C 213 -51.65 -36.24 -8.09
CA LYS C 213 -52.30 -37.14 -7.17
C LYS C 213 -51.48 -37.57 -5.95
N PHE C 214 -51.56 -36.78 -4.88
CA PHE C 214 -50.85 -37.11 -3.64
C PHE C 214 -51.55 -38.31 -3.01
N GLU C 215 -50.82 -39.09 -2.22
CA GLU C 215 -51.35 -40.30 -1.60
C GLU C 215 -51.62 -40.24 -0.10
N LEU C 216 -52.79 -40.75 0.29
CA LEU C 216 -53.20 -40.81 1.69
C LEU C 216 -53.50 -42.26 2.00
N ARG C 217 -52.46 -43.08 2.03
CA ARG C 217 -52.62 -44.50 2.29
C ARG C 217 -52.82 -44.87 3.75
N GLU C 218 -53.93 -44.42 4.33
CA GLU C 218 -54.24 -44.75 5.71
C GLU C 218 -55.28 -45.86 5.71
N ASN C 219 -55.83 -46.14 6.88
CA ASN C 219 -56.83 -47.18 7.03
C ASN C 219 -56.61 -48.35 6.07
N GLY C 220 -57.70 -48.90 5.58
CA GLY C 220 -57.62 -50.00 4.65
C GLY C 220 -56.49 -49.83 3.66
N GLU C 221 -56.74 -49.05 2.61
CA GLU C 221 -55.73 -48.82 1.58
C GLU C 221 -55.75 -47.43 0.92
N VAL C 222 -55.16 -47.36 -0.28
CA VAL C 222 -55.01 -46.12 -1.05
C VAL C 222 -56.21 -45.21 -1.27
N ILE C 223 -55.88 -43.98 -1.66
CA ILE C 223 -56.87 -42.94 -1.93
C ILE C 223 -56.07 -41.68 -2.24
N TYR C 224 -56.42 -40.96 -3.31
CA TYR C 224 -55.68 -39.77 -3.69
C TYR C 224 -56.31 -38.43 -3.38
N LEU C 225 -55.42 -37.48 -3.08
CA LEU C 225 -55.79 -36.12 -2.78
C LEU C 225 -55.04 -35.33 -3.86
N PRO C 226 -55.56 -35.33 -5.10
CA PRO C 226 -54.95 -34.63 -6.23
C PRO C 226 -54.99 -33.12 -6.13
N ALA C 227 -53.86 -32.52 -5.78
CA ALA C 227 -53.77 -31.07 -5.68
C ALA C 227 -53.40 -30.55 -7.05
N ALA C 228 -53.92 -29.38 -7.40
CA ALA C 228 -53.64 -28.79 -8.70
C ALA C 228 -52.77 -27.54 -8.63
N THR C 229 -51.66 -27.58 -9.37
CA THR C 229 -50.71 -26.47 -9.44
C THR C 229 -50.30 -26.23 -10.89
N LEU C 230 -50.14 -24.96 -11.24
CA LEU C 230 -49.75 -24.59 -12.58
C LEU C 230 -48.21 -24.62 -12.69
N ARG C 231 -47.57 -24.99 -11.58
CA ARG C 231 -46.12 -25.08 -11.53
C ARG C 231 -45.70 -26.50 -11.15
N PRO C 232 -45.72 -27.42 -12.14
CA PRO C 232 -45.33 -28.82 -11.94
C PRO C 232 -43.94 -28.95 -11.34
N GLU C 233 -43.15 -27.89 -11.47
CA GLU C 233 -41.79 -27.88 -10.95
C GLU C 233 -41.70 -27.83 -9.43
N THR C 234 -42.70 -27.23 -8.78
CA THR C 234 -42.69 -27.11 -7.32
C THR C 234 -42.81 -28.44 -6.58
N VAL C 235 -43.09 -29.53 -7.30
CA VAL C 235 -43.23 -30.83 -6.67
C VAL C 235 -42.06 -31.15 -5.75
N TYR C 236 -40.86 -31.03 -6.28
CA TYR C 236 -39.65 -31.31 -5.53
C TYR C 236 -39.45 -30.37 -4.34
N GLY C 237 -40.43 -29.50 -4.11
CA GLY C 237 -40.34 -28.55 -3.01
C GLY C 237 -41.54 -28.58 -2.08
N VAL C 238 -42.33 -29.64 -2.18
CA VAL C 238 -43.51 -29.78 -1.35
C VAL C 238 -43.12 -29.85 0.13
N THR C 239 -43.70 -28.98 0.95
CA THR C 239 -43.38 -28.94 2.37
C THR C 239 -44.59 -29.19 3.27
N ASN C 240 -45.74 -29.43 2.65
CA ASN C 240 -47.00 -29.70 3.36
C ASN C 240 -48.16 -29.51 2.40
N MET C 241 -49.36 -29.93 2.80
CA MET C 241 -50.54 -29.80 1.96
C MET C 241 -51.47 -28.74 2.49
N TRP C 242 -52.38 -28.30 1.63
CA TRP C 242 -53.35 -27.26 1.99
C TRP C 242 -54.77 -27.55 1.52
N VAL C 243 -55.71 -27.37 2.42
CA VAL C 243 -57.12 -27.57 2.11
C VAL C 243 -57.85 -26.44 2.82
N ASN C 244 -59.16 -26.51 2.88
CA ASN C 244 -59.90 -25.45 3.51
C ASN C 244 -60.90 -26.00 4.50
N PRO C 245 -60.68 -25.73 5.79
CA PRO C 245 -61.60 -26.22 6.84
C PRO C 245 -63.04 -25.80 6.52
N ASN C 246 -63.24 -24.51 6.28
CA ASN C 246 -64.55 -23.95 5.96
C ASN C 246 -65.28 -24.74 4.87
N ALA C 247 -64.80 -24.62 3.63
CA ALA C 247 -65.42 -25.32 2.51
C ALA C 247 -65.39 -26.82 2.74
N THR C 248 -66.27 -27.53 2.05
CA THR C 248 -66.37 -28.98 2.17
C THR C 248 -65.73 -29.67 0.96
N TYR C 249 -65.53 -30.99 1.07
CA TYR C 249 -64.97 -31.76 -0.02
C TYR C 249 -65.69 -33.09 -0.05
N VAL C 250 -65.20 -34.04 -0.85
CA VAL C 250 -65.83 -35.37 -0.94
C VAL C 250 -64.90 -36.50 -1.35
N LYS C 251 -65.37 -37.72 -1.13
CA LYS C 251 -64.64 -38.92 -1.49
C LYS C 251 -65.51 -39.56 -2.54
N ALA C 252 -64.90 -40.10 -3.58
CA ALA C 252 -65.67 -40.74 -4.63
C ALA C 252 -64.78 -41.52 -5.58
N LYS C 253 -65.39 -42.40 -6.36
CA LYS C 253 -64.65 -43.18 -7.32
C LYS C 253 -64.61 -42.31 -8.57
N VAL C 254 -63.51 -42.38 -9.32
CA VAL C 254 -63.36 -41.60 -10.55
C VAL C 254 -62.86 -42.55 -11.63
N ARG C 255 -63.73 -42.89 -12.56
CA ARG C 255 -63.39 -43.82 -13.61
C ARG C 255 -63.08 -43.14 -14.95
N ARG C 256 -62.10 -43.68 -15.67
CA ARG C 256 -61.74 -43.15 -16.97
C ARG C 256 -61.97 -44.26 -17.97
N LYS C 257 -61.06 -44.39 -18.94
CA LYS C 257 -61.17 -45.44 -19.95
C LYS C 257 -61.58 -46.72 -19.24
N ASP C 258 -60.73 -47.18 -18.31
CA ASP C 258 -60.99 -48.39 -17.55
C ASP C 258 -60.48 -48.24 -16.12
N LYS C 259 -59.27 -47.70 -16.00
CA LYS C 259 -58.63 -47.46 -14.72
C LYS C 259 -59.60 -46.77 -13.76
N GLU C 260 -59.67 -47.27 -12.53
CA GLU C 260 -60.56 -46.69 -11.53
C GLU C 260 -59.76 -46.31 -10.28
N GLU C 261 -60.03 -45.13 -9.74
CA GLU C 261 -59.35 -44.65 -8.55
C GLU C 261 -60.39 -44.06 -7.61
N THR C 262 -59.97 -43.66 -6.42
CA THR C 262 -60.87 -43.07 -5.44
C THR C 262 -60.25 -41.75 -5.02
N TRP C 263 -60.91 -40.66 -5.32
CA TRP C 263 -60.38 -39.34 -5.00
C TRP C 263 -61.13 -38.57 -3.95
N ILE C 264 -60.40 -37.64 -3.33
CA ILE C 264 -60.93 -36.77 -2.30
C ILE C 264 -60.60 -35.34 -2.73
N VAL C 265 -61.61 -34.64 -3.26
CA VAL C 265 -61.45 -33.27 -3.72
C VAL C 265 -62.70 -32.45 -3.44
N SER C 266 -62.68 -31.19 -3.86
CA SER C 266 -63.79 -30.27 -3.65
C SER C 266 -65.11 -30.74 -4.28
N LYS C 267 -66.22 -30.54 -3.56
CA LYS C 267 -67.54 -30.93 -4.06
C LYS C 267 -67.67 -30.37 -5.48
N GLU C 268 -67.58 -29.05 -5.59
CA GLU C 268 -67.67 -28.38 -6.87
C GLU C 268 -66.63 -28.97 -7.80
N ALA C 269 -65.46 -29.29 -7.26
CA ALA C 269 -64.37 -29.88 -8.04
C ALA C 269 -64.82 -31.23 -8.60
N ALA C 270 -65.79 -31.85 -7.94
CA ALA C 270 -66.32 -33.12 -8.42
C ALA C 270 -67.11 -32.73 -9.64
N TYR C 271 -68.02 -31.78 -9.43
CA TYR C 271 -68.88 -31.27 -10.48
C TYR C 271 -68.11 -31.11 -11.79
N LYS C 272 -67.25 -30.09 -11.84
CA LYS C 272 -66.44 -29.81 -13.03
C LYS C 272 -65.88 -31.09 -13.66
N LEU C 273 -65.27 -31.92 -12.82
CA LEU C 273 -64.66 -33.16 -13.27
C LEU C 273 -65.66 -34.17 -13.85
N SER C 274 -66.90 -34.11 -13.36
CA SER C 274 -67.94 -35.01 -13.85
C SER C 274 -68.10 -34.83 -15.37
N PHE C 275 -67.79 -33.62 -15.84
CA PHE C 275 -67.88 -33.32 -17.25
C PHE C 275 -66.54 -33.62 -17.89
N GLN C 276 -65.46 -33.35 -17.15
CA GLN C 276 -64.11 -33.54 -17.64
C GLN C 276 -63.74 -34.94 -18.15
N ASP C 277 -64.74 -35.68 -18.62
CA ASP C 277 -64.54 -37.02 -19.17
C ASP C 277 -64.13 -38.08 -18.15
N ARG C 278 -64.89 -38.19 -17.08
CA ARG C 278 -64.62 -39.16 -16.02
C ARG C 278 -65.87 -39.36 -15.18
N GLU C 279 -66.33 -40.60 -15.02
CA GLU C 279 -67.52 -40.82 -14.22
C GLU C 279 -67.10 -40.66 -12.77
N ILE C 280 -67.82 -39.81 -12.05
CA ILE C 280 -67.52 -39.56 -10.66
C ILE C 280 -68.71 -39.93 -9.82
N GLU C 281 -68.69 -41.12 -9.26
CA GLU C 281 -69.79 -41.56 -8.41
C GLU C 281 -69.40 -41.21 -6.96
N VAL C 282 -70.13 -40.27 -6.37
CA VAL C 282 -69.86 -39.83 -5.01
C VAL C 282 -69.87 -41.01 -4.04
N ILE C 283 -69.46 -40.75 -2.80
CA ILE C 283 -69.41 -41.77 -1.77
C ILE C 283 -69.50 -41.14 -0.38
N GLU C 284 -68.75 -40.06 -0.17
CA GLU C 284 -68.77 -39.42 1.14
C GLU C 284 -68.34 -37.95 1.08
N GLU C 285 -69.07 -37.11 1.81
CA GLU C 285 -68.78 -35.69 1.88
C GLU C 285 -68.01 -35.46 3.16
N PHE C 286 -67.21 -34.39 3.20
CA PHE C 286 -66.44 -34.07 4.38
C PHE C 286 -66.96 -32.78 5.01
N LYS C 287 -66.11 -32.14 5.80
CA LYS C 287 -66.48 -30.92 6.48
C LYS C 287 -65.37 -29.91 6.28
N GLY C 288 -64.24 -30.39 5.77
CA GLY C 288 -63.11 -29.51 5.52
C GLY C 288 -61.87 -29.80 6.35
N GLU C 289 -61.95 -29.56 7.65
CA GLU C 289 -60.83 -29.80 8.55
C GLU C 289 -60.59 -31.28 8.73
N LYS C 290 -61.56 -32.08 8.31
CA LYS C 290 -61.45 -33.52 8.41
C LYS C 290 -60.11 -33.93 7.84
N LEU C 291 -59.90 -33.64 6.57
CA LEU C 291 -58.66 -33.98 5.90
C LEU C 291 -57.45 -33.53 6.71
N ILE C 292 -57.63 -32.49 7.51
CA ILE C 292 -56.52 -32.00 8.32
C ILE C 292 -56.06 -33.09 9.27
N GLY C 293 -54.75 -33.16 9.46
CA GLY C 293 -54.19 -34.16 10.33
C GLY C 293 -53.52 -35.21 9.48
N LYS C 294 -54.31 -35.97 8.73
CA LYS C 294 -53.75 -37.01 7.87
C LYS C 294 -52.52 -36.49 7.17
N TYR C 295 -51.65 -37.40 6.78
CA TYR C 295 -50.45 -37.04 6.06
C TYR C 295 -50.61 -37.63 4.67
N VAL C 296 -49.80 -37.17 3.72
CA VAL C 296 -49.88 -37.67 2.36
C VAL C 296 -48.49 -37.66 1.70
N ARG C 297 -48.15 -38.77 1.07
CA ARG C 297 -46.85 -38.94 0.42
C ARG C 297 -46.69 -38.24 -0.92
N ASN C 298 -45.65 -37.41 -1.02
CA ASN C 298 -45.34 -36.70 -2.26
C ASN C 298 -45.05 -37.75 -3.33
N PRO C 299 -45.94 -37.90 -4.31
CA PRO C 299 -45.84 -38.87 -5.39
C PRO C 299 -44.52 -38.92 -6.16
N VAL C 300 -44.06 -37.77 -6.64
CA VAL C 300 -42.80 -37.71 -7.40
C VAL C 300 -41.58 -38.17 -6.60
N SER C 301 -41.36 -37.55 -5.45
CA SER C 301 -40.23 -37.91 -4.60
C SER C 301 -40.55 -39.20 -3.84
N GLY C 302 -40.34 -39.18 -2.52
CA GLY C 302 -40.61 -40.34 -1.70
C GLY C 302 -41.07 -39.88 -0.33
N ASP C 303 -40.65 -38.68 0.03
CA ASP C 303 -41.00 -38.10 1.32
C ASP C 303 -42.49 -38.04 1.54
N GLU C 304 -42.88 -37.56 2.71
CA GLU C 304 -44.29 -37.43 3.05
C GLU C 304 -44.52 -36.06 3.62
N VAL C 305 -45.78 -35.68 3.81
CA VAL C 305 -46.10 -34.37 4.35
C VAL C 305 -47.45 -34.37 5.03
N ILE C 306 -47.71 -33.34 5.83
CA ILE C 306 -48.96 -33.22 6.54
C ILE C 306 -49.92 -32.36 5.75
N ILE C 307 -51.21 -32.53 5.99
CA ILE C 307 -52.23 -31.73 5.33
C ILE C 307 -52.61 -30.58 6.27
N LEU C 308 -52.09 -29.40 5.98
CA LEU C 308 -52.37 -28.22 6.79
C LEU C 308 -53.63 -27.53 6.31
N PRO C 309 -54.34 -26.87 7.23
CA PRO C 309 -55.58 -26.16 6.89
C PRO C 309 -55.21 -24.76 6.41
N ALA C 310 -56.06 -24.18 5.58
CA ALA C 310 -55.80 -22.83 5.06
C ALA C 310 -57.10 -22.11 4.78
N GLU C 311 -57.00 -20.83 4.46
CA GLU C 311 -58.17 -20.03 4.16
C GLU C 311 -58.14 -19.49 2.72
N PHE C 312 -56.94 -19.30 2.18
CA PHE C 312 -56.77 -18.78 0.83
C PHE C 312 -57.10 -19.76 -0.29
N VAL C 313 -57.17 -21.04 0.04
CA VAL C 313 -57.49 -22.04 -0.99
C VAL C 313 -58.95 -21.93 -1.51
N ASP C 314 -59.09 -21.56 -2.78
CA ASP C 314 -60.41 -21.43 -3.39
C ASP C 314 -60.88 -22.83 -3.76
N PRO C 315 -62.11 -23.19 -3.37
CA PRO C 315 -62.73 -24.50 -3.65
C PRO C 315 -63.18 -24.61 -5.10
N ASP C 316 -63.93 -23.61 -5.54
CA ASP C 316 -64.46 -23.55 -6.91
C ASP C 316 -63.30 -23.50 -7.89
N ASN C 317 -62.09 -23.31 -7.36
CA ASN C 317 -60.89 -23.24 -8.19
C ASN C 317 -60.11 -24.55 -8.13
N ALA C 318 -60.20 -25.31 -9.21
CA ALA C 318 -59.50 -26.59 -9.33
C ALA C 318 -60.11 -27.65 -8.43
N THR C 319 -59.22 -28.41 -7.79
CA THR C 319 -59.60 -29.50 -6.87
C THR C 319 -59.77 -29.02 -5.45
N GLY C 320 -59.23 -27.84 -5.15
CA GLY C 320 -59.34 -27.31 -3.80
C GLY C 320 -58.06 -27.60 -3.03
N VAL C 321 -57.58 -28.83 -3.16
CA VAL C 321 -56.35 -29.25 -2.51
C VAL C 321 -55.17 -28.64 -3.25
N VAL C 322 -54.34 -27.90 -2.50
CA VAL C 322 -53.17 -27.21 -3.06
C VAL C 322 -51.85 -27.69 -2.44
N MET C 323 -50.94 -28.15 -3.30
CA MET C 323 -49.65 -28.60 -2.82
C MET C 323 -48.86 -27.36 -2.41
N SER C 324 -48.40 -27.35 -1.17
CA SER C 324 -47.63 -26.23 -0.63
C SER C 324 -46.12 -26.35 -0.81
N VAL C 325 -45.52 -25.27 -1.31
CA VAL C 325 -44.08 -25.17 -1.54
C VAL C 325 -43.75 -23.70 -1.28
N PRO C 326 -43.49 -23.33 -0.01
CA PRO C 326 -43.15 -21.97 0.45
C PRO C 326 -41.80 -21.47 -0.02
N ALA C 327 -40.96 -22.40 -0.45
CA ALA C 327 -39.62 -22.05 -0.93
C ALA C 327 -39.73 -21.07 -2.09
N HIS C 328 -40.91 -20.96 -2.67
CA HIS C 328 -41.14 -20.05 -3.79
C HIS C 328 -42.49 -19.36 -3.73
N ALA C 329 -43.50 -19.91 -4.40
CA ALA C 329 -44.85 -19.33 -4.42
C ALA C 329 -45.15 -18.56 -3.13
N PRO C 330 -44.97 -17.23 -3.16
CA PRO C 330 -45.19 -16.31 -2.04
C PRO C 330 -46.49 -16.49 -1.24
N PHE C 331 -47.44 -17.25 -1.77
CA PHE C 331 -48.70 -17.46 -1.06
C PHE C 331 -48.51 -18.54 -0.01
N ASP C 332 -47.33 -19.15 -0.02
CA ASP C 332 -47.00 -20.20 0.92
C ASP C 332 -46.29 -19.69 2.17
N HIS C 333 -47.10 -19.20 3.11
CA HIS C 333 -46.64 -18.66 4.37
C HIS C 333 -47.77 -17.82 4.94
N VAL C 334 -48.89 -17.76 4.23
CA VAL C 334 -50.04 -16.98 4.66
C VAL C 334 -50.65 -17.58 5.91
N ALA C 335 -51.04 -18.85 5.79
CA ALA C 335 -51.63 -19.57 6.91
C ALA C 335 -50.50 -20.14 7.76
N LEU C 336 -49.33 -20.33 7.13
CA LEU C 336 -48.17 -20.85 7.83
C LEU C 336 -47.85 -19.97 9.04
N GLU C 337 -47.96 -18.65 8.86
CA GLU C 337 -47.72 -17.72 9.95
C GLU C 337 -48.82 -18.01 10.97
N ASP C 338 -48.63 -19.08 11.74
CA ASP C 338 -49.59 -19.53 12.74
C ASP C 338 -49.55 -18.65 13.98
N LEU C 339 -50.73 -18.48 14.59
CA LEU C 339 -50.86 -17.68 15.79
C LEU C 339 -52.18 -18.00 16.51
N LYS C 340 -53.20 -18.37 15.76
CA LYS C 340 -54.49 -18.71 16.34
C LYS C 340 -54.51 -20.02 17.11
N ARG C 341 -55.71 -20.44 17.51
CA ARG C 341 -55.92 -21.66 18.28
C ARG C 341 -56.77 -22.67 17.51
N GLU C 342 -56.14 -23.76 17.06
CA GLU C 342 -56.83 -24.79 16.29
C GLU C 342 -56.88 -26.14 17.01
N THR C 343 -55.73 -26.83 17.08
CA THR C 343 -55.65 -28.13 17.74
C THR C 343 -54.20 -28.59 17.98
N GLU C 344 -53.71 -29.47 17.11
CA GLU C 344 -52.35 -30.01 17.21
C GLU C 344 -51.27 -28.92 17.15
N ILE C 345 -50.04 -29.26 17.55
CA ILE C 345 -48.94 -28.28 17.54
C ILE C 345 -47.58 -28.90 17.29
N LEU C 346 -46.56 -28.03 17.27
CA LEU C 346 -45.16 -28.43 17.05
C LEU C 346 -44.87 -28.83 15.60
N GLU C 347 -44.29 -27.90 14.84
CA GLU C 347 -43.93 -28.14 13.44
C GLU C 347 -43.36 -26.85 12.87
N LYS C 348 -43.51 -25.77 13.64
CA LYS C 348 -43.02 -24.46 13.23
C LYS C 348 -41.54 -24.53 12.87
N TYR C 349 -40.92 -25.64 13.24
CA TYR C 349 -39.50 -25.87 12.97
C TYR C 349 -39.27 -26.92 11.88
N ASP C 350 -40.15 -26.92 10.89
CA ASP C 350 -40.06 -27.85 9.78
C ASP C 350 -39.09 -27.26 8.75
N ILE C 351 -38.10 -28.06 8.36
CA ILE C 351 -37.11 -27.61 7.37
C ILE C 351 -37.83 -26.96 6.18
N ASP C 352 -37.12 -26.07 5.47
CA ASP C 352 -37.70 -25.38 4.33
C ASP C 352 -36.83 -25.49 3.08
N PRO C 353 -36.91 -26.61 2.35
CA PRO C 353 -36.11 -26.79 1.14
C PRO C 353 -36.43 -25.72 0.11
N ARG C 354 -35.88 -25.85 -1.09
CA ARG C 354 -36.14 -24.85 -2.12
C ARG C 354 -35.56 -25.17 -3.49
N ILE C 355 -36.38 -25.01 -4.52
CA ILE C 355 -35.96 -25.23 -5.88
C ILE C 355 -35.34 -23.89 -6.28
N VAL C 356 -35.15 -23.64 -7.57
CA VAL C 356 -34.60 -22.37 -8.01
C VAL C 356 -35.44 -21.87 -9.19
N PHE C 373 -34.79 -12.61 -6.03
CA PHE C 373 -33.34 -12.46 -6.32
C PHE C 373 -32.52 -13.43 -5.46
N PRO C 374 -32.79 -13.48 -4.13
CA PRO C 374 -32.07 -14.35 -3.19
C PRO C 374 -32.31 -15.87 -3.33
N ALA C 375 -32.48 -16.55 -2.19
CA ALA C 375 -32.69 -17.99 -2.16
C ALA C 375 -34.05 -18.39 -1.58
N VAL C 376 -34.07 -18.71 -0.29
CA VAL C 376 -35.31 -19.10 0.40
C VAL C 376 -36.32 -17.94 0.41
N GLU C 377 -36.62 -17.41 -0.78
CA GLU C 377 -37.55 -16.30 -0.95
C GLU C 377 -38.52 -16.04 0.20
N GLU C 378 -38.69 -14.76 0.52
CA GLU C 378 -39.58 -14.29 1.59
C GLU C 378 -39.22 -12.82 1.79
N VAL C 379 -38.22 -12.38 1.02
CA VAL C 379 -37.74 -11.01 1.05
C VAL C 379 -38.63 -10.21 0.11
N ASN C 380 -39.52 -10.92 -0.57
CA ASN C 380 -40.47 -10.31 -1.52
C ASN C 380 -41.85 -10.26 -0.85
N LYS C 381 -42.18 -11.29 -0.08
CA LYS C 381 -43.47 -11.36 0.60
C LYS C 381 -43.57 -10.25 1.64
N LEU C 382 -42.57 -10.18 2.51
CA LEU C 382 -42.53 -9.16 3.54
C LEU C 382 -41.75 -7.96 3.00
N GLY C 383 -41.20 -8.14 1.80
CA GLY C 383 -40.46 -7.08 1.15
C GLY C 383 -41.45 -6.03 0.71
N ILE C 384 -42.71 -6.26 1.08
CA ILE C 384 -43.82 -5.36 0.79
C ILE C 384 -44.47 -5.11 2.16
N LYS C 385 -45.78 -4.94 2.19
CA LYS C 385 -46.49 -4.69 3.44
C LYS C 385 -47.66 -5.65 3.60
N SER C 386 -47.35 -6.92 3.82
CA SER C 386 -48.38 -7.96 3.97
C SER C 386 -48.39 -8.56 5.37
N GLN C 387 -49.57 -8.56 6.00
CA GLN C 387 -49.73 -9.10 7.36
C GLN C 387 -50.12 -10.58 7.35
N LYS C 388 -51.43 -10.85 7.47
CA LYS C 388 -51.92 -12.23 7.49
C LYS C 388 -52.41 -12.71 6.12
N ASP C 389 -53.72 -12.60 5.90
CA ASP C 389 -54.33 -13.05 4.64
C ASP C 389 -54.94 -11.91 3.85
N LYS C 390 -54.23 -11.49 2.80
CA LYS C 390 -54.69 -10.38 1.97
C LYS C 390 -54.55 -10.72 0.48
N GLU C 391 -55.61 -10.49 -0.29
CA GLU C 391 -55.62 -10.76 -1.73
C GLU C 391 -54.71 -9.76 -2.47
N LYS C 392 -54.27 -8.74 -1.77
CA LYS C 392 -53.39 -7.73 -2.36
C LYS C 392 -52.13 -8.42 -2.89
N LEU C 393 -51.94 -9.66 -2.46
CA LEU C 393 -50.79 -10.45 -2.87
C LEU C 393 -51.09 -11.22 -4.14
N GLU C 394 -52.35 -11.24 -4.54
CA GLU C 394 -52.78 -11.95 -5.75
C GLU C 394 -51.90 -11.56 -6.94
N GLN C 395 -51.05 -10.56 -6.75
CA GLN C 395 -50.16 -10.08 -7.79
C GLN C 395 -48.70 -10.40 -7.47
N ALA C 396 -48.25 -9.97 -6.30
CA ALA C 396 -46.89 -10.21 -5.87
C ALA C 396 -46.57 -11.70 -5.83
N THR C 397 -47.60 -12.52 -6.06
CA THR C 397 -47.44 -13.97 -6.05
C THR C 397 -46.97 -14.49 -7.41
N LYS C 398 -47.25 -13.75 -8.47
CA LYS C 398 -46.86 -14.18 -9.80
C LYS C 398 -45.78 -13.27 -10.37
N THR C 399 -45.27 -12.37 -9.53
CA THR C 399 -44.20 -11.46 -9.94
C THR C 399 -42.91 -12.25 -9.89
N ILE C 400 -42.84 -13.15 -8.91
CA ILE C 400 -41.67 -14.00 -8.71
C ILE C 400 -41.65 -15.12 -9.75
N TYR C 401 -42.84 -15.50 -10.19
CA TYR C 401 -43.00 -16.56 -11.17
C TYR C 401 -42.30 -16.28 -12.49
N LYS C 402 -42.20 -15.00 -12.80
CA LYS C 402 -41.57 -14.61 -14.05
C LYS C 402 -40.07 -14.46 -13.97
N ALA C 403 -39.64 -13.71 -12.97
CA ALA C 403 -38.21 -13.46 -12.80
C ALA C 403 -37.44 -14.75 -13.03
N GLU C 404 -37.54 -15.66 -12.07
CA GLU C 404 -36.86 -16.95 -12.17
C GLU C 404 -37.67 -17.90 -13.05
N TYR C 405 -38.04 -17.41 -14.23
CA TYR C 405 -38.79 -18.19 -15.20
C TYR C 405 -37.90 -18.26 -16.45
N HIS C 406 -37.59 -17.08 -17.00
CA HIS C 406 -36.72 -16.99 -18.17
C HIS C 406 -35.28 -17.04 -17.63
N LYS C 407 -35.09 -16.40 -16.48
CA LYS C 407 -33.80 -16.37 -15.79
C LYS C 407 -33.92 -17.26 -14.55
N GLY C 408 -33.78 -18.57 -14.73
CA GLY C 408 -33.89 -19.46 -13.59
C GLY C 408 -33.16 -20.78 -13.76
N ILE C 409 -31.95 -20.86 -13.20
CA ILE C 409 -31.17 -22.09 -13.30
C ILE C 409 -31.78 -23.07 -12.30
N PHE C 410 -31.74 -24.36 -12.64
CA PHE C 410 -32.33 -25.40 -11.80
C PHE C 410 -31.34 -26.08 -10.87
N LYS C 411 -31.72 -26.21 -9.59
CA LYS C 411 -30.89 -26.87 -8.60
C LYS C 411 -31.78 -27.61 -7.61
N VAL C 412 -31.80 -28.93 -7.73
CA VAL C 412 -32.61 -29.79 -6.86
C VAL C 412 -31.94 -31.16 -6.84
N PRO C 413 -32.30 -32.02 -5.87
CA PRO C 413 -31.68 -33.35 -5.83
C PRO C 413 -31.60 -33.97 -7.24
N PRO C 414 -32.70 -33.92 -8.01
CA PRO C 414 -32.66 -34.50 -9.36
C PRO C 414 -31.94 -33.57 -10.34
N TYR C 415 -31.87 -34.01 -11.59
CA TYR C 415 -31.23 -33.26 -12.68
C TYR C 415 -31.28 -31.74 -12.47
N GLU C 416 -30.21 -31.06 -12.86
CA GLU C 416 -30.14 -29.61 -12.70
C GLU C 416 -29.53 -28.92 -13.92
N GLY C 417 -29.32 -27.61 -13.80
CA GLY C 417 -28.73 -26.83 -14.88
C GLY C 417 -29.70 -26.09 -15.78
N LYS C 418 -30.52 -26.86 -16.50
CA LYS C 418 -31.52 -26.32 -17.43
C LYS C 418 -32.41 -25.22 -16.84
N PRO C 419 -33.07 -24.41 -17.70
CA PRO C 419 -33.96 -23.33 -17.26
C PRO C 419 -35.32 -23.80 -16.72
N VAL C 420 -35.97 -22.94 -15.95
CA VAL C 420 -37.27 -23.24 -15.36
C VAL C 420 -38.29 -23.68 -16.42
N GLN C 421 -38.25 -23.03 -17.58
CA GLN C 421 -39.18 -23.36 -18.66
C GLN C 421 -38.85 -24.73 -19.23
N GLU C 422 -38.18 -25.56 -18.43
CA GLU C 422 -37.79 -26.89 -18.89
C GLU C 422 -38.30 -28.00 -17.95
N VAL C 423 -38.19 -27.78 -16.65
CA VAL C 423 -38.67 -28.77 -15.67
C VAL C 423 -40.18 -28.67 -15.64
N LYS C 424 -40.68 -27.46 -15.90
CA LYS C 424 -42.11 -27.20 -15.94
C LYS C 424 -42.60 -27.83 -17.23
N GLU C 425 -41.82 -28.79 -17.71
CA GLU C 425 -42.13 -29.53 -18.93
C GLU C 425 -41.26 -30.80 -18.97
N ALA C 426 -40.71 -31.18 -17.82
CA ALA C 426 -39.91 -32.37 -17.71
C ALA C 426 -40.56 -33.19 -16.59
N ILE C 427 -41.25 -32.47 -15.71
CA ILE C 427 -41.96 -33.06 -14.59
C ILE C 427 -43.39 -33.37 -15.03
N ALA C 428 -44.10 -32.33 -15.46
CA ALA C 428 -45.47 -32.44 -15.92
C ALA C 428 -45.58 -33.41 -17.08
N LYS C 429 -44.49 -33.58 -17.82
CA LYS C 429 -44.47 -34.50 -18.94
C LYS C 429 -44.28 -35.91 -18.37
N GLU C 430 -43.50 -36.00 -17.30
CA GLU C 430 -43.22 -37.28 -16.66
C GLU C 430 -44.39 -37.76 -15.81
N MET C 431 -44.90 -36.90 -14.94
CA MET C 431 -46.03 -37.26 -14.08
C MET C 431 -47.23 -37.73 -14.90
N LEU C 432 -47.63 -36.89 -15.85
CA LEU C 432 -48.76 -37.21 -16.72
C LEU C 432 -48.52 -38.54 -17.37
N GLU C 433 -47.27 -38.82 -17.68
CA GLU C 433 -46.88 -40.08 -18.33
C GLU C 433 -47.00 -41.29 -17.41
N LYS C 434 -46.54 -41.13 -16.17
CA LYS C 434 -46.59 -42.22 -15.19
C LYS C 434 -47.89 -42.19 -14.38
N GLY C 435 -48.82 -41.35 -14.84
CA GLY C 435 -50.10 -41.23 -14.17
C GLY C 435 -49.96 -40.76 -12.74
N ILE C 436 -48.87 -40.06 -12.46
CA ILE C 436 -48.62 -39.54 -11.14
C ILE C 436 -49.28 -38.17 -11.04
N ALA C 437 -49.91 -37.77 -12.15
CA ALA C 437 -50.63 -36.50 -12.23
C ALA C 437 -51.54 -36.46 -13.45
N GLU C 438 -52.65 -35.73 -13.31
CA GLU C 438 -53.61 -35.59 -14.41
C GLU C 438 -53.92 -34.12 -14.58
N ILE C 439 -54.55 -33.75 -15.70
CA ILE C 439 -54.84 -32.36 -15.96
C ILE C 439 -56.29 -31.97 -15.79
N MET C 440 -56.53 -30.98 -14.93
CA MET C 440 -57.88 -30.51 -14.71
C MET C 440 -57.99 -29.14 -15.35
N TYR C 441 -58.89 -29.00 -16.33
CA TYR C 441 -59.11 -27.74 -17.02
C TYR C 441 -60.03 -26.86 -16.18
N GLU C 442 -59.61 -25.60 -15.99
CA GLU C 442 -60.41 -24.65 -15.23
C GLU C 442 -60.06 -23.20 -15.54
N PHE C 443 -61.09 -22.36 -15.54
CA PHE C 443 -60.97 -20.92 -15.83
C PHE C 443 -60.03 -20.14 -14.91
N ALA C 444 -59.68 -18.94 -15.35
CA ALA C 444 -58.80 -18.08 -14.58
C ALA C 444 -59.64 -17.24 -13.63
N GLU C 445 -60.91 -17.08 -13.99
CA GLU C 445 -61.87 -16.32 -13.19
C GLU C 445 -63.21 -17.05 -13.17
N LYS C 446 -64.14 -16.59 -12.34
CA LYS C 446 -65.45 -17.24 -12.22
C LYS C 446 -66.55 -16.59 -13.04
N ASN C 447 -66.27 -15.41 -13.59
CA ASN C 447 -67.27 -14.69 -14.38
C ASN C 447 -67.36 -15.19 -15.82
N VAL C 448 -68.00 -16.36 -16.00
CA VAL C 448 -68.20 -16.96 -17.32
C VAL C 448 -69.59 -17.60 -17.33
N ILE C 449 -70.60 -16.81 -17.68
CA ILE C 449 -71.96 -17.30 -17.72
C ILE C 449 -72.37 -17.71 -19.13
N SER C 450 -73.33 -18.63 -19.21
CA SER C 450 -73.82 -19.15 -20.49
C SER C 450 -74.88 -18.26 -21.14
N ARG C 451 -75.36 -18.67 -22.31
CA ARG C 451 -76.37 -17.91 -23.03
C ARG C 451 -77.66 -17.83 -22.23
N PHE C 452 -78.18 -18.98 -21.83
CA PHE C 452 -79.40 -19.04 -21.06
C PHE C 452 -79.24 -18.25 -19.77
N GLY C 453 -78.54 -18.83 -18.80
CA GLY C 453 -78.33 -18.17 -17.52
C GLY C 453 -77.44 -18.99 -16.62
N ASN C 454 -77.29 -20.28 -16.94
CA ASN C 454 -76.46 -21.20 -16.18
C ASN C 454 -75.03 -20.67 -16.10
N ARG C 455 -74.20 -21.31 -15.29
CA ARG C 455 -72.79 -20.92 -15.15
C ARG C 455 -71.96 -21.86 -16.02
N ALA C 456 -71.02 -21.31 -16.78
CA ALA C 456 -70.18 -22.11 -17.69
C ALA C 456 -69.13 -23.02 -17.03
N VAL C 457 -68.98 -24.20 -17.63
CA VAL C 457 -68.02 -25.20 -17.18
C VAL C 457 -67.21 -25.59 -18.40
N ILE C 458 -66.53 -26.73 -18.36
CA ILE C 458 -65.74 -27.18 -19.50
C ILE C 458 -65.94 -28.67 -19.66
N LYS C 459 -66.10 -29.12 -20.90
CA LYS C 459 -66.29 -30.54 -21.17
C LYS C 459 -65.30 -31.11 -22.18
N ILE C 460 -64.99 -32.40 -22.01
CA ILE C 460 -64.04 -33.07 -22.89
C ILE C 460 -64.76 -33.88 -23.93
N ILE C 461 -64.31 -33.75 -25.17
CA ILE C 461 -64.91 -34.47 -26.28
C ILE C 461 -63.99 -35.60 -26.70
N HIS C 462 -64.44 -36.84 -26.52
CA HIS C 462 -63.63 -37.97 -26.91
C HIS C 462 -63.48 -38.03 -28.43
N ASP C 463 -64.61 -38.20 -29.11
CA ASP C 463 -64.62 -38.29 -30.57
C ASP C 463 -63.94 -37.09 -31.23
N GLN C 464 -64.58 -35.92 -31.09
CA GLN C 464 -64.09 -34.67 -31.67
C GLN C 464 -63.07 -34.85 -32.78
N TRP C 465 -63.57 -34.96 -34.01
CA TRP C 465 -62.71 -35.14 -35.16
C TRP C 465 -61.77 -33.95 -35.32
N PHE C 466 -60.59 -34.21 -35.88
CA PHE C 466 -59.59 -33.19 -36.10
C PHE C 466 -59.03 -33.24 -37.49
N ILE C 467 -58.27 -32.18 -37.79
CA ILE C 467 -57.51 -32.03 -39.02
C ILE C 467 -56.18 -31.65 -38.42
N ASP C 468 -55.22 -32.57 -38.53
CA ASP C 468 -53.91 -32.34 -37.96
C ASP C 468 -53.03 -31.45 -38.82
N TYR C 469 -53.10 -30.16 -38.57
CA TYR C 469 -52.27 -29.19 -39.29
C TYR C 469 -51.02 -29.17 -38.41
N GLY C 470 -50.70 -30.35 -37.88
CA GLY C 470 -49.54 -30.52 -37.03
C GLY C 470 -48.53 -31.39 -37.76
N ASN C 471 -48.98 -32.53 -38.25
CA ASN C 471 -48.14 -33.48 -38.98
C ASN C 471 -47.03 -32.73 -39.75
N PRO C 472 -45.84 -32.62 -39.14
CA PRO C 472 -44.68 -31.94 -39.72
C PRO C 472 -44.29 -32.23 -41.16
N GLU C 473 -44.71 -33.38 -41.70
CA GLU C 473 -44.35 -33.71 -43.08
C GLU C 473 -45.23 -32.93 -44.04
N TRP C 474 -46.37 -32.51 -43.52
CA TRP C 474 -47.35 -31.73 -44.25
C TRP C 474 -47.06 -30.24 -44.00
N LYS C 475 -46.77 -29.93 -42.73
CA LYS C 475 -46.45 -28.57 -42.30
C LYS C 475 -45.16 -28.05 -42.95
N GLU C 476 -44.53 -28.89 -43.77
CA GLU C 476 -43.34 -28.49 -44.49
C GLU C 476 -43.84 -28.34 -45.89
N LYS C 477 -44.62 -29.31 -46.34
CA LYS C 477 -45.19 -29.30 -47.68
C LYS C 477 -45.80 -27.92 -47.87
N ALA C 478 -46.52 -27.47 -46.85
CA ALA C 478 -47.14 -26.16 -46.87
C ALA C 478 -46.06 -25.09 -46.98
N ARG C 479 -45.32 -24.90 -45.89
CA ARG C 479 -44.23 -23.93 -45.83
C ARG C 479 -43.40 -23.96 -47.12
N LYS C 480 -43.32 -25.13 -47.75
CA LYS C 480 -42.56 -25.31 -48.99
C LYS C 480 -43.25 -24.67 -50.19
N ALA C 481 -44.55 -24.45 -50.05
CA ALA C 481 -45.36 -23.82 -51.10
C ALA C 481 -45.31 -22.32 -50.90
N LEU C 482 -45.79 -21.85 -49.75
CA LEU C 482 -45.81 -20.42 -49.40
C LEU C 482 -44.64 -19.58 -49.93
N GLU C 483 -43.46 -20.18 -49.99
CA GLU C 483 -42.27 -19.52 -50.47
C GLU C 483 -42.30 -19.41 -51.97
N ARG C 484 -43.06 -20.29 -52.58
CA ARG C 484 -43.21 -20.29 -54.04
C ARG C 484 -44.37 -19.37 -54.48
N MET C 485 -45.20 -18.97 -53.50
CA MET C 485 -46.33 -18.09 -53.74
C MET C 485 -45.89 -16.63 -53.76
N LYS C 486 -46.87 -15.75 -53.65
CA LYS C 486 -46.61 -14.33 -53.65
C LYS C 486 -47.51 -13.76 -52.58
N ILE C 487 -47.01 -12.83 -51.79
CA ILE C 487 -47.82 -12.26 -50.72
C ILE C 487 -48.03 -10.76 -50.91
N LEU C 488 -49.18 -10.27 -50.50
CA LEU C 488 -49.46 -8.85 -50.61
C LEU C 488 -50.30 -8.39 -49.46
N PRO C 489 -49.79 -7.45 -48.67
CA PRO C 489 -48.46 -6.88 -48.85
C PRO C 489 -47.40 -7.96 -48.71
N GLU C 490 -46.13 -7.62 -48.88
CA GLU C 490 -45.08 -8.63 -48.75
C GLU C 490 -44.60 -8.71 -47.31
N THR C 491 -44.89 -7.66 -46.56
CA THR C 491 -44.50 -7.61 -45.19
C THR C 491 -45.37 -8.53 -44.32
N ARG C 492 -46.07 -9.43 -44.99
CA ARG C 492 -46.94 -10.39 -44.30
C ARG C 492 -46.35 -11.77 -44.48
N ARG C 493 -45.31 -11.86 -45.31
CA ARG C 493 -44.65 -13.12 -45.58
C ARG C 493 -44.39 -13.79 -44.22
N ALA C 494 -43.82 -13.02 -43.30
CA ALA C 494 -43.54 -13.45 -41.93
C ALA C 494 -44.74 -14.14 -41.31
N GLN C 495 -45.69 -13.32 -40.85
CA GLN C 495 -46.92 -13.79 -40.24
C GLN C 495 -47.42 -15.11 -40.77
N PHE C 496 -47.37 -15.28 -42.09
CA PHE C 496 -47.83 -16.55 -42.66
C PHE C 496 -46.98 -17.71 -42.19
N GLU C 497 -45.69 -17.68 -42.51
CA GLU C 497 -44.74 -18.72 -42.08
C GLU C 497 -45.00 -18.98 -40.59
N ALA C 498 -44.78 -17.94 -39.79
CA ALA C 498 -44.98 -17.99 -38.35
C ALA C 498 -46.23 -18.73 -37.93
N ILE C 499 -47.26 -18.69 -38.77
CA ILE C 499 -48.53 -19.38 -38.47
C ILE C 499 -48.43 -20.82 -38.89
N ILE C 500 -47.73 -21.08 -39.98
CA ILE C 500 -47.57 -22.45 -40.46
C ILE C 500 -46.92 -23.25 -39.34
N ASP C 501 -46.20 -22.56 -38.45
CA ASP C 501 -45.54 -23.21 -37.33
C ASP C 501 -46.53 -23.41 -36.19
N TRP C 502 -46.76 -22.33 -35.45
CA TRP C 502 -47.65 -22.33 -34.30
C TRP C 502 -49.09 -22.72 -34.62
N LEU C 503 -49.25 -23.86 -35.28
CA LEU C 503 -50.57 -24.35 -35.65
C LEU C 503 -50.65 -25.85 -35.46
N ASP C 504 -51.57 -26.29 -34.60
CA ASP C 504 -51.72 -27.71 -34.33
C ASP C 504 -52.79 -28.38 -35.19
N LYS C 505 -53.78 -28.98 -34.54
CA LYS C 505 -54.88 -29.67 -35.21
C LYS C 505 -56.17 -28.93 -34.92
N LYS C 506 -56.97 -28.73 -35.96
CA LYS C 506 -58.21 -28.00 -35.78
C LYS C 506 -59.43 -28.91 -35.89
N ALA C 507 -60.33 -28.75 -34.94
CA ALA C 507 -61.57 -29.50 -34.88
C ALA C 507 -62.36 -29.22 -36.16
N CYS C 508 -62.27 -30.14 -37.10
CA CYS C 508 -62.95 -29.99 -38.37
C CYS C 508 -64.38 -30.54 -38.39
N ALA C 509 -65.21 -30.09 -37.46
CA ALA C 509 -66.59 -30.54 -37.39
C ALA C 509 -67.26 -30.06 -36.13
N ARG C 510 -68.58 -30.09 -36.15
CA ARG C 510 -69.41 -29.67 -35.02
C ARG C 510 -70.59 -30.64 -34.92
N LYS C 511 -71.66 -30.20 -34.26
CA LYS C 511 -72.87 -31.01 -34.09
C LYS C 511 -74.12 -30.19 -34.42
N ILE C 512 -73.94 -28.88 -34.57
CA ILE C 512 -75.07 -28.01 -34.88
C ILE C 512 -74.89 -27.20 -36.16
N GLY C 513 -75.98 -26.58 -36.60
CA GLY C 513 -75.98 -25.76 -37.81
C GLY C 513 -76.03 -26.52 -39.13
N LEU C 514 -75.85 -25.80 -40.23
CA LEU C 514 -75.85 -26.44 -41.54
C LEU C 514 -74.41 -26.80 -41.91
N GLY C 515 -74.25 -27.53 -43.02
CA GLY C 515 -72.93 -27.92 -43.46
C GLY C 515 -72.98 -29.29 -44.10
N THR C 516 -71.83 -29.82 -44.51
CA THR C 516 -71.78 -31.12 -45.14
C THR C 516 -71.41 -32.17 -44.08
N PRO C 517 -72.22 -33.23 -43.96
CA PRO C 517 -71.95 -34.29 -42.97
C PRO C 517 -70.76 -35.19 -43.31
N LEU C 518 -69.99 -35.53 -42.27
CA LEU C 518 -68.81 -36.38 -42.42
C LEU C 518 -69.19 -37.75 -42.99
N PRO C 519 -68.73 -38.03 -44.20
CA PRO C 519 -69.00 -39.28 -44.91
C PRO C 519 -68.66 -40.56 -44.17
N TRP C 520 -68.26 -40.43 -42.91
CA TRP C 520 -67.89 -41.60 -42.12
C TRP C 520 -68.32 -41.43 -40.66
N ASP C 521 -69.27 -40.53 -40.45
CA ASP C 521 -69.79 -40.26 -39.11
C ASP C 521 -70.85 -39.16 -39.25
N PRO C 522 -71.96 -39.47 -39.94
CA PRO C 522 -73.08 -38.57 -40.19
C PRO C 522 -73.53 -37.78 -38.98
N GLU C 523 -73.09 -38.17 -37.81
CA GLU C 523 -73.47 -37.44 -36.59
C GLU C 523 -72.78 -36.08 -36.65
N TRP C 524 -71.55 -36.09 -37.18
CA TRP C 524 -70.71 -34.90 -37.29
C TRP C 524 -70.87 -34.04 -38.55
N VAL C 525 -71.14 -32.75 -38.31
CA VAL C 525 -71.35 -31.77 -39.36
C VAL C 525 -70.08 -30.92 -39.61
N ILE C 526 -69.53 -31.04 -40.82
CA ILE C 526 -68.33 -30.29 -41.17
C ILE C 526 -68.53 -28.79 -41.03
N GLU C 527 -67.74 -28.18 -40.15
CA GLU C 527 -67.81 -26.75 -39.89
C GLU C 527 -67.35 -25.93 -41.09
N SER C 528 -67.70 -24.66 -41.06
CA SER C 528 -67.37 -23.69 -42.09
C SER C 528 -65.93 -23.62 -42.56
N LEU C 529 -65.10 -22.91 -41.80
CA LEU C 529 -63.68 -22.72 -42.11
C LEU C 529 -62.89 -23.96 -42.52
N SER C 530 -63.51 -25.13 -42.44
CA SER C 530 -62.82 -26.36 -42.78
C SER C 530 -63.19 -26.89 -44.17
N ASP C 531 -64.43 -26.60 -44.60
CA ASP C 531 -64.93 -27.03 -45.92
C ASP C 531 -64.55 -25.99 -46.96
N SER C 532 -64.43 -24.75 -46.50
CA SER C 532 -64.10 -23.61 -47.34
C SER C 532 -62.60 -23.44 -47.55
N THR C 533 -61.95 -24.36 -48.24
CA THR C 533 -60.52 -24.21 -48.41
C THR C 533 -60.05 -24.64 -49.76
N ILE C 534 -60.84 -25.45 -50.45
CA ILE C 534 -60.42 -25.83 -51.80
C ILE C 534 -61.55 -25.69 -52.83
N TYR C 535 -62.59 -24.96 -52.44
CA TYR C 535 -63.72 -24.75 -53.34
C TYR C 535 -63.27 -23.97 -54.56
N MET C 536 -62.17 -23.25 -54.43
CA MET C 536 -61.63 -22.48 -55.52
C MET C 536 -61.67 -23.31 -56.81
N ALA C 537 -61.48 -24.62 -56.68
CA ALA C 537 -61.46 -25.49 -57.85
C ALA C 537 -62.81 -26.05 -58.22
N TYR C 538 -63.80 -25.84 -57.36
CA TYR C 538 -65.13 -26.32 -57.70
C TYR C 538 -65.63 -25.37 -58.80
N TYR C 539 -65.51 -24.06 -58.55
CA TYR C 539 -65.90 -23.06 -59.55
C TYR C 539 -65.38 -23.50 -60.91
N THR C 540 -64.13 -23.94 -60.95
CA THR C 540 -63.51 -24.36 -62.20
C THR C 540 -64.43 -25.23 -63.08
N ILE C 541 -65.41 -25.88 -62.44
CA ILE C 541 -66.35 -26.71 -63.18
C ILE C 541 -67.80 -26.36 -62.83
N SER C 542 -67.97 -25.57 -61.77
CA SER C 542 -69.29 -25.10 -61.32
C SER C 542 -70.25 -24.84 -62.48
N ARG C 543 -69.72 -24.36 -63.61
CA ARG C 543 -70.52 -24.08 -64.78
C ARG C 543 -71.23 -25.34 -65.28
N HIS C 544 -70.49 -26.23 -65.94
CA HIS C 544 -71.07 -27.46 -66.48
C HIS C 544 -71.95 -28.25 -65.53
N ILE C 545 -71.76 -28.07 -64.23
CA ILE C 545 -72.57 -28.80 -63.25
C ILE C 545 -73.93 -28.13 -63.14
N ASN C 546 -73.97 -26.79 -63.19
CA ASN C 546 -75.22 -26.05 -63.14
C ASN C 546 -75.94 -26.32 -64.47
N LYS C 547 -75.14 -26.64 -65.47
CA LYS C 547 -75.63 -26.93 -66.80
C LYS C 547 -76.46 -28.20 -66.66
N LEU C 548 -75.79 -29.28 -66.28
CA LEU C 548 -76.46 -30.56 -66.11
C LEU C 548 -77.53 -30.51 -65.03
N ARG C 549 -77.14 -30.06 -63.83
CA ARG C 549 -78.04 -29.94 -62.69
C ARG C 549 -79.32 -29.22 -63.11
N GLN C 550 -79.19 -28.31 -64.07
CA GLN C 550 -80.29 -27.51 -64.60
C GLN C 550 -81.51 -28.34 -65.01
N GLU C 551 -81.27 -29.45 -65.70
CA GLU C 551 -82.35 -30.31 -66.15
C GLU C 551 -82.13 -31.79 -65.82
N GLY C 552 -82.33 -32.12 -64.55
CA GLY C 552 -82.19 -33.48 -64.04
C GLY C 552 -81.32 -34.50 -64.75
N LYS C 553 -80.33 -34.06 -65.53
CA LYS C 553 -79.44 -34.98 -66.24
C LYS C 553 -78.21 -35.31 -65.36
N LEU C 554 -78.31 -35.01 -64.07
CA LEU C 554 -77.23 -35.24 -63.13
C LEU C 554 -77.65 -35.97 -61.86
N ASP C 555 -77.08 -37.14 -61.63
CA ASP C 555 -77.38 -37.88 -60.40
C ASP C 555 -76.25 -37.56 -59.43
N PRO C 556 -76.52 -36.72 -58.43
CA PRO C 556 -75.55 -36.32 -57.42
C PRO C 556 -74.63 -37.48 -57.01
N GLU C 557 -75.24 -38.59 -56.65
CA GLU C 557 -74.51 -39.77 -56.23
C GLU C 557 -73.37 -40.06 -57.16
N LYS C 558 -73.69 -40.23 -58.44
CA LYS C 558 -72.69 -40.54 -59.43
C LYS C 558 -71.41 -39.71 -59.33
N LEU C 559 -71.46 -38.62 -58.57
CA LEU C 559 -70.30 -37.76 -58.37
C LEU C 559 -69.52 -38.29 -57.18
N THR C 560 -68.61 -39.22 -57.45
CA THR C 560 -67.82 -39.89 -56.42
C THR C 560 -66.32 -39.61 -56.37
N PRO C 561 -65.67 -40.01 -55.26
CA PRO C 561 -64.23 -39.82 -55.06
C PRO C 561 -63.50 -40.27 -56.30
N GLU C 562 -63.92 -41.42 -56.81
CA GLU C 562 -63.34 -41.99 -58.00
C GLU C 562 -63.47 -40.92 -59.08
N PHE C 563 -64.68 -40.37 -59.17
CA PHE C 563 -65.03 -39.36 -60.15
C PHE C 563 -64.15 -38.09 -60.09
N PHE C 564 -64.31 -37.32 -59.01
CA PHE C 564 -63.57 -36.08 -58.82
C PHE C 564 -62.07 -36.22 -59.08
N ASP C 565 -61.53 -37.40 -58.79
CA ASP C 565 -60.11 -37.66 -58.98
C ASP C 565 -59.62 -37.56 -60.40
N TYR C 566 -60.40 -38.05 -61.35
CA TYR C 566 -59.98 -37.97 -62.73
C TYR C 566 -59.82 -36.52 -63.14
N ILE C 567 -60.80 -35.72 -62.75
CA ILE C 567 -60.81 -34.32 -63.11
C ILE C 567 -60.12 -33.41 -62.10
N PHE C 568 -58.87 -33.74 -61.77
CA PHE C 568 -58.04 -32.96 -60.83
C PHE C 568 -56.61 -33.53 -60.76
N LEU C 569 -56.50 -34.86 -60.82
CA LEU C 569 -55.21 -35.50 -60.74
C LEU C 569 -54.98 -36.41 -61.94
N GLU C 570 -55.69 -37.53 -61.99
CA GLU C 570 -55.55 -38.49 -63.09
C GLU C 570 -55.32 -37.79 -64.43
N GLU C 571 -54.16 -38.03 -65.04
CA GLU C 571 -53.85 -37.42 -66.34
C GLU C 571 -54.94 -37.86 -67.32
N PHE C 572 -55.01 -37.18 -68.47
CA PHE C 572 -56.04 -37.46 -69.48
C PHE C 572 -55.98 -38.80 -70.22
N SER C 573 -56.87 -39.72 -69.81
CA SER C 573 -56.99 -41.05 -70.42
C SER C 573 -58.39 -41.06 -71.03
N GLU C 574 -58.45 -41.12 -72.36
CA GLU C 574 -59.70 -41.10 -73.09
C GLU C 574 -60.76 -42.08 -72.55
N ASP C 575 -60.31 -43.15 -71.93
CA ASP C 575 -61.20 -44.18 -71.41
C ASP C 575 -61.81 -43.89 -70.04
N LYS C 576 -61.04 -43.30 -69.13
CA LYS C 576 -61.55 -43.00 -67.81
C LYS C 576 -62.80 -42.14 -67.98
N GLU C 577 -62.88 -41.49 -69.13
CA GLU C 577 -64.01 -40.65 -69.47
C GLU C 577 -65.16 -41.56 -69.86
N LYS C 578 -64.89 -42.48 -70.77
CA LYS C 578 -65.89 -43.44 -71.23
C LYS C 578 -66.38 -44.24 -70.02
N GLU C 579 -65.40 -44.75 -69.25
CA GLU C 579 -65.66 -45.52 -68.05
C GLU C 579 -66.60 -44.77 -67.11
N LEU C 580 -66.26 -43.51 -66.85
CA LEU C 580 -67.05 -42.66 -65.97
C LEU C 580 -68.34 -42.18 -66.60
N GLU C 581 -68.43 -42.31 -67.92
CA GLU C 581 -69.63 -41.89 -68.63
C GLU C 581 -70.86 -42.59 -68.07
N LYS C 582 -70.87 -43.92 -68.19
CA LYS C 582 -71.99 -44.72 -67.72
C LYS C 582 -72.11 -44.66 -66.21
N LYS C 583 -71.00 -44.85 -65.52
CA LYS C 583 -70.97 -44.83 -64.05
C LYS C 583 -71.70 -43.61 -63.47
N THR C 584 -71.55 -42.47 -64.15
CA THR C 584 -72.17 -41.21 -63.70
C THR C 584 -73.43 -40.88 -64.47
N GLY C 585 -73.43 -41.20 -65.76
CA GLY C 585 -74.58 -40.90 -66.58
C GLY C 585 -74.39 -39.54 -67.22
N ILE C 586 -73.12 -39.18 -67.46
CA ILE C 586 -72.78 -37.90 -68.08
C ILE C 586 -71.96 -38.17 -69.33
N PRO C 587 -72.21 -37.42 -70.41
CA PRO C 587 -71.45 -37.61 -71.65
C PRO C 587 -69.98 -37.55 -71.36
N ALA C 588 -69.20 -38.30 -72.14
CA ALA C 588 -67.75 -38.32 -71.96
C ALA C 588 -67.14 -36.96 -72.32
N GLU C 589 -67.50 -36.44 -73.49
CA GLU C 589 -66.97 -35.17 -73.96
C GLU C 589 -67.29 -34.01 -73.00
N ILE C 590 -68.30 -34.17 -72.17
CA ILE C 590 -68.66 -33.12 -71.20
C ILE C 590 -67.69 -33.21 -70.04
N ILE C 591 -67.21 -34.43 -69.77
CA ILE C 591 -66.27 -34.64 -68.69
C ILE C 591 -64.94 -34.04 -69.15
N HIS C 592 -64.47 -34.47 -70.32
CA HIS C 592 -63.23 -33.98 -70.89
C HIS C 592 -63.14 -32.46 -70.76
N GLU C 593 -64.20 -31.80 -71.19
CA GLU C 593 -64.28 -30.35 -71.14
C GLU C 593 -64.12 -29.86 -69.70
N MET C 594 -64.89 -30.46 -68.81
CA MET C 594 -64.83 -30.09 -67.42
C MET C 594 -63.42 -30.06 -66.91
N LYS C 595 -62.71 -31.17 -67.08
CA LYS C 595 -61.34 -31.27 -66.63
C LYS C 595 -60.47 -30.31 -67.41
N GLU C 596 -60.78 -30.15 -68.69
CA GLU C 596 -60.04 -29.24 -69.56
C GLU C 596 -60.15 -27.84 -68.94
N GLU C 597 -61.30 -27.56 -68.34
CA GLU C 597 -61.52 -26.29 -67.68
C GLU C 597 -60.48 -26.17 -66.58
N PHE C 598 -60.69 -26.91 -65.49
CA PHE C 598 -59.77 -26.93 -64.35
C PHE C 598 -58.31 -26.84 -64.75
N GLU C 599 -57.87 -27.77 -65.58
CA GLU C 599 -56.49 -27.77 -66.03
C GLU C 599 -56.08 -26.39 -66.58
N TYR C 600 -57.04 -25.71 -67.21
CA TYR C 600 -56.77 -24.39 -67.77
C TYR C 600 -56.69 -23.37 -66.64
N TRP C 601 -57.82 -23.15 -65.99
CA TRP C 601 -57.93 -22.18 -64.92
C TRP C 601 -57.05 -22.27 -63.67
N TYR C 602 -56.54 -23.45 -63.32
CA TYR C 602 -55.68 -23.62 -62.13
C TYR C 602 -54.24 -23.64 -62.61
N PRO C 603 -53.31 -23.18 -61.78
CA PRO C 603 -53.39 -22.63 -60.43
C PRO C 603 -54.17 -21.31 -60.30
N LEU C 604 -54.62 -21.00 -59.08
CA LEU C 604 -55.35 -19.76 -58.86
C LEU C 604 -54.40 -18.58 -58.68
N ASP C 605 -54.07 -17.90 -59.78
CA ASP C 605 -53.16 -16.75 -59.75
C ASP C 605 -53.23 -15.89 -58.49
N TRP C 606 -54.44 -15.63 -57.98
CA TRP C 606 -54.56 -14.85 -56.76
C TRP C 606 -55.80 -15.22 -55.97
N ARG C 607 -55.73 -14.99 -54.67
CA ARG C 607 -56.80 -15.28 -53.73
C ARG C 607 -56.87 -14.12 -52.73
N CYS C 608 -57.90 -13.31 -52.84
CA CYS C 608 -58.07 -12.17 -51.95
C CYS C 608 -58.88 -12.41 -50.69
N SER C 609 -58.60 -11.61 -49.67
CA SER C 609 -59.31 -11.71 -48.42
C SER C 609 -58.81 -10.71 -47.43
N GLY C 610 -59.54 -10.57 -46.34
CA GLY C 610 -59.15 -9.64 -45.31
C GLY C 610 -57.94 -10.20 -44.58
N LYS C 611 -57.28 -9.34 -43.82
CA LYS C 611 -56.09 -9.78 -43.09
C LYS C 611 -56.42 -10.74 -41.93
N ASP C 612 -57.57 -10.55 -41.30
CA ASP C 612 -57.97 -11.41 -40.20
C ASP C 612 -58.04 -12.89 -40.53
N LEU C 613 -57.96 -13.26 -41.81
CA LEU C 613 -58.04 -14.66 -42.18
C LEU C 613 -56.70 -15.27 -42.49
N ILE C 614 -55.64 -14.53 -42.16
CA ILE C 614 -54.28 -15.02 -42.36
C ILE C 614 -54.05 -16.12 -41.30
N PRO C 615 -54.36 -15.83 -40.02
CA PRO C 615 -54.19 -16.78 -38.93
C PRO C 615 -55.15 -17.96 -38.98
N ASN C 616 -55.66 -18.27 -40.16
CA ASN C 616 -56.55 -19.41 -40.32
C ASN C 616 -56.85 -19.81 -41.76
N HIS C 617 -58.05 -19.51 -42.21
CA HIS C 617 -58.45 -19.88 -43.56
C HIS C 617 -57.35 -19.65 -44.60
N LEU C 618 -56.88 -18.42 -44.67
CA LEU C 618 -55.86 -18.10 -45.65
C LEU C 618 -54.80 -19.16 -45.61
N THR C 619 -54.49 -19.61 -44.39
CA THR C 619 -53.45 -20.62 -44.16
C THR C 619 -53.94 -22.02 -44.49
N PHE C 620 -55.07 -22.41 -43.89
CA PHE C 620 -55.65 -23.74 -44.14
C PHE C 620 -55.75 -23.91 -45.65
N PHE C 621 -55.98 -22.78 -46.31
CA PHE C 621 -56.09 -22.69 -47.76
C PHE C 621 -54.83 -23.28 -48.44
N ILE C 622 -53.65 -22.91 -47.93
CA ILE C 622 -52.40 -23.40 -48.51
C ILE C 622 -52.24 -24.88 -48.21
N PHE C 623 -52.50 -25.24 -46.95
CA PHE C 623 -52.40 -26.62 -46.50
C PHE C 623 -53.24 -27.56 -47.35
N ASN C 624 -54.55 -27.57 -47.13
CA ASN C 624 -55.45 -28.45 -47.87
C ASN C 624 -54.99 -28.55 -49.31
N HIS C 625 -54.50 -27.43 -49.85
CA HIS C 625 -54.06 -27.43 -51.22
C HIS C 625 -52.90 -28.35 -51.50
N VAL C 626 -51.78 -28.12 -50.80
CA VAL C 626 -50.56 -28.92 -50.98
C VAL C 626 -50.83 -30.38 -50.66
N ALA C 627 -51.88 -30.61 -49.89
CA ALA C 627 -52.28 -31.95 -49.51
C ALA C 627 -52.98 -32.72 -50.64
N ILE C 628 -53.67 -32.00 -51.51
CA ILE C 628 -54.42 -32.63 -52.61
C ILE C 628 -54.02 -32.36 -54.07
N PHE C 629 -53.53 -31.15 -54.38
CA PHE C 629 -53.21 -30.84 -55.78
C PHE C 629 -51.77 -30.98 -56.22
N ARG C 630 -51.60 -31.67 -57.34
CA ARG C 630 -50.32 -31.98 -57.94
C ARG C 630 -49.21 -30.94 -57.95
N GLU C 631 -49.01 -30.23 -56.84
CA GLU C 631 -47.96 -29.22 -56.69
C GLU C 631 -47.96 -28.11 -57.74
N GLU C 632 -47.98 -28.49 -59.01
CA GLU C 632 -48.00 -27.53 -60.10
C GLU C 632 -49.38 -26.89 -60.15
N HIS C 633 -50.18 -27.11 -59.11
CA HIS C 633 -51.51 -26.55 -59.02
C HIS C 633 -51.59 -25.77 -57.73
N TRP C 634 -50.44 -25.53 -57.12
CA TRP C 634 -50.42 -24.82 -55.85
C TRP C 634 -50.67 -23.34 -56.05
N PRO C 635 -51.42 -22.72 -55.12
CA PRO C 635 -51.74 -21.30 -55.17
C PRO C 635 -50.50 -20.56 -55.60
N LYS C 636 -50.67 -19.46 -56.32
CA LYS C 636 -49.52 -18.69 -56.78
C LYS C 636 -49.39 -17.35 -56.08
N GLY C 637 -50.27 -17.06 -55.13
CA GLY C 637 -50.18 -15.79 -54.44
C GLY C 637 -51.43 -15.40 -53.67
N ILE C 638 -51.24 -14.58 -52.65
CA ILE C 638 -52.34 -14.16 -51.82
C ILE C 638 -52.24 -12.68 -51.57
N ALA C 639 -53.39 -12.01 -51.63
CA ALA C 639 -53.45 -10.57 -51.38
C ALA C 639 -54.50 -10.31 -50.31
N VAL C 640 -54.16 -9.48 -49.32
CA VAL C 640 -55.10 -9.21 -48.22
C VAL C 640 -55.37 -7.73 -48.07
N ASN C 641 -56.39 -7.38 -47.28
CA ASN C 641 -56.71 -5.97 -47.11
C ASN C 641 -57.25 -5.60 -45.74
N GLY C 642 -57.09 -4.33 -45.41
CA GLY C 642 -57.52 -3.83 -44.12
C GLY C 642 -59.00 -3.83 -43.91
N PHE C 643 -59.40 -3.40 -42.72
CA PHE C 643 -60.80 -3.30 -42.34
C PHE C 643 -61.25 -1.89 -42.71
N GLY C 644 -62.44 -1.50 -42.27
CA GLY C 644 -62.91 -0.16 -42.55
C GLY C 644 -63.76 0.27 -41.39
N THR C 645 -63.73 1.55 -41.06
CA THR C 645 -64.54 2.07 -39.96
C THR C 645 -65.66 3.00 -40.47
N LEU C 646 -66.21 3.84 -39.59
CA LEU C 646 -67.30 4.73 -39.98
C LEU C 646 -67.39 5.99 -39.15
N GLU C 647 -66.63 6.99 -39.54
CA GLU C 647 -66.59 8.25 -38.80
C GLU C 647 -65.75 8.02 -37.55
N GLY C 648 -64.73 7.17 -37.69
CA GLY C 648 -63.86 6.86 -36.57
C GLY C 648 -64.32 5.59 -35.87
N GLN C 649 -65.48 5.69 -35.23
CA GLN C 649 -66.13 4.57 -34.53
C GLN C 649 -66.16 3.28 -35.36
N LYS C 650 -65.84 2.16 -34.71
CA LYS C 650 -65.87 0.91 -35.44
C LYS C 650 -67.29 0.42 -35.64
N MET C 651 -67.54 -0.11 -36.82
CA MET C 651 -68.85 -0.61 -37.15
C MET C 651 -69.20 -1.86 -36.41
N SER C 652 -70.21 -1.76 -35.55
CA SER C 652 -70.70 -2.88 -34.74
C SER C 652 -72.16 -3.19 -35.03
N LYS C 653 -72.40 -4.43 -35.46
CA LYS C 653 -73.75 -4.89 -35.74
C LYS C 653 -74.68 -4.56 -34.57
N SER C 654 -74.14 -4.43 -33.35
CA SER C 654 -74.95 -4.15 -32.19
C SER C 654 -75.19 -2.68 -31.88
N LYS C 655 -74.18 -1.85 -32.04
CA LYS C 655 -74.37 -0.43 -31.74
C LYS C 655 -75.26 0.20 -32.81
N GLY C 656 -75.29 -0.44 -33.99
CA GLY C 656 -76.11 0.07 -35.07
C GLY C 656 -75.40 0.91 -36.11
N ASN C 657 -74.33 1.62 -35.74
CA ASN C 657 -73.63 2.42 -36.72
C ASN C 657 -72.87 1.50 -37.68
N VAL C 658 -73.56 1.11 -38.75
CA VAL C 658 -73.00 0.26 -39.79
C VAL C 658 -73.68 0.63 -41.10
N LEU C 659 -72.87 0.96 -42.10
CA LEU C 659 -73.35 1.34 -43.42
C LEU C 659 -73.33 0.10 -44.30
N ASN C 660 -74.47 -0.26 -44.85
CA ASN C 660 -74.58 -1.44 -45.70
C ASN C 660 -73.96 -1.13 -47.02
N PHE C 661 -73.50 -2.14 -47.72
CA PHE C 661 -72.87 -1.89 -49.00
C PHE C 661 -73.93 -1.31 -49.90
N ILE C 662 -74.99 -2.08 -50.09
CA ILE C 662 -76.10 -1.67 -50.95
C ILE C 662 -76.72 -0.38 -50.46
N ASP C 663 -77.07 -0.38 -49.19
CA ASP C 663 -77.67 0.75 -48.57
C ASP C 663 -76.83 2.00 -48.86
N ALA C 664 -75.57 1.81 -49.24
CA ALA C 664 -74.65 2.94 -49.51
C ALA C 664 -74.49 3.23 -50.99
N ILE C 665 -74.58 2.18 -51.81
CA ILE C 665 -74.50 2.32 -53.24
C ILE C 665 -75.68 3.20 -53.64
N GLU C 666 -76.79 3.02 -52.94
CA GLU C 666 -78.02 3.76 -53.21
C GLU C 666 -77.88 5.26 -53.00
N GLU C 667 -77.28 5.67 -51.90
CA GLU C 667 -77.17 7.10 -51.66
C GLU C 667 -75.92 7.83 -52.22
N ASN C 668 -75.11 7.17 -53.04
CA ASN C 668 -73.92 7.81 -53.58
C ASN C 668 -73.64 7.32 -54.96
N GLY C 669 -74.10 6.11 -55.27
CA GLY C 669 -73.87 5.55 -56.59
C GLY C 669 -72.70 4.61 -56.61
N ALA C 670 -72.81 3.48 -57.29
CA ALA C 670 -71.73 2.50 -57.36
C ALA C 670 -70.38 3.17 -57.62
N ASP C 671 -70.18 3.57 -58.86
CA ASP C 671 -68.96 4.21 -59.26
C ASP C 671 -68.39 5.14 -58.22
N VAL C 672 -69.19 6.03 -57.64
CA VAL C 672 -68.61 6.87 -56.61
C VAL C 672 -68.12 5.95 -55.50
N VAL C 673 -69.03 5.30 -54.78
CA VAL C 673 -68.65 4.38 -53.71
C VAL C 673 -67.42 3.55 -54.04
N ARG C 674 -67.54 2.74 -55.08
CA ARG C 674 -66.42 1.95 -55.53
C ARG C 674 -65.08 2.72 -55.47
N LEU C 675 -64.91 3.74 -56.31
CA LEU C 675 -63.68 4.51 -56.27
C LEU C 675 -63.41 5.14 -54.90
N TYR C 676 -64.41 5.66 -54.20
CA TYR C 676 -64.12 6.28 -52.91
C TYR C 676 -63.37 5.35 -51.99
N ILE C 677 -63.62 4.05 -52.15
CA ILE C 677 -62.98 3.02 -51.35
C ILE C 677 -61.53 2.92 -51.70
N MET C 678 -61.23 2.44 -52.91
CA MET C 678 -59.84 2.33 -53.34
C MET C 678 -59.13 3.67 -53.05
N SER C 679 -59.88 4.74 -53.18
CA SER C 679 -59.37 6.06 -52.95
C SER C 679 -58.62 6.12 -51.61
N LEU C 680 -59.18 5.49 -50.60
CA LEU C 680 -58.65 5.58 -49.25
C LEU C 680 -57.46 4.78 -48.72
N ALA C 681 -57.21 3.57 -49.19
CA ALA C 681 -56.08 2.81 -48.62
C ALA C 681 -55.71 1.59 -49.42
N GLU C 682 -54.52 1.07 -49.15
CA GLU C 682 -54.06 -0.11 -49.86
C GLU C 682 -53.45 -1.19 -48.98
N HIS C 683 -53.48 -2.41 -49.49
CA HIS C 683 -52.95 -3.56 -48.79
C HIS C 683 -53.64 -3.84 -47.48
N ASP C 684 -52.89 -3.90 -46.40
CA ASP C 684 -53.46 -4.22 -45.10
C ASP C 684 -53.87 -3.03 -44.26
N SER C 685 -53.82 -1.83 -44.84
CA SER C 685 -54.19 -0.64 -44.06
C SER C 685 -55.70 -0.48 -43.97
N ASP C 686 -56.20 -0.16 -42.79
CA ASP C 686 -57.64 0.04 -42.61
C ASP C 686 -58.02 1.38 -43.22
N PHE C 687 -59.33 1.60 -43.39
CA PHE C 687 -59.81 2.86 -43.94
C PHE C 687 -60.95 3.35 -43.11
N ASP C 688 -61.19 4.65 -43.14
CA ASP C 688 -62.28 5.23 -42.37
C ASP C 688 -63.24 5.95 -43.28
N TRP C 689 -64.48 5.45 -43.35
CA TRP C 689 -65.54 6.03 -44.20
C TRP C 689 -66.10 7.30 -43.56
N ARG C 690 -65.92 8.43 -44.26
CA ARG C 690 -66.40 9.72 -43.76
C ARG C 690 -67.35 10.33 -44.78
N ARG C 691 -68.52 10.76 -44.30
CA ARG C 691 -69.55 11.33 -45.14
C ARG C 691 -69.07 12.47 -46.00
N LYS C 692 -68.49 13.49 -45.35
CA LYS C 692 -67.95 14.63 -46.07
C LYS C 692 -67.02 14.12 -47.18
N GLU C 693 -65.97 13.42 -46.81
CA GLU C 693 -65.04 12.87 -47.77
C GLU C 693 -65.65 12.33 -49.04
N VAL C 694 -66.67 11.49 -48.86
CA VAL C 694 -67.35 10.80 -49.97
C VAL C 694 -68.22 11.71 -50.80
N GLY C 695 -68.82 12.67 -50.13
CA GLY C 695 -69.66 13.63 -50.83
C GLY C 695 -68.81 14.44 -51.78
N LYS C 696 -67.70 14.95 -51.25
CA LYS C 696 -66.74 15.74 -51.99
C LYS C 696 -66.09 14.95 -53.11
N LEU C 697 -65.81 13.69 -52.88
CA LEU C 697 -65.20 12.92 -53.95
C LEU C 697 -66.24 12.83 -55.02
N ARG C 698 -67.52 12.88 -54.62
CA ARG C 698 -68.63 12.77 -55.57
C ARG C 698 -68.60 13.93 -56.55
N LYS C 699 -68.57 15.16 -56.02
CA LYS C 699 -68.52 16.33 -56.86
C LYS C 699 -67.39 16.14 -57.83
N GLN C 700 -66.20 15.88 -57.30
CA GLN C 700 -65.05 15.65 -58.15
C GLN C 700 -65.35 14.66 -59.26
N ILE C 701 -66.15 13.64 -58.97
CA ILE C 701 -66.48 12.63 -59.98
C ILE C 701 -67.23 13.28 -61.10
N GLU C 702 -68.20 14.09 -60.71
CA GLU C 702 -69.04 14.79 -61.66
C GLU C 702 -68.18 15.64 -62.58
N ARG C 703 -67.37 16.53 -61.97
CA ARG C 703 -66.45 17.41 -62.71
C ARG C 703 -65.72 16.56 -63.74
N PHE C 704 -65.21 15.41 -63.29
CA PHE C 704 -64.55 14.50 -64.20
C PHE C 704 -65.56 14.14 -65.29
N TYR C 705 -66.73 13.63 -64.87
CA TYR C 705 -67.76 13.21 -65.81
C TYR C 705 -67.97 14.25 -66.88
N GLU C 706 -68.53 15.39 -66.49
CA GLU C 706 -68.81 16.49 -67.40
C GLU C 706 -67.68 16.70 -68.36
N LEU C 707 -66.54 17.12 -67.81
CA LEU C 707 -65.37 17.39 -68.60
C LEU C 707 -65.19 16.41 -69.73
N ILE C 708 -65.17 15.13 -69.43
CA ILE C 708 -64.99 14.18 -70.51
C ILE C 708 -66.03 14.45 -71.59
N SER C 709 -67.27 14.56 -71.15
CA SER C 709 -68.40 14.80 -72.03
C SER C 709 -68.13 15.98 -72.97
N GLN C 710 -67.54 17.06 -72.44
CA GLN C 710 -67.20 18.20 -73.26
C GLN C 710 -66.18 17.72 -74.28
N PHE C 711 -64.96 17.49 -73.84
CA PHE C 711 -63.91 17.05 -74.74
C PHE C 711 -64.42 16.03 -75.74
N ALA C 712 -65.52 15.37 -75.38
CA ALA C 712 -66.11 14.35 -76.23
C ALA C 712 -66.59 14.94 -77.55
N GLU C 713 -66.99 16.21 -77.51
CA GLU C 713 -67.44 16.92 -78.68
C GLU C 713 -66.28 16.96 -79.66
N TYR C 714 -65.30 17.80 -79.37
CA TYR C 714 -64.10 17.98 -80.18
C TYR C 714 -63.91 16.93 -81.25
N GLU C 715 -63.70 17.40 -82.48
CA GLU C 715 -63.50 16.53 -83.62
C GLU C 715 -62.22 15.72 -83.50
N VAL C 716 -62.27 14.45 -83.89
CA VAL C 716 -61.08 13.61 -83.83
C VAL C 716 -60.31 13.84 -85.12
N LYS C 717 -59.68 15.00 -85.24
CA LYS C 717 -58.94 15.33 -86.45
C LYS C 717 -57.52 14.76 -86.48
N GLY C 718 -56.75 15.01 -85.43
CA GLY C 718 -55.37 14.52 -85.39
C GLY C 718 -54.41 15.42 -86.16
N ASN C 719 -53.24 14.88 -86.52
CA ASN C 719 -52.22 15.63 -87.27
C ASN C 719 -52.22 17.13 -86.96
N VAL C 720 -51.66 17.49 -85.81
CA VAL C 720 -51.61 18.89 -85.43
C VAL C 720 -50.20 19.33 -85.03
N GLU C 721 -50.06 20.63 -84.81
CA GLU C 721 -48.79 21.22 -84.42
C GLU C 721 -48.92 21.75 -83.00
N LEU C 722 -48.83 20.85 -82.04
CA LEU C 722 -48.95 21.21 -80.63
C LEU C 722 -47.81 22.02 -80.07
N LYS C 723 -48.14 23.01 -79.25
CA LYS C 723 -47.10 23.79 -78.62
C LYS C 723 -46.59 22.91 -77.47
N ASP C 724 -45.62 23.41 -76.70
CA ASP C 724 -45.02 22.65 -75.61
C ASP C 724 -45.94 22.36 -74.45
N ILE C 725 -46.65 23.38 -73.96
CA ILE C 725 -47.58 23.21 -72.84
C ILE C 725 -48.50 22.04 -73.14
N ASP C 726 -48.59 21.66 -74.41
CA ASP C 726 -49.43 20.56 -74.80
C ASP C 726 -48.67 19.24 -74.60
N ARG C 727 -47.39 19.28 -74.99
CA ARG C 727 -46.49 18.11 -74.89
C ARG C 727 -46.37 17.69 -73.43
N TRP C 728 -46.57 18.67 -72.57
CA TRP C 728 -46.52 18.49 -71.15
C TRP C 728 -47.75 17.71 -70.72
N MET C 729 -48.93 18.32 -70.81
CA MET C 729 -50.16 17.63 -70.41
C MET C 729 -50.19 16.26 -71.03
N LEU C 730 -49.37 16.06 -72.06
CA LEU C 730 -49.31 14.78 -72.71
C LEU C 730 -48.26 13.90 -72.07
N HIS C 731 -47.27 14.53 -71.43
CA HIS C 731 -46.20 13.80 -70.75
C HIS C 731 -46.81 13.22 -69.48
N ARG C 732 -47.46 14.08 -68.70
CA ARG C 732 -48.10 13.68 -67.46
C ARG C 732 -49.12 12.58 -67.68
N LEU C 733 -49.78 12.59 -68.83
CA LEU C 733 -50.76 11.57 -69.11
C LEU C 733 -49.95 10.27 -69.10
N ASN C 734 -48.92 10.22 -69.96
CA ASN C 734 -47.99 9.08 -70.09
C ASN C 734 -47.48 8.63 -68.72
N LYS C 735 -47.15 9.61 -67.88
CA LYS C 735 -46.66 9.35 -66.56
C LYS C 735 -47.72 8.64 -65.79
N ALA C 736 -48.84 9.32 -65.60
CA ALA C 736 -49.98 8.73 -64.90
C ALA C 736 -50.35 7.38 -65.51
N ILE C 737 -50.14 7.20 -66.80
CA ILE C 737 -50.48 5.93 -67.40
C ILE C 737 -49.63 4.87 -66.76
N LYS C 738 -48.30 5.09 -66.75
CA LYS C 738 -47.34 4.11 -66.18
C LYS C 738 -47.48 3.89 -64.70
N GLU C 739 -47.37 4.95 -63.93
CA GLU C 739 -47.49 4.80 -62.49
C GLU C 739 -48.70 3.96 -62.11
N THR C 740 -49.81 4.22 -62.80
CA THR C 740 -51.08 3.52 -62.55
C THR C 740 -50.92 2.04 -62.84
N THR C 741 -50.42 1.73 -64.05
CA THR C 741 -50.22 0.34 -64.45
C THR C 741 -49.55 -0.46 -63.37
N ASN C 742 -48.66 0.22 -62.63
CA ASN C 742 -47.90 -0.36 -61.54
C ASN C 742 -48.77 -0.60 -60.34
N ALA C 743 -49.12 0.47 -59.64
CA ALA C 743 -49.95 0.37 -58.44
C ALA C 743 -50.92 -0.80 -58.59
N LEU C 744 -51.46 -0.93 -59.78
CA LEU C 744 -52.42 -1.99 -60.06
C LEU C 744 -51.76 -3.35 -60.12
N GLU C 745 -50.71 -3.49 -60.92
CA GLU C 745 -50.03 -4.75 -61.02
C GLU C 745 -49.78 -5.29 -59.63
N GLU C 746 -49.68 -4.38 -58.65
CA GLU C 746 -49.42 -4.74 -57.25
C GLU C 746 -50.57 -4.46 -56.29
N PHE C 747 -51.82 -4.54 -56.76
CA PHE C 747 -52.96 -4.31 -55.86
C PHE C 747 -52.82 -3.09 -54.97
N ARG C 748 -52.22 -2.04 -55.48
CA ARG C 748 -51.99 -0.84 -54.66
C ARG C 748 -52.97 0.26 -54.98
N THR C 749 -54.25 -0.06 -54.80
CA THR C 749 -55.35 0.85 -55.07
C THR C 749 -55.16 2.34 -54.71
N ARG C 750 -55.03 2.68 -53.42
CA ARG C 750 -54.87 4.09 -53.06
C ARG C 750 -53.93 4.83 -54.01
N THR C 751 -52.80 4.20 -54.29
CA THR C 751 -51.85 4.81 -55.16
C THR C 751 -52.47 4.98 -56.50
N ALA C 752 -52.79 3.87 -57.15
CA ALA C 752 -53.40 3.93 -58.46
C ALA C 752 -54.32 5.16 -58.54
N VAL C 753 -55.44 5.12 -57.83
CA VAL C 753 -56.36 6.23 -57.80
C VAL C 753 -55.68 7.58 -57.69
N GLN C 754 -54.54 7.65 -57.01
CA GLN C 754 -53.84 8.92 -56.86
C GLN C 754 -53.22 9.31 -58.22
N TRP C 755 -52.89 8.30 -59.00
CA TRP C 755 -52.34 8.60 -60.30
C TRP C 755 -53.49 8.77 -61.26
N ALA C 756 -54.10 7.64 -61.63
CA ALA C 756 -55.22 7.60 -62.58
C ALA C 756 -56.29 8.62 -62.35
N PHE C 757 -56.46 9.09 -61.13
CA PHE C 757 -57.53 10.04 -60.92
C PHE C 757 -57.09 11.40 -60.46
N TYR C 758 -56.86 11.56 -59.16
CA TYR C 758 -56.45 12.85 -58.59
C TYR C 758 -55.26 13.54 -59.30
N SER C 759 -54.35 12.75 -59.87
CA SER C 759 -53.20 13.26 -60.61
C SER C 759 -53.65 13.92 -61.90
N ILE C 760 -54.05 13.09 -62.87
CA ILE C 760 -54.53 13.59 -64.15
C ILE C 760 -55.41 14.80 -63.91
N MET C 761 -56.38 14.68 -63.02
CA MET C 761 -57.25 15.78 -62.71
C MET C 761 -56.42 17.04 -62.54
N ASN C 762 -55.59 17.06 -61.50
CA ASN C 762 -54.73 18.21 -61.22
C ASN C 762 -53.93 18.67 -62.42
N ASP C 763 -53.09 17.78 -62.93
CA ASP C 763 -52.28 18.11 -64.08
C ASP C 763 -53.08 18.84 -65.16
N LEU C 764 -54.29 18.33 -65.44
CA LEU C 764 -55.19 18.90 -66.44
C LEU C 764 -55.74 20.25 -66.04
N ARG C 765 -56.13 20.42 -64.79
CA ARG C 765 -56.65 21.71 -64.39
C ARG C 765 -55.62 22.79 -64.62
N TRP C 766 -54.34 22.41 -64.51
CA TRP C 766 -53.28 23.38 -64.69
C TRP C 766 -53.17 23.67 -66.17
N TYR C 767 -53.05 22.62 -66.97
CA TYR C 767 -52.97 22.77 -68.42
C TYR C 767 -54.03 23.73 -68.87
N LEU C 768 -55.25 23.57 -68.38
CA LEU C 768 -56.34 24.47 -68.72
C LEU C 768 -55.89 25.84 -68.26
N ARG C 769 -55.92 26.08 -66.96
CA ARG C 769 -55.48 27.36 -66.41
C ARG C 769 -54.31 27.91 -67.21
N ARG C 770 -53.46 27.01 -67.68
CA ARG C 770 -52.28 27.36 -68.46
C ARG C 770 -52.59 27.89 -69.83
N THR C 771 -53.44 27.17 -70.55
CA THR C 771 -53.84 27.60 -71.87
C THR C 771 -55.24 28.17 -71.89
N GLU C 772 -55.52 29.08 -70.95
CA GLU C 772 -56.83 29.68 -70.89
C GLU C 772 -56.98 30.56 -72.13
N GLY C 773 -58.21 30.97 -72.44
CA GLY C 773 -58.47 31.83 -73.59
C GLY C 773 -57.94 31.32 -74.93
N ARG C 774 -57.42 30.10 -74.93
CA ARG C 774 -56.89 29.48 -76.13
C ARG C 774 -57.74 28.30 -76.55
N ASP C 775 -57.71 27.96 -77.83
CA ASP C 775 -58.50 26.81 -78.30
C ASP C 775 -58.28 26.47 -79.77
N ASP C 776 -57.18 25.81 -80.08
CA ASP C 776 -56.91 25.46 -81.46
C ASP C 776 -57.05 24.01 -81.75
N GLU C 777 -56.91 23.65 -83.01
CA GLU C 777 -57.05 22.27 -83.42
C GLU C 777 -56.19 21.41 -82.54
N ALA C 778 -55.14 22.01 -81.96
CA ALA C 778 -54.19 21.29 -81.07
C ALA C 778 -54.70 21.10 -79.64
N LYS C 779 -54.99 22.21 -78.93
CA LYS C 779 -55.51 22.12 -77.56
C LYS C 779 -56.68 21.14 -77.54
N ARG C 780 -57.32 21.00 -78.69
CA ARG C 780 -58.42 20.08 -78.80
C ARG C 780 -57.81 18.69 -78.73
N TYR C 781 -57.01 18.32 -79.72
CA TYR C 781 -56.36 17.02 -79.76
C TYR C 781 -55.94 16.51 -78.39
N VAL C 782 -55.09 17.28 -77.72
CA VAL C 782 -54.62 16.99 -76.37
C VAL C 782 -55.87 16.53 -75.63
N LEU C 783 -56.71 17.51 -75.27
CA LEU C 783 -57.95 17.30 -74.55
C LEU C 783 -58.83 16.14 -74.95
N ARG C 784 -58.94 15.92 -76.25
CA ARG C 784 -59.77 14.87 -76.75
C ARG C 784 -59.11 13.51 -76.58
N THR C 785 -57.80 13.47 -76.74
CA THR C 785 -57.09 12.21 -76.60
C THR C 785 -56.84 11.90 -75.10
N LEU C 786 -56.72 12.97 -74.31
CA LEU C 786 -56.53 12.82 -72.89
C LEU C 786 -57.72 12.04 -72.49
N ALA C 787 -58.88 12.57 -72.87
CA ALA C 787 -60.19 11.98 -72.56
C ALA C 787 -60.24 10.48 -72.86
N ASP C 788 -59.80 10.09 -74.06
CA ASP C 788 -59.80 8.71 -74.45
C ASP C 788 -59.07 7.91 -73.40
N VAL C 789 -57.83 8.29 -73.09
CA VAL C 789 -57.02 7.59 -72.08
C VAL C 789 -57.68 7.69 -70.71
N TRP C 790 -57.68 8.87 -70.13
CA TRP C 790 -58.27 9.04 -68.83
C TRP C 790 -59.46 8.12 -68.58
N VAL C 791 -60.31 7.97 -69.59
CA VAL C 791 -61.51 7.16 -69.48
C VAL C 791 -61.17 5.70 -69.35
N ARG C 792 -60.30 5.21 -70.22
CA ARG C 792 -59.88 3.82 -70.16
C ARG C 792 -59.21 3.51 -68.81
N LEU C 793 -58.51 4.49 -68.22
CA LEU C 793 -57.83 4.28 -66.95
C LEU C 793 -58.78 4.06 -65.78
N MET C 794 -59.76 4.94 -65.57
CA MET C 794 -60.72 4.78 -64.44
C MET C 794 -61.68 3.61 -64.63
N ALA C 795 -61.67 3.04 -65.84
CA ALA C 795 -62.54 1.93 -66.16
C ALA C 795 -62.79 0.96 -65.01
N PRO C 796 -61.71 0.54 -64.27
CA PRO C 796 -61.91 -0.40 -63.16
C PRO C 796 -62.52 0.19 -61.91
N PHE C 797 -62.16 1.41 -61.59
CA PHE C 797 -62.72 2.00 -60.38
C PHE C 797 -64.19 2.36 -60.57
N THR C 798 -64.48 3.00 -61.72
CA THR C 798 -65.84 3.44 -62.05
C THR C 798 -66.24 2.92 -63.43
N PRO C 799 -66.55 1.62 -63.51
CA PRO C 799 -66.92 0.96 -64.76
C PRO C 799 -68.21 1.39 -65.43
N HIS C 800 -69.09 2.07 -64.69
CA HIS C 800 -70.34 2.46 -65.29
C HIS C 800 -70.23 3.78 -66.06
N ILE C 801 -70.07 4.90 -65.35
CA ILE C 801 -69.97 6.17 -66.05
C ILE C 801 -68.93 6.14 -67.14
N CYS C 802 -68.15 5.07 -67.19
CA CYS C 802 -67.12 4.96 -68.21
C CYS C 802 -67.64 4.25 -69.42
N GLU C 803 -68.48 3.25 -69.20
CA GLU C 803 -69.05 2.50 -70.31
C GLU C 803 -69.91 3.51 -71.08
N GLU C 804 -70.37 4.51 -70.33
CA GLU C 804 -71.20 5.58 -70.84
C GLU C 804 -70.35 6.56 -71.61
N LEU C 805 -69.40 7.19 -70.93
CA LEU C 805 -68.48 8.16 -71.55
C LEU C 805 -67.72 7.50 -72.67
N TRP C 806 -67.46 6.20 -72.56
CA TRP C 806 -66.75 5.51 -73.60
C TRP C 806 -67.60 5.57 -74.84
N GLU C 807 -68.92 5.69 -74.62
CA GLU C 807 -69.91 5.75 -75.70
C GLU C 807 -69.95 7.16 -76.23
N LYS C 808 -69.96 8.13 -75.31
CA LYS C 808 -69.93 9.54 -75.68
C LYS C 808 -68.75 9.84 -76.59
N LEU C 809 -67.61 9.20 -76.34
CA LEU C 809 -66.45 9.40 -77.18
C LEU C 809 -66.68 8.48 -78.34
N GLY C 810 -65.81 8.52 -79.32
CA GLY C 810 -66.00 7.64 -80.46
C GLY C 810 -66.54 6.27 -80.09
N GLY C 811 -65.95 5.64 -79.07
CA GLY C 811 -66.39 4.33 -78.61
C GLY C 811 -66.16 3.17 -79.54
N GLU C 812 -65.94 1.99 -78.94
CA GLU C 812 -65.71 0.74 -79.66
C GLU C 812 -65.88 -0.35 -78.61
N GLY C 813 -66.69 -1.37 -78.93
CA GLY C 813 -66.96 -2.46 -78.00
C GLY C 813 -67.26 -1.90 -76.61
N PHE C 814 -67.29 -2.77 -75.59
CA PHE C 814 -67.53 -2.28 -74.23
C PHE C 814 -66.20 -1.70 -73.70
N VAL C 815 -66.26 -0.71 -72.83
CA VAL C 815 -65.02 -0.13 -72.30
C VAL C 815 -64.34 -1.25 -71.51
N SER C 816 -65.14 -1.97 -70.75
CA SER C 816 -64.65 -3.06 -69.98
C SER C 816 -63.75 -4.04 -70.75
N LEU C 817 -63.94 -4.18 -72.04
CA LEU C 817 -63.10 -5.10 -72.77
C LEU C 817 -62.03 -4.35 -73.54
N ALA C 818 -62.03 -3.03 -73.41
CA ALA C 818 -61.06 -2.18 -74.10
C ALA C 818 -59.64 -2.42 -73.60
N LYS C 819 -58.67 -2.49 -74.51
CA LYS C 819 -57.28 -2.69 -74.10
C LYS C 819 -56.89 -1.57 -73.14
N TRP C 820 -55.95 -1.90 -72.27
CA TRP C 820 -55.46 -0.97 -71.28
C TRP C 820 -54.38 -0.10 -71.86
N PRO C 821 -54.48 1.21 -71.63
CA PRO C 821 -53.52 2.19 -72.13
C PRO C 821 -52.14 2.10 -71.52
N GLU C 822 -51.12 1.82 -72.33
CA GLU C 822 -49.77 1.78 -71.79
C GLU C 822 -49.04 2.99 -72.38
N PRO C 823 -48.04 3.55 -71.68
CA PRO C 823 -47.31 4.71 -72.17
C PRO C 823 -47.05 4.68 -73.66
N VAL C 824 -47.01 5.84 -74.27
CA VAL C 824 -46.82 5.91 -75.71
C VAL C 824 -45.42 6.31 -76.12
N GLU C 825 -45.00 5.75 -77.26
CA GLU C 825 -43.70 6.03 -77.85
C GLU C 825 -43.26 7.44 -77.50
N GLU C 826 -42.42 7.54 -76.50
CA GLU C 826 -41.94 8.83 -76.11
C GLU C 826 -43.17 9.68 -75.77
N TRP C 827 -43.41 10.81 -76.44
CA TRP C 827 -44.57 11.59 -76.03
C TRP C 827 -44.17 11.97 -74.58
N TRP C 828 -43.02 11.41 -74.20
CA TRP C 828 -42.33 11.56 -72.92
C TRP C 828 -41.44 12.80 -73.07
N ASN C 829 -41.30 13.59 -72.02
CA ASN C 829 -40.48 14.78 -72.09
C ASN C 829 -40.04 15.23 -70.71
N GLU C 830 -39.07 14.51 -70.13
CA GLU C 830 -38.58 14.82 -68.80
C GLU C 830 -38.17 16.28 -68.80
N THR C 831 -37.70 16.70 -69.97
CA THR C 831 -37.20 18.05 -70.23
C THR C 831 -38.23 19.17 -70.09
N ILE C 832 -39.31 19.08 -70.87
CA ILE C 832 -40.38 20.09 -70.80
C ILE C 832 -41.06 20.04 -69.44
N GLU C 833 -41.07 18.84 -68.83
CA GLU C 833 -41.66 18.67 -67.51
C GLU C 833 -40.85 19.51 -66.58
N ALA C 834 -39.54 19.48 -66.80
CA ALA C 834 -38.57 20.23 -66.01
C ALA C 834 -38.68 21.74 -66.24
N GLU C 835 -38.78 22.10 -67.50
CA GLU C 835 -38.89 23.50 -67.84
C GLU C 835 -40.12 24.12 -67.20
N GLU C 836 -41.23 23.38 -67.22
CA GLU C 836 -42.49 23.89 -66.65
C GLU C 836 -42.43 24.21 -65.16
N GLU C 837 -41.75 23.38 -64.39
CA GLU C 837 -41.62 23.66 -62.97
C GLU C 837 -40.69 24.83 -62.79
N PHE C 838 -39.74 24.97 -63.71
CA PHE C 838 -38.81 26.07 -63.65
C PHE C 838 -39.59 27.37 -63.65
N ILE C 839 -40.30 27.65 -64.74
CA ILE C 839 -41.08 28.87 -64.82
C ILE C 839 -41.99 29.01 -63.59
N ARG C 840 -42.55 27.89 -63.14
CA ARG C 840 -43.41 27.87 -61.96
C ARG C 840 -42.65 28.47 -60.78
N SER C 841 -41.42 27.96 -60.59
CA SER C 841 -40.56 28.39 -59.50
C SER C 841 -40.21 29.86 -59.62
N VAL C 842 -39.91 30.30 -60.84
CA VAL C 842 -39.58 31.70 -61.04
C VAL C 842 -40.73 32.50 -60.46
N MET C 843 -41.93 32.22 -60.97
CA MET C 843 -43.13 32.88 -60.51
C MET C 843 -43.15 32.94 -58.99
N GLU C 844 -42.92 31.79 -58.39
CA GLU C 844 -42.90 31.69 -56.95
C GLU C 844 -41.94 32.69 -56.34
N ASP C 845 -40.75 32.79 -56.94
CA ASP C 845 -39.72 33.70 -56.47
C ASP C 845 -40.18 35.13 -56.50
N ILE C 846 -40.51 35.61 -57.68
CA ILE C 846 -40.99 36.98 -57.85
C ILE C 846 -42.06 37.27 -56.84
N LYS C 847 -43.00 36.32 -56.72
CA LYS C 847 -44.11 36.48 -55.79
C LYS C 847 -43.61 36.74 -54.39
N GLU C 848 -42.55 36.01 -54.00
CA GLU C 848 -41.99 36.17 -52.67
C GLU C 848 -41.24 37.46 -52.53
N ILE C 849 -40.44 37.77 -53.54
CA ILE C 849 -39.66 39.01 -53.52
C ILE C 849 -40.55 40.19 -53.25
N ILE C 850 -41.73 40.18 -53.84
CA ILE C 850 -42.66 41.28 -53.65
C ILE C 850 -43.35 41.15 -52.31
N GLU C 851 -43.80 39.94 -51.97
CA GLU C 851 -44.51 39.72 -50.72
C GLU C 851 -43.68 40.12 -49.50
N VAL C 852 -42.36 40.18 -49.67
CA VAL C 852 -41.50 40.53 -48.56
C VAL C 852 -41.06 41.99 -48.52
N ALA C 853 -41.46 42.78 -49.51
CA ALA C 853 -41.06 44.18 -49.52
C ALA C 853 -42.00 45.19 -50.22
N LYS C 854 -41.68 45.50 -51.48
CA LYS C 854 -42.41 46.46 -52.34
C LYS C 854 -43.92 46.50 -52.37
N ILE C 855 -44.43 47.44 -53.17
CA ILE C 855 -45.86 47.65 -53.34
C ILE C 855 -46.14 48.18 -54.74
N GLU C 856 -46.89 47.39 -55.51
CA GLU C 856 -47.27 47.75 -56.88
C GLU C 856 -46.14 47.59 -57.89
N ASN C 857 -45.72 48.72 -58.47
CA ASN C 857 -44.67 48.73 -59.49
C ASN C 857 -45.08 47.84 -60.66
N ALA C 858 -45.21 48.47 -61.82
CA ALA C 858 -45.64 47.80 -63.04
C ALA C 858 -44.76 46.70 -63.60
N LYS C 859 -43.53 46.59 -63.14
CA LYS C 859 -42.69 45.56 -63.72
C LYS C 859 -41.51 45.16 -62.88
N ARG C 860 -40.78 44.18 -63.39
CA ARG C 860 -39.58 43.64 -62.78
C ARG C 860 -38.73 43.24 -63.96
N ALA C 861 -37.46 42.97 -63.74
CA ALA C 861 -36.57 42.56 -64.83
C ALA C 861 -35.77 41.36 -64.35
N TYR C 862 -35.55 40.40 -65.23
CA TYR C 862 -34.78 39.24 -64.82
C TYR C 862 -34.09 38.55 -65.98
N ILE C 863 -32.90 38.02 -65.70
CA ILE C 863 -32.11 37.35 -66.72
C ILE C 863 -31.73 35.93 -66.33
N TYR C 864 -31.61 35.07 -67.32
CA TYR C 864 -31.24 33.69 -67.05
C TYR C 864 -29.74 33.58 -66.99
N THR C 865 -29.21 32.48 -67.52
CA THR C 865 -27.78 32.24 -67.51
C THR C 865 -27.28 31.67 -68.83
N ALA C 866 -25.97 31.37 -68.87
CA ALA C 866 -25.30 30.82 -70.06
C ALA C 866 -24.24 29.82 -69.64
N GLU C 867 -23.89 28.92 -70.55
CA GLU C 867 -22.92 27.86 -70.30
C GLU C 867 -21.68 28.22 -69.47
N ASP C 868 -20.63 28.67 -70.15
CA ASP C 868 -19.38 29.04 -69.51
C ASP C 868 -19.55 29.85 -68.24
N TRP C 869 -19.78 31.15 -68.40
CA TRP C 869 -19.96 32.07 -67.29
C TRP C 869 -20.53 31.33 -66.07
N LYS C 870 -21.46 30.39 -66.32
CA LYS C 870 -22.11 29.58 -65.28
C LYS C 870 -22.26 28.10 -65.68
N TRP C 871 -23.51 27.69 -65.87
CA TRP C 871 -23.90 26.31 -66.25
C TRP C 871 -22.82 25.27 -66.53
N LYS C 872 -21.85 25.61 -67.39
CA LYS C 872 -20.78 24.68 -67.70
C LYS C 872 -20.04 24.23 -66.44
N VAL C 873 -20.03 25.12 -65.45
CA VAL C 873 -19.41 24.83 -64.19
C VAL C 873 -20.17 23.69 -63.53
N ALA C 874 -21.46 23.93 -63.28
CA ALA C 874 -22.38 22.99 -62.63
C ALA C 874 -22.49 21.60 -63.25
N GLU C 875 -22.45 21.53 -64.57
CA GLU C 875 -22.53 20.26 -65.27
C GLU C 875 -21.19 19.53 -65.22
N VAL C 876 -20.25 20.11 -64.49
CA VAL C 876 -18.91 19.56 -64.31
C VAL C 876 -18.72 19.25 -62.83
N VAL C 877 -19.10 20.20 -61.98
CA VAL C 877 -19.04 20.01 -60.53
C VAL C 877 -19.80 18.72 -60.27
N SER C 878 -20.91 18.55 -60.98
CA SER C 878 -21.75 17.38 -60.84
C SER C 878 -21.07 16.16 -61.42
N GLU C 879 -19.74 16.15 -61.39
CA GLU C 879 -19.00 15.01 -61.91
C GLU C 879 -17.63 14.94 -61.26
N LYS C 880 -17.55 15.53 -60.08
CA LYS C 880 -16.34 15.55 -59.27
C LYS C 880 -16.86 15.54 -57.85
N ARG C 881 -18.07 16.08 -57.68
CA ARG C 881 -18.76 16.16 -56.40
C ARG C 881 -17.76 16.31 -55.27
N ASP C 882 -16.76 17.17 -55.47
CA ASP C 882 -15.73 17.34 -54.43
C ASP C 882 -15.46 18.78 -53.97
N PHE C 883 -14.57 19.49 -54.65
CA PHE C 883 -14.24 20.86 -54.25
C PHE C 883 -13.12 21.43 -55.12
N LYS C 884 -12.21 20.54 -55.53
CA LYS C 884 -11.06 20.92 -56.32
C LYS C 884 -11.00 20.22 -57.66
N SER C 885 -10.90 18.89 -57.66
CA SER C 885 -10.81 18.12 -58.91
C SER C 885 -11.63 18.75 -60.02
N SER C 886 -12.71 19.42 -59.62
CA SER C 886 -13.60 20.12 -60.55
C SER C 886 -12.96 21.46 -60.92
N MET C 887 -12.59 22.22 -59.89
CA MET C 887 -11.97 23.51 -60.05
C MET C 887 -10.69 23.39 -60.86
N GLU C 888 -10.09 22.19 -60.85
CA GLU C 888 -8.88 21.92 -61.61
C GLU C 888 -9.34 21.66 -63.04
N GLU C 889 -10.38 20.85 -63.17
CA GLU C 889 -10.94 20.52 -64.48
C GLU C 889 -11.39 21.77 -65.20
N LEU C 890 -11.70 22.81 -64.43
CA LEU C 890 -12.19 24.05 -64.99
C LEU C 890 -11.17 25.12 -65.37
N MET C 891 -10.46 25.67 -64.38
CA MET C 891 -9.48 26.72 -64.64
C MET C 891 -8.57 26.39 -65.83
N LYS C 892 -8.58 25.12 -66.20
CA LYS C 892 -7.81 24.63 -67.32
C LYS C 892 -8.58 24.91 -68.62
N ASP C 893 -9.48 25.90 -68.56
CA ASP C 893 -10.31 26.29 -69.71
C ASP C 893 -10.52 27.80 -69.86
N SER C 894 -10.26 28.28 -71.07
CA SER C 894 -10.39 29.69 -71.41
C SER C 894 -11.87 30.05 -71.40
N GLU C 895 -12.13 31.35 -71.45
CA GLU C 895 -13.51 31.84 -71.45
C GLU C 895 -14.27 31.34 -70.22
N ILE C 896 -13.63 30.45 -69.46
CA ILE C 896 -14.23 29.95 -68.25
C ILE C 896 -13.34 30.43 -67.10
N ARG C 897 -12.02 30.32 -67.25
CA ARG C 897 -11.13 30.80 -66.19
C ARG C 897 -11.24 32.31 -66.25
N LYS C 898 -11.70 32.78 -67.40
CA LYS C 898 -11.92 34.19 -67.68
C LYS C 898 -12.60 34.97 -66.54
N HIS C 899 -13.29 34.26 -65.65
CA HIS C 899 -13.97 34.89 -64.51
C HIS C 899 -13.19 34.53 -63.23
N GLY C 900 -12.65 33.31 -63.23
CA GLY C 900 -11.86 32.81 -62.11
C GLY C 900 -12.38 33.12 -60.71
N LYS C 901 -12.03 34.30 -60.21
CA LYS C 901 -12.42 34.75 -58.87
C LYS C 901 -13.93 34.60 -58.69
N GLU C 902 -14.66 34.49 -59.80
CA GLU C 902 -16.10 34.34 -59.76
C GLU C 902 -16.58 32.89 -59.79
N VAL C 903 -15.69 31.97 -60.15
CA VAL C 903 -16.02 30.56 -60.18
C VAL C 903 -16.08 30.01 -58.73
N ALA C 904 -16.76 30.78 -57.89
CA ALA C 904 -17.01 30.43 -56.49
C ALA C 904 -18.38 29.78 -56.63
N LYS C 905 -18.85 29.77 -57.87
CA LYS C 905 -20.13 29.19 -58.22
C LYS C 905 -20.01 27.71 -57.90
N ILE C 906 -18.78 27.22 -57.82
CA ILE C 906 -18.54 25.81 -57.53
C ILE C 906 -18.72 25.54 -56.05
N VAL C 907 -18.27 26.49 -55.22
CA VAL C 907 -18.41 26.34 -53.79
C VAL C 907 -19.90 26.11 -53.53
N GLN C 908 -20.68 27.18 -53.62
CA GLN C 908 -22.12 27.11 -53.42
C GLN C 908 -22.70 25.85 -54.08
N LYS C 909 -22.70 25.83 -55.41
CA LYS C 909 -23.22 24.70 -56.15
C LYS C 909 -22.85 23.37 -55.51
N LEU C 910 -21.71 23.33 -54.85
CA LEU C 910 -21.26 22.09 -54.23
C LEU C 910 -22.08 21.73 -52.99
N ILE C 911 -22.37 22.72 -52.13
CA ILE C 911 -23.12 22.48 -50.89
C ILE C 911 -24.65 22.32 -51.05
N LYS C 912 -25.05 21.75 -52.18
CA LYS C 912 -26.45 21.53 -52.48
C LYS C 912 -26.53 20.39 -53.48
N GLU C 913 -25.56 19.48 -53.37
CA GLU C 913 -25.46 18.31 -54.23
C GLU C 913 -25.52 18.61 -55.74
N ARG C 914 -25.02 17.66 -56.53
CA ARG C 914 -24.94 17.73 -58.01
C ARG C 914 -26.07 18.40 -58.78
N THR C 915 -26.14 18.08 -60.06
CA THR C 915 -27.15 18.65 -60.98
C THR C 915 -28.20 17.64 -61.46
N PHE C 916 -28.84 18.04 -62.56
CA PHE C 916 -29.87 17.26 -63.24
C PHE C 916 -29.58 17.48 -64.72
N ASP C 917 -30.63 17.41 -65.53
CA ASP C 917 -30.53 17.60 -66.97
C ASP C 917 -30.32 19.07 -67.30
N VAL C 918 -30.26 19.36 -68.59
CA VAL C 918 -30.06 20.72 -69.07
C VAL C 918 -31.30 21.25 -69.77
N LYS C 919 -32.07 22.08 -69.07
CA LYS C 919 -33.26 22.68 -69.67
C LYS C 919 -32.71 23.85 -70.46
N ARG C 920 -31.90 23.51 -71.47
CA ARG C 920 -31.24 24.46 -72.36
C ARG C 920 -32.15 25.55 -72.95
N ILE C 921 -33.12 25.16 -73.78
CA ILE C 921 -34.03 26.13 -74.37
C ILE C 921 -34.67 26.99 -73.29
N ASN C 922 -34.25 26.76 -72.05
CA ASN C 922 -34.72 27.46 -70.86
C ASN C 922 -35.35 28.84 -71.06
N GLU C 923 -34.50 29.85 -71.20
CA GLU C 923 -34.96 31.22 -71.41
C GLU C 923 -36.13 31.24 -72.39
N GLU C 924 -36.09 30.34 -73.36
CA GLU C 924 -37.16 30.26 -74.34
C GLU C 924 -38.45 29.82 -73.67
N LYS C 925 -38.37 28.92 -72.70
CA LYS C 925 -39.59 28.52 -72.02
C LYS C 925 -40.11 29.71 -71.23
N ALA C 926 -39.21 30.42 -70.55
CA ALA C 926 -39.62 31.60 -69.80
C ALA C 926 -40.22 32.55 -70.83
N LEU C 927 -39.82 32.34 -72.08
CA LEU C 927 -40.27 33.14 -73.21
C LEU C 927 -41.57 32.54 -73.74
N ARG C 928 -41.44 31.43 -74.46
CA ARG C 928 -42.55 30.68 -75.08
C ARG C 928 -43.73 30.43 -74.13
N GLU C 929 -44.93 30.60 -74.68
CA GLU C 929 -46.22 30.44 -73.98
C GLU C 929 -46.20 30.71 -72.46
N ALA C 930 -45.08 31.26 -71.97
CA ALA C 930 -44.92 31.55 -70.57
C ALA C 930 -45.02 33.04 -70.35
N LYS C 931 -44.29 33.78 -71.17
CA LYS C 931 -44.24 35.24 -71.09
C LYS C 931 -45.58 35.89 -70.76
N GLU C 932 -46.59 35.68 -71.59
CA GLU C 932 -47.91 36.26 -71.35
C GLU C 932 -48.54 35.70 -70.09
N PHE C 933 -48.60 34.38 -70.00
CA PHE C 933 -49.17 33.74 -68.83
C PHE C 933 -48.62 34.39 -67.57
N MET C 934 -47.32 34.22 -67.36
CA MET C 934 -46.65 34.78 -66.19
C MET C 934 -47.11 36.18 -65.86
N GLU C 935 -47.05 37.07 -66.84
CA GLU C 935 -47.46 38.46 -66.63
C GLU C 935 -48.94 38.57 -66.28
N LYS C 936 -49.75 37.73 -66.92
CA LYS C 936 -51.19 37.72 -66.68
C LYS C 936 -51.48 37.29 -65.23
N GLU C 937 -50.74 36.29 -64.75
CA GLU C 937 -50.92 35.78 -63.42
C GLU C 937 -50.28 36.68 -62.37
N LEU C 938 -49.05 37.12 -62.64
CA LEU C 938 -48.36 38.00 -61.70
C LEU C 938 -48.86 39.44 -61.73
N GLY C 939 -49.53 39.81 -62.82
CA GLY C 939 -50.06 41.15 -62.97
C GLY C 939 -48.92 42.15 -63.03
N ILE C 940 -47.83 41.72 -63.64
CA ILE C 940 -46.63 42.52 -63.75
C ILE C 940 -45.98 42.34 -65.12
N GLU C 941 -45.16 43.29 -65.53
CA GLU C 941 -44.48 43.21 -66.82
C GLU C 941 -43.18 42.42 -66.70
N ILE C 942 -43.05 41.35 -67.48
CA ILE C 942 -41.85 40.52 -67.45
C ILE C 942 -40.95 40.93 -68.58
N ILE C 943 -39.65 40.92 -68.30
CA ILE C 943 -38.62 41.31 -69.27
C ILE C 943 -37.49 40.29 -69.19
N ILE C 944 -37.53 39.31 -70.07
CA ILE C 944 -36.51 38.26 -70.07
C ILE C 944 -35.20 38.79 -70.62
N ASN C 945 -34.11 38.05 -70.42
CA ASN C 945 -32.76 38.41 -70.87
C ASN C 945 -32.55 39.81 -71.45
N PRO C 946 -32.54 40.86 -70.61
CA PRO C 946 -32.35 42.22 -71.13
C PRO C 946 -30.93 42.42 -71.59
N THR C 947 -30.55 43.70 -71.66
CA THR C 947 -29.21 44.09 -72.06
C THR C 947 -28.71 45.03 -70.98
N GLU C 948 -29.53 46.03 -70.65
CA GLU C 948 -29.20 46.98 -69.63
C GLU C 948 -28.97 46.20 -68.34
N ASP C 949 -28.23 46.77 -67.39
CA ASP C 949 -27.99 46.09 -66.11
C ASP C 949 -28.71 46.81 -64.97
N LYS C 950 -29.74 46.15 -64.43
CA LYS C 950 -30.54 46.72 -63.34
C LYS C 950 -29.89 46.73 -61.95
N GLY C 951 -30.47 46.00 -61.01
CA GLY C 951 -29.91 45.97 -59.67
C GLY C 951 -28.79 44.96 -59.56
N GLY C 952 -27.90 44.96 -60.54
CA GLY C 952 -26.82 44.00 -60.51
C GLY C 952 -27.35 42.73 -61.12
N LYS C 953 -28.33 42.88 -61.99
CA LYS C 953 -28.91 41.73 -62.63
C LYS C 953 -27.87 40.88 -63.36
N LYS C 954 -27.64 41.23 -64.62
CA LYS C 954 -26.72 40.51 -65.49
C LYS C 954 -25.78 39.51 -64.83
N LYS C 955 -25.93 38.26 -65.25
CA LYS C 955 -25.14 37.13 -64.78
C LYS C 955 -24.75 37.07 -63.31
N GLN C 956 -25.52 37.75 -62.47
CA GLN C 956 -25.30 37.70 -61.04
C GLN C 956 -26.34 36.66 -60.66
N ALA C 957 -26.51 35.65 -61.51
CA ALA C 957 -27.50 34.59 -61.32
C ALA C 957 -27.02 33.15 -61.51
N MET C 958 -27.83 32.22 -61.04
CA MET C 958 -27.52 30.79 -61.10
C MET C 958 -28.52 29.96 -61.89
N PRO C 959 -28.10 28.77 -62.34
CA PRO C 959 -28.92 27.83 -63.11
C PRO C 959 -30.15 27.41 -62.31
N LEU C 960 -31.31 27.39 -62.97
CA LEU C 960 -32.56 27.00 -62.35
C LEU C 960 -33.00 28.03 -61.34
N LYS C 961 -32.16 29.04 -61.13
CA LYS C 961 -32.48 30.11 -60.21
C LYS C 961 -31.99 31.39 -60.85
N PRO C 962 -32.66 31.85 -61.92
CA PRO C 962 -32.22 33.09 -62.57
C PRO C 962 -32.25 34.23 -61.56
N ALA C 963 -31.64 35.36 -61.91
CA ALA C 963 -31.64 36.48 -61.00
C ALA C 963 -32.72 37.42 -61.46
N ILE C 964 -33.55 37.89 -60.53
CA ILE C 964 -34.62 38.80 -60.89
C ILE C 964 -34.53 40.06 -60.05
N PHE C 965 -35.02 41.16 -60.60
CA PHE C 965 -35.01 42.45 -59.93
C PHE C 965 -36.34 43.09 -60.23
N ILE C 966 -37.14 43.39 -59.22
CA ILE C 966 -38.44 44.02 -59.48
C ILE C 966 -38.27 45.54 -59.36
N GLU C 967 -38.72 46.25 -60.39
CA GLU C 967 -38.67 47.73 -60.50
C GLU C 967 -37.94 48.24 -61.77
N LEU D 4 20.28 7.48 43.94
CA LEU D 4 20.76 7.96 45.27
C LEU D 4 21.35 6.87 46.21
N ASN D 5 21.79 5.73 45.68
CA ASN D 5 22.38 4.65 46.50
C ASN D 5 23.48 3.84 45.79
N PHE D 6 23.08 3.11 44.75
CA PHE D 6 23.98 2.30 43.92
C PHE D 6 24.68 1.13 44.58
N LYS D 7 24.66 1.06 45.90
CA LYS D 7 25.33 -0.04 46.59
C LYS D 7 24.89 -1.40 46.04
N ALA D 8 23.59 -1.51 45.79
CA ALA D 8 23.00 -2.73 45.27
C ALA D 8 23.44 -2.97 43.84
N ILE D 9 23.65 -1.88 43.11
CA ILE D 9 24.08 -1.94 41.72
C ILE D 9 25.56 -2.29 41.62
N GLU D 10 26.38 -1.59 42.41
CA GLU D 10 27.82 -1.81 42.43
C GLU D 10 28.03 -3.31 42.37
N GLU D 11 27.58 -3.98 43.43
CA GLU D 11 27.70 -5.43 43.56
C GLU D 11 27.14 -6.17 42.37
N LYS D 12 25.98 -5.73 41.90
CA LYS D 12 25.34 -6.38 40.77
C LYS D 12 26.30 -6.56 39.60
N TRP D 13 27.12 -5.55 39.38
CA TRP D 13 28.06 -5.54 38.27
C TRP D 13 29.41 -6.18 38.48
N GLN D 14 29.93 -6.06 39.69
CA GLN D 14 31.21 -6.65 39.99
C GLN D 14 31.04 -8.15 39.75
N LYS D 15 29.88 -8.67 40.11
CA LYS D 15 29.59 -10.09 39.92
C LYS D 15 29.47 -10.39 38.43
N ARG D 16 28.76 -9.51 37.73
CA ARG D 16 28.54 -9.66 36.30
C ARG D 16 29.85 -9.67 35.54
N TRP D 17 30.63 -8.61 35.69
CA TRP D 17 31.94 -8.50 35.04
C TRP D 17 32.72 -9.75 35.37
N LEU D 18 32.85 -10.01 36.66
CA LEU D 18 33.57 -11.17 37.15
C LEU D 18 33.21 -12.45 36.41
N GLU D 19 31.99 -12.94 36.62
CA GLU D 19 31.54 -14.17 35.98
C GLU D 19 31.72 -14.18 34.47
N ALA D 20 31.55 -13.03 33.84
CA ALA D 20 31.71 -12.91 32.40
C ALA D 20 33.19 -13.09 32.05
N LYS D 21 34.06 -12.93 33.04
CA LYS D 21 35.51 -13.03 32.85
C LYS D 21 35.80 -12.14 31.66
N ILE D 22 35.19 -10.97 31.71
CA ILE D 22 35.30 -9.99 30.66
C ILE D 22 36.61 -9.23 30.77
N PHE D 23 37.14 -9.17 31.98
CA PHE D 23 38.39 -8.47 32.23
C PHE D 23 39.60 -9.40 32.32
N GLU D 24 39.48 -10.56 31.68
CA GLU D 24 40.54 -11.55 31.61
C GLU D 24 40.85 -11.71 30.13
N PRO D 25 41.69 -10.82 29.59
CA PRO D 25 42.09 -10.81 28.18
C PRO D 25 42.56 -12.13 27.59
N ASN D 26 42.39 -12.25 26.29
CA ASN D 26 42.80 -13.43 25.54
C ASN D 26 43.69 -12.88 24.44
N ILE D 27 44.91 -13.40 24.31
CA ILE D 27 45.80 -12.86 23.30
C ILE D 27 45.27 -13.00 21.86
N ARG D 28 44.74 -14.16 21.50
CA ARG D 28 44.22 -14.37 20.14
C ARG D 28 43.15 -13.33 19.78
N ASP D 29 42.42 -12.88 20.80
CA ASP D 29 41.36 -11.88 20.62
C ASP D 29 41.74 -10.81 19.62
N LYS D 30 43.01 -10.40 19.64
CA LYS D 30 43.50 -9.36 18.74
C LYS D 30 44.98 -9.48 18.45
N PRO D 31 45.47 -8.69 17.47
CA PRO D 31 46.88 -8.67 17.07
C PRO D 31 47.72 -8.01 18.18
N LYS D 32 49.04 -8.06 18.09
CA LYS D 32 49.89 -7.49 19.13
C LYS D 32 49.91 -5.97 19.24
N GLU D 33 49.87 -5.24 18.12
CA GLU D 33 49.92 -3.78 18.21
C GLU D 33 48.64 -3.20 18.81
N LYS D 34 47.78 -4.08 19.29
CA LYS D 34 46.52 -3.69 19.92
C LYS D 34 46.62 -3.88 21.42
N LYS D 35 47.49 -4.80 21.83
CA LYS D 35 47.70 -5.12 23.23
C LYS D 35 48.02 -3.86 24.03
N PHE D 36 47.81 -3.93 25.34
CA PHE D 36 48.09 -2.79 26.18
C PHE D 36 48.35 -3.25 27.59
N TYR D 37 49.46 -3.93 27.81
CA TYR D 37 49.82 -4.39 29.13
C TYR D 37 50.04 -3.14 29.97
N ILE D 38 49.65 -3.16 31.24
CA ILE D 38 49.78 -2.01 32.13
C ILE D 38 49.69 -2.50 33.57
N THR D 39 50.63 -2.09 34.41
CA THR D 39 50.64 -2.53 35.80
C THR D 39 50.90 -1.41 36.82
N VAL D 40 50.75 -1.76 38.09
CA VAL D 40 50.99 -0.85 39.19
C VAL D 40 51.57 -1.66 40.34
N ALA D 41 52.35 -1.02 41.20
CA ALA D 41 52.99 -1.72 42.31
C ALA D 41 52.07 -2.45 43.28
N PHE D 42 52.18 -3.77 43.34
CA PHE D 42 51.34 -4.51 44.28
C PHE D 42 51.60 -4.02 45.69
N PRO D 43 50.54 -3.64 46.41
CA PRO D 43 50.67 -3.13 47.77
C PRO D 43 51.35 -4.11 48.70
N TYR D 44 51.70 -3.62 49.88
CA TYR D 44 52.33 -4.45 50.88
C TYR D 44 51.23 -4.75 51.90
N LEU D 45 50.64 -5.94 51.79
CA LEU D 45 49.58 -6.38 52.68
C LEU D 45 50.00 -6.23 54.13
N SER D 46 49.76 -5.07 54.71
CA SER D 46 50.15 -4.82 56.09
C SER D 46 49.03 -4.13 56.84
N GLY D 47 47.96 -3.81 56.11
CA GLY D 47 46.83 -3.14 56.70
C GLY D 47 45.85 -2.77 55.61
N HIS D 48 45.05 -1.75 55.84
CA HIS D 48 44.10 -1.35 54.85
C HIS D 48 44.62 -0.19 54.04
N LEU D 49 44.53 -0.29 52.73
CA LEU D 49 44.98 0.79 51.87
C LEU D 49 44.06 1.94 52.22
N HIS D 50 44.59 3.16 52.19
CA HIS D 50 43.77 4.31 52.49
C HIS D 50 43.45 5.01 51.19
N VAL D 51 42.75 6.14 51.28
CA VAL D 51 42.37 6.91 50.09
C VAL D 51 43.59 7.23 49.25
N GLY D 52 44.70 7.52 49.91
CA GLY D 52 45.93 7.83 49.18
C GLY D 52 46.26 6.73 48.20
N HIS D 53 46.47 5.52 48.71
CA HIS D 53 46.78 4.41 47.85
C HIS D 53 45.63 4.18 46.89
N ALA D 54 44.45 4.63 47.27
CA ALA D 54 43.27 4.46 46.44
C ALA D 54 43.60 4.94 45.05
N ARG D 55 44.03 6.19 44.98
CA ARG D 55 44.40 6.87 43.74
C ARG D 55 45.44 6.19 42.89
N THR D 56 46.47 5.65 43.53
CA THR D 56 47.53 4.98 42.80
C THR D 56 46.96 3.88 41.94
N TYR D 57 45.84 3.32 42.37
CA TYR D 57 45.24 2.21 41.64
C TYR D 57 44.16 2.55 40.65
N THR D 58 43.34 3.54 40.96
CA THR D 58 42.27 3.93 40.07
C THR D 58 42.87 4.26 38.70
N ILE D 59 43.87 5.14 38.74
CA ILE D 59 44.56 5.61 37.55
C ILE D 59 44.91 4.50 36.59
N PRO D 60 45.63 3.48 37.07
CA PRO D 60 45.91 2.44 36.08
C PRO D 60 44.62 1.78 35.56
N ASP D 61 43.57 1.74 36.37
CA ASP D 61 42.30 1.14 35.97
C ASP D 61 41.65 2.06 34.95
N VAL D 62 41.45 3.31 35.35
CA VAL D 62 40.86 4.31 34.49
C VAL D 62 41.43 4.26 33.09
N ILE D 63 42.73 4.00 33.00
CA ILE D 63 43.39 3.95 31.71
C ILE D 63 43.20 2.59 31.07
N ALA D 64 43.12 1.58 31.92
CA ALA D 64 42.92 0.19 31.48
C ALA D 64 41.54 0.05 30.88
N ARG D 65 40.57 0.70 31.51
CA ARG D 65 39.21 0.68 31.02
C ARG D 65 39.26 1.46 29.72
N PHE D 66 39.49 2.76 29.84
CA PHE D 66 39.61 3.69 28.70
C PHE D 66 40.19 3.04 27.45
N LYS D 67 41.43 2.58 27.55
CA LYS D 67 42.07 1.96 26.40
C LYS D 67 41.35 0.68 26.00
N ARG D 68 40.66 0.04 26.93
CA ARG D 68 39.98 -1.20 26.57
C ARG D 68 38.85 -0.83 25.63
N MET D 69 38.08 0.20 25.98
CA MET D 69 36.99 0.67 25.14
C MET D 69 37.60 1.15 23.83
N GLN D 70 38.76 1.77 23.95
CA GLN D 70 39.48 2.30 22.80
C GLN D 70 39.73 1.21 21.77
N GLY D 71 39.56 -0.05 22.18
CA GLY D 71 39.76 -1.15 21.26
C GLY D 71 41.02 -1.97 21.47
N TYR D 72 41.76 -1.67 22.52
CA TYR D 72 43.00 -2.38 22.83
C TYR D 72 42.77 -3.64 23.66
N ASN D 73 43.56 -4.68 23.35
CA ASN D 73 43.52 -6.00 23.99
C ASN D 73 43.99 -6.03 25.47
N VAL D 74 43.95 -4.89 26.14
CA VAL D 74 44.33 -4.70 27.55
C VAL D 74 44.57 -5.85 28.56
N LEU D 75 45.71 -5.78 29.26
CA LEU D 75 46.06 -6.76 30.33
C LEU D 75 46.44 -5.98 31.60
N PHE D 76 45.62 -6.06 32.63
CA PHE D 76 45.86 -5.31 33.85
C PHE D 76 45.60 -6.22 35.06
N PRO D 77 46.66 -6.90 35.55
CA PRO D 77 46.59 -7.82 36.70
C PRO D 77 46.89 -7.16 38.02
N MET D 78 46.95 -7.98 39.06
CA MET D 78 47.23 -7.53 40.39
C MET D 78 47.61 -8.73 41.27
N ALA D 79 48.54 -8.52 42.20
CA ALA D 79 48.99 -9.57 43.10
C ALA D 79 49.28 -8.95 44.46
N TRP D 80 49.86 -9.71 45.38
CA TRP D 80 50.16 -9.17 46.70
C TRP D 80 51.65 -9.27 47.05
N HIS D 81 52.17 -8.22 47.65
CA HIS D 81 53.57 -8.16 48.05
C HIS D 81 53.64 -8.33 49.56
N ILE D 82 54.38 -9.34 50.01
CA ILE D 82 54.55 -9.61 51.43
C ILE D 82 56.02 -9.77 51.88
N THR D 83 56.93 -10.07 50.96
CA THR D 83 58.36 -10.23 51.28
C THR D 83 58.81 -9.02 52.11
N GLY D 84 59.05 -9.22 53.40
CA GLY D 84 59.46 -8.09 54.23
C GLY D 84 59.68 -8.39 55.69
N SER D 85 59.61 -7.34 56.51
CA SER D 85 59.84 -7.44 57.95
C SER D 85 58.86 -6.72 58.88
N PRO D 86 58.11 -5.72 58.37
CA PRO D 86 57.18 -5.04 59.27
C PRO D 86 56.18 -6.02 59.86
N ILE D 87 55.44 -6.68 58.98
CA ILE D 87 54.43 -7.66 59.39
C ILE D 87 54.96 -8.48 60.55
N VAL D 88 56.07 -9.16 60.29
CA VAL D 88 56.71 -9.98 61.30
C VAL D 88 56.79 -9.22 62.62
N GLY D 89 57.60 -8.17 62.67
CA GLY D 89 57.72 -7.40 63.89
C GLY D 89 56.37 -7.05 64.52
N ILE D 90 55.41 -6.70 63.67
CA ILE D 90 54.08 -6.34 64.15
C ILE D 90 53.49 -7.47 64.97
N ALA D 91 53.59 -8.69 64.42
CA ALA D 91 53.10 -9.88 65.09
C ALA D 91 53.58 -9.87 66.53
N GLU D 92 54.88 -10.02 66.74
CA GLU D 92 55.46 -10.02 68.09
C GLU D 92 54.85 -8.90 68.94
N ARG D 93 54.76 -7.70 68.37
CA ARG D 93 54.22 -6.57 69.10
C ARG D 93 52.81 -6.76 69.67
N ILE D 94 51.90 -7.34 68.89
CA ILE D 94 50.55 -7.57 69.40
C ILE D 94 50.63 -8.72 70.40
N LYS D 95 51.62 -9.57 70.20
CA LYS D 95 51.85 -10.70 71.08
C LYS D 95 52.10 -10.11 72.46
N ASN D 96 53.17 -9.32 72.55
CA ASN D 96 53.55 -8.67 73.78
C ASN D 96 52.37 -7.81 74.24
N ARG D 97 51.28 -7.88 73.49
CA ARG D 97 50.07 -7.15 73.77
C ARG D 97 50.42 -5.67 73.88
N ASP D 98 50.95 -5.14 72.79
CA ASP D 98 51.38 -3.75 72.71
C ASP D 98 50.21 -2.77 72.64
N PRO D 99 50.12 -1.85 73.62
CA PRO D 99 49.04 -0.88 73.63
C PRO D 99 48.84 -0.10 72.33
N LYS D 100 49.91 0.49 71.79
CA LYS D 100 49.76 1.27 70.56
C LYS D 100 49.49 0.43 69.31
N THR D 101 50.29 -0.59 69.07
CA THR D 101 50.07 -1.39 67.88
C THR D 101 48.66 -2.02 67.85
N ILE D 102 48.16 -2.43 69.01
CA ILE D 102 46.83 -3.04 69.04
C ILE D 102 45.77 -1.97 68.79
N TRP D 103 46.05 -0.75 69.22
CA TRP D 103 45.12 0.36 69.01
C TRP D 103 45.08 0.68 67.52
N ILE D 104 46.19 0.43 66.84
CA ILE D 104 46.32 0.69 65.41
C ILE D 104 45.55 -0.32 64.57
N TYR D 105 45.22 -1.45 65.18
CA TYR D 105 44.48 -2.48 64.45
C TYR D 105 43.08 -2.65 64.98
N ARG D 106 42.87 -2.20 66.22
CA ARG D 106 41.57 -2.34 66.84
C ARG D 106 40.68 -1.14 66.57
N ASP D 107 41.28 0.02 66.36
CA ASP D 107 40.52 1.24 66.10
C ASP D 107 40.75 1.84 64.73
N VAL D 108 42.01 1.91 64.31
CA VAL D 108 42.30 2.49 63.00
C VAL D 108 41.95 1.55 61.87
N TYR D 109 42.62 0.40 61.82
CA TYR D 109 42.33 -0.55 60.75
C TYR D 109 41.12 -1.41 61.09
N LYS D 110 40.53 -1.14 62.25
CA LYS D 110 39.35 -1.85 62.73
C LYS D 110 39.35 -3.34 62.42
N VAL D 111 39.73 -4.12 63.42
CA VAL D 111 39.78 -5.57 63.28
C VAL D 111 39.01 -6.15 64.46
N PRO D 112 38.13 -7.14 64.19
CA PRO D 112 37.32 -7.78 65.23
C PRO D 112 38.16 -8.14 66.43
N GLU D 113 37.95 -7.38 67.51
CA GLU D 113 38.69 -7.58 68.77
C GLU D 113 39.24 -8.99 68.87
N GLU D 114 38.43 -9.97 68.48
CA GLU D 114 38.81 -11.38 68.49
C GLU D 114 39.96 -11.64 67.51
N ILE D 115 39.64 -11.69 66.23
CA ILE D 115 40.61 -11.95 65.15
C ILE D 115 41.99 -11.36 65.41
N LEU D 116 42.01 -10.15 65.94
CA LEU D 116 43.26 -9.46 66.21
C LEU D 116 44.25 -10.41 66.85
N TRP D 117 43.92 -10.82 68.07
CA TRP D 117 44.77 -11.71 68.86
C TRP D 117 45.44 -12.84 68.10
N THR D 118 44.83 -13.29 67.01
CA THR D 118 45.39 -14.37 66.20
C THR D 118 46.54 -13.86 65.36
N PHE D 119 46.97 -12.62 65.61
CA PHE D 119 48.04 -12.01 64.84
C PHE D 119 49.47 -12.39 65.25
N GLU D 120 49.63 -13.01 66.42
CA GLU D 120 50.97 -13.42 66.87
C GLU D 120 51.60 -14.14 65.68
N ASP D 121 50.73 -14.75 64.88
CA ASP D 121 51.12 -15.46 63.67
C ASP D 121 51.18 -14.43 62.56
N PRO D 122 52.36 -14.25 61.94
CA PRO D 122 52.48 -13.27 60.86
C PRO D 122 51.56 -13.64 59.69
N ILE D 123 51.61 -14.92 59.30
CA ILE D 123 50.79 -15.43 58.20
C ILE D 123 49.31 -15.07 58.36
N ASN D 124 48.89 -14.81 59.59
CA ASN D 124 47.50 -14.43 59.85
C ASN D 124 47.31 -12.97 59.44
N ILE D 125 48.38 -12.19 59.56
CA ILE D 125 48.33 -10.78 59.18
C ILE D 125 48.45 -10.68 57.67
N VAL D 126 49.20 -11.61 57.07
CA VAL D 126 49.35 -11.60 55.63
C VAL D 126 48.17 -12.34 55.03
N LYS D 127 47.24 -12.74 55.91
CA LYS D 127 46.04 -13.46 55.49
C LYS D 127 44.81 -12.58 55.53
N TYR D 128 44.55 -11.97 56.69
CA TYR D 128 43.40 -11.11 56.86
C TYR D 128 43.42 -9.90 55.93
N PHE D 129 44.61 -9.39 55.63
CA PHE D 129 44.71 -8.22 54.77
C PHE D 129 44.88 -8.51 53.30
N MET D 130 45.30 -9.72 52.97
CA MET D 130 45.42 -10.05 51.57
C MET D 130 43.97 -10.12 51.10
N LYS D 131 43.15 -10.74 51.94
CA LYS D 131 41.72 -10.89 51.69
C LYS D 131 41.08 -9.52 51.70
N ALA D 132 41.44 -8.70 52.69
CA ALA D 132 40.89 -7.36 52.82
C ALA D 132 41.21 -6.43 51.65
N ALA D 133 42.20 -6.82 50.85
CA ALA D 133 42.60 -6.03 49.69
C ALA D 133 41.81 -6.48 48.46
N LYS D 134 42.05 -7.71 48.02
CA LYS D 134 41.35 -8.26 46.86
C LYS D 134 39.86 -7.92 46.88
N GLU D 135 39.28 -7.84 48.07
CA GLU D 135 37.88 -7.52 48.19
C GLU D 135 37.66 -6.03 47.93
N THR D 136 38.49 -5.18 48.54
CA THR D 136 38.36 -3.75 48.36
C THR D 136 38.68 -3.33 46.93
N PHE D 137 39.62 -4.03 46.31
CA PHE D 137 39.96 -3.71 44.93
C PHE D 137 38.75 -4.04 44.09
N ILE D 138 38.18 -5.22 44.33
CA ILE D 138 37.03 -5.66 43.57
C ILE D 138 35.78 -4.88 43.96
N ARG D 139 35.73 -4.38 45.20
CA ARG D 139 34.60 -3.58 45.66
C ARG D 139 34.68 -2.16 45.12
N ALA D 140 35.74 -1.87 44.39
CA ALA D 140 35.95 -0.54 43.80
C ALA D 140 35.94 -0.75 42.30
N GLY D 141 35.67 -1.99 41.94
CA GLY D 141 35.58 -2.41 40.56
C GLY D 141 36.73 -2.14 39.63
N PHE D 142 37.88 -2.76 39.85
CA PHE D 142 39.02 -2.56 38.96
C PHE D 142 39.03 -3.60 37.82
N SER D 143 39.38 -3.16 36.61
CA SER D 143 39.42 -4.03 35.44
C SER D 143 40.40 -5.19 35.56
N VAL D 144 40.80 -5.48 36.80
CA VAL D 144 41.76 -6.53 37.13
C VAL D 144 41.54 -7.95 36.64
N ASP D 145 42.54 -8.49 35.97
CA ASP D 145 42.50 -9.87 35.46
C ASP D 145 43.00 -10.76 36.58
N TRP D 146 42.13 -11.14 37.50
CA TRP D 146 42.54 -11.97 38.62
C TRP D 146 43.06 -13.34 38.21
N SER D 147 42.88 -13.70 36.95
CA SER D 147 43.37 -14.99 36.47
C SER D 147 44.82 -15.12 36.93
N ARG D 148 45.56 -14.06 36.68
CA ARG D 148 46.97 -13.97 37.04
C ARG D 148 47.07 -13.35 38.42
N GLU D 149 47.12 -14.19 39.45
CA GLU D 149 47.23 -13.65 40.80
C GLU D 149 48.10 -14.53 41.65
N PHE D 150 48.93 -13.90 42.47
CA PHE D 150 49.81 -14.62 43.35
C PHE D 150 50.23 -13.65 44.47
N TYR D 151 50.87 -14.21 45.49
CA TYR D 151 51.44 -13.41 46.59
C TYR D 151 52.93 -13.62 46.49
N THR D 152 53.72 -12.90 47.27
CA THR D 152 55.16 -13.05 47.19
C THR D 152 55.73 -14.05 48.20
N THR D 153 57.07 -14.07 48.28
CA THR D 153 57.88 -14.92 49.17
C THR D 153 57.99 -16.40 48.82
N SER D 154 58.74 -17.10 49.67
CA SER D 154 58.99 -18.53 49.59
C SER D 154 57.66 -19.25 49.78
N LEU D 155 56.62 -18.49 50.11
CA LEU D 155 55.33 -19.10 50.33
C LEU D 155 54.55 -19.33 49.04
N PHE D 156 55.04 -18.76 47.92
CA PHE D 156 54.39 -18.99 46.64
C PHE D 156 55.46 -19.57 45.71
N PRO D 157 55.87 -20.81 46.00
CA PRO D 157 56.88 -21.63 45.32
C PRO D 157 57.26 -21.28 43.88
N PRO D 158 56.27 -21.22 42.97
CA PRO D 158 56.58 -20.90 41.57
C PRO D 158 57.16 -19.49 41.38
N PHE D 159 56.74 -18.56 42.23
CA PHE D 159 57.23 -17.19 42.13
C PHE D 159 58.67 -17.19 42.58
N SER D 160 58.91 -17.70 43.78
CA SER D 160 60.26 -17.74 44.33
C SER D 160 61.22 -18.34 43.30
N LYS D 161 60.78 -19.38 42.60
CA LYS D 161 61.63 -19.98 41.58
C LYS D 161 61.94 -18.92 40.54
N PHE D 162 60.93 -18.15 40.15
CA PHE D 162 61.11 -17.06 39.17
C PHE D 162 62.13 -16.10 39.77
N ILE D 163 61.83 -15.62 40.97
CA ILE D 163 62.70 -14.71 41.71
C ILE D 163 64.13 -15.28 41.76
N GLU D 164 64.25 -16.58 42.04
CA GLU D 164 65.56 -17.23 42.09
C GLU D 164 66.24 -17.03 40.75
N TRP D 165 65.67 -17.66 39.71
CA TRP D 165 66.19 -17.54 38.36
C TRP D 165 66.74 -16.14 38.17
N GLN D 166 65.95 -15.14 38.56
CA GLN D 166 66.38 -13.75 38.40
C GLN D 166 67.74 -13.49 39.04
N PHE D 167 67.81 -13.61 40.36
CA PHE D 167 69.06 -13.37 41.08
C PHE D 167 70.25 -14.16 40.59
N TRP D 168 70.03 -15.42 40.18
CA TRP D 168 71.14 -16.21 39.66
C TRP D 168 71.63 -15.50 38.39
N LYS D 169 70.69 -15.15 37.53
CA LYS D 169 70.99 -14.47 36.29
C LYS D 169 71.65 -13.13 36.62
N LEU D 170 71.64 -12.77 37.90
CA LEU D 170 72.24 -11.51 38.34
C LEU D 170 73.72 -11.66 38.68
N LYS D 171 74.19 -12.91 38.67
CA LYS D 171 75.60 -13.19 38.94
C LYS D 171 76.32 -13.30 37.60
N GLU D 172 75.64 -13.89 36.62
CA GLU D 172 76.20 -14.06 35.29
C GLU D 172 76.72 -12.72 34.75
N LYS D 173 76.21 -11.63 35.32
CA LYS D 173 76.62 -10.30 34.91
C LYS D 173 77.53 -9.67 35.94
N GLY D 174 77.60 -10.27 37.12
CA GLY D 174 78.44 -9.74 38.18
C GLY D 174 77.91 -8.47 38.80
N TYR D 175 76.61 -8.45 39.11
CA TYR D 175 76.02 -7.29 39.73
C TYR D 175 75.75 -7.64 41.19
N ILE D 176 76.17 -8.84 41.57
CA ILE D 176 76.00 -9.28 42.95
C ILE D 176 77.37 -9.30 43.58
N VAL D 177 77.52 -8.58 44.68
CA VAL D 177 78.79 -8.53 45.38
C VAL D 177 78.59 -8.50 46.89
N LYS D 178 79.68 -8.70 47.63
CA LYS D 178 79.64 -8.66 49.07
C LYS D 178 80.61 -7.57 49.51
N GLY D 179 80.42 -7.04 50.70
CA GLY D 179 81.30 -5.99 51.17
C GLY D 179 80.91 -5.45 52.53
N ALA D 180 81.66 -4.46 53.00
CA ALA D 180 81.38 -3.85 54.28
C ALA D 180 80.01 -3.21 54.23
N HIS D 181 79.56 -2.69 55.37
CA HIS D 181 78.27 -2.02 55.47
C HIS D 181 77.88 -1.67 56.89
N ARG D 182 77.86 -0.37 57.18
CA ARG D 182 77.48 0.15 58.48
C ARG D 182 75.96 -0.04 58.62
N VAL D 183 75.41 0.27 59.79
CA VAL D 183 73.97 0.15 60.00
C VAL D 183 73.60 0.23 61.49
N ARG D 184 72.69 1.14 61.83
CA ARG D 184 72.26 1.26 63.21
C ARG D 184 72.03 -0.17 63.73
N TRP D 185 72.29 -0.40 65.01
CA TRP D 185 72.14 -1.74 65.57
C TRP D 185 71.81 -1.71 67.06
N ASP D 186 71.21 -2.78 67.55
CA ASP D 186 70.85 -2.92 68.96
C ASP D 186 71.71 -4.01 69.60
N PRO D 187 72.61 -3.62 70.51
CA PRO D 187 73.50 -4.55 71.20
C PRO D 187 72.85 -5.56 72.16
N VAL D 188 71.53 -5.73 72.08
CA VAL D 188 70.83 -6.69 72.93
C VAL D 188 71.53 -8.05 72.78
N VAL D 189 71.06 -8.86 71.84
CA VAL D 189 71.69 -10.16 71.57
C VAL D 189 72.04 -10.12 70.08
N GLY D 190 71.53 -9.09 69.40
CA GLY D 190 71.80 -8.92 67.98
C GLY D 190 70.55 -8.55 67.20
N THR D 191 70.60 -7.44 66.45
CA THR D 191 69.46 -6.99 65.65
C THR D 191 69.64 -5.62 64.99
N PRO D 192 69.42 -5.54 63.66
CA PRO D 192 69.54 -4.30 62.90
C PRO D 192 68.43 -3.31 63.24
N LEU D 193 68.74 -2.02 63.17
CA LEU D 193 67.75 -0.99 63.47
C LEU D 193 67.52 -0.16 62.21
N GLY D 194 66.57 -0.60 61.40
CA GLY D 194 66.23 0.08 60.16
C GLY D 194 65.65 1.47 60.27
N ASP D 195 66.20 2.28 61.19
CA ASP D 195 65.75 3.65 61.37
C ASP D 195 64.29 3.70 61.84
N HIS D 196 63.84 2.63 62.50
CA HIS D 196 62.47 2.58 62.97
C HIS D 196 62.37 2.09 64.41
N ASP D 197 63.20 1.13 64.78
CA ASP D 197 63.17 0.58 66.13
C ASP D 197 63.67 1.55 67.20
N LEU D 198 64.56 2.46 66.81
CA LEU D 198 65.09 3.43 67.76
C LEU D 198 63.95 4.10 68.54
N MET D 199 64.02 3.98 69.86
CA MET D 199 63.03 4.54 70.75
C MET D 199 63.23 6.06 70.88
N GLU D 200 64.30 6.57 70.28
CA GLU D 200 64.60 8.00 70.34
C GLU D 200 65.62 8.46 69.30
N GLY D 201 65.53 9.73 68.93
CA GLY D 201 66.43 10.35 67.95
C GLY D 201 67.03 9.42 66.91
N GLU D 202 66.28 9.15 65.85
CA GLU D 202 66.76 8.26 64.79
C GLU D 202 67.36 9.07 63.65
N ASP D 203 67.44 10.39 63.82
CA ASP D 203 67.99 11.26 62.80
C ASP D 203 69.49 11.50 62.99
N VAL D 204 70.06 10.93 64.05
CA VAL D 204 71.49 11.09 64.30
C VAL D 204 72.28 10.48 63.13
N PRO D 205 72.98 11.33 62.36
CA PRO D 205 73.77 10.89 61.21
C PRO D 205 74.95 9.96 61.52
N ILE D 206 75.39 9.21 60.51
CA ILE D 206 76.50 8.28 60.66
C ILE D 206 77.81 8.90 60.22
N LEU D 207 78.50 9.54 61.16
CA LEU D 207 79.79 10.19 60.88
C LEU D 207 80.89 9.18 60.65
N ASP D 208 81.89 9.58 59.86
CA ASP D 208 83.02 8.72 59.54
C ASP D 208 84.35 9.14 60.15
N TYR D 209 84.36 9.42 61.45
CA TYR D 209 85.58 9.81 62.15
C TYR D 209 86.64 8.76 61.83
N ILE D 210 87.66 9.13 61.05
CA ILE D 210 88.70 8.18 60.73
C ILE D 210 89.83 8.31 61.74
N ILE D 211 90.33 7.16 62.16
CA ILE D 211 91.40 7.12 63.13
C ILE D 211 92.74 6.98 62.44
N ILE D 212 93.68 7.83 62.82
CA ILE D 212 95.03 7.83 62.28
C ILE D 212 95.91 7.20 63.35
N LYS D 213 96.35 5.98 63.09
CA LYS D 213 97.17 5.23 64.03
C LYS D 213 98.55 5.81 64.36
N PHE D 214 98.59 6.68 65.37
CA PHE D 214 99.86 7.26 65.80
C PHE D 214 100.67 6.17 66.50
N GLU D 215 101.99 6.30 66.49
CA GLU D 215 102.87 5.30 67.07
C GLU D 215 103.56 5.66 68.38
N LEU D 216 103.54 4.70 69.31
CA LEU D 216 104.17 4.84 70.62
C LEU D 216 105.16 3.71 70.76
N ARG D 217 106.23 3.76 69.99
CA ARG D 217 107.24 2.71 70.02
C ARG D 217 108.22 2.79 71.20
N GLU D 218 107.70 2.62 72.40
CA GLU D 218 108.54 2.63 73.59
C GLU D 218 108.77 1.20 74.04
N ASN D 219 109.36 1.04 75.21
CA ASN D 219 109.63 -0.28 75.76
C ASN D 219 109.95 -1.29 74.66
N GLY D 220 109.50 -2.52 74.86
CA GLY D 220 109.75 -3.57 73.90
C GLY D 220 109.63 -3.08 72.47
N GLU D 221 108.40 -3.00 71.97
CA GLU D 221 108.16 -2.57 70.61
C GLU D 221 106.86 -1.77 70.38
N VAL D 222 106.43 -1.73 69.12
CA VAL D 222 105.24 -0.99 68.66
C VAL D 222 103.93 -1.13 69.42
N ILE D 223 103.04 -0.17 69.17
CA ILE D 223 101.72 -0.09 69.75
C ILE D 223 101.10 1.22 69.26
N TYR D 224 99.86 1.17 68.80
CA TYR D 224 99.23 2.38 68.27
C TYR D 224 98.20 3.07 69.15
N LEU D 225 98.18 4.39 69.00
CA LEU D 225 97.25 5.25 69.70
C LEU D 225 96.49 5.93 68.58
N PRO D 226 95.55 5.21 67.96
CA PRO D 226 94.75 5.73 66.86
C PRO D 226 93.77 6.84 67.24
N ALA D 227 94.14 8.08 66.92
CA ALA D 227 93.28 9.22 67.20
C ALA D 227 92.35 9.40 66.01
N ALA D 228 91.11 9.81 66.29
CA ALA D 228 90.12 10.00 65.24
C ALA D 228 89.76 11.45 64.98
N THR D 229 89.92 11.87 63.72
CA THR D 229 89.61 13.23 63.31
C THR D 229 88.83 13.18 62.00
N LEU D 230 87.87 14.09 61.87
CA LEU D 230 87.06 14.17 60.66
C LEU D 230 87.77 15.04 59.63
N ARG D 231 88.95 15.53 60.01
CA ARG D 231 89.76 16.37 59.12
C ARG D 231 91.12 15.72 58.88
N PRO D 232 91.16 14.73 57.97
CA PRO D 232 92.39 14.01 57.63
C PRO D 232 93.51 14.96 57.20
N GLU D 233 93.12 16.16 56.81
CA GLU D 233 94.08 17.17 56.36
C GLU D 233 94.94 17.74 57.47
N THR D 234 94.42 17.77 58.69
CA THR D 234 95.16 18.33 59.81
C THR D 234 96.41 17.53 60.22
N VAL D 235 96.59 16.34 59.64
CA VAL D 235 97.74 15.52 59.96
C VAL D 235 99.05 16.29 59.87
N TYR D 236 99.25 16.94 58.73
CA TYR D 236 100.48 17.71 58.51
C TYR D 236 100.60 18.88 59.47
N GLY D 237 99.66 18.99 60.41
CA GLY D 237 99.70 20.09 61.36
C GLY D 237 99.66 19.63 62.81
N VAL D 238 99.93 18.35 63.03
CA VAL D 238 99.91 17.79 64.38
C VAL D 238 100.99 18.46 65.24
N THR D 239 100.58 18.99 66.39
CA THR D 239 101.53 19.66 67.28
C THR D 239 101.60 19.03 68.66
N ASN D 240 100.86 17.95 68.86
CA ASN D 240 100.82 17.22 70.13
C ASN D 240 99.58 16.34 70.16
N MET D 241 99.50 15.44 71.13
CA MET D 241 98.35 14.55 71.26
C MET D 241 97.48 14.91 72.44
N TRP D 242 96.26 14.41 72.44
CA TRP D 242 95.30 14.68 73.50
C TRP D 242 94.52 13.45 73.96
N VAL D 243 94.45 13.29 75.28
CA VAL D 243 93.71 12.19 75.87
C VAL D 243 93.01 12.79 77.07
N ASN D 244 92.43 11.95 77.91
CA ASN D 244 91.71 12.49 79.06
C ASN D 244 92.16 11.79 80.33
N PRO D 245 92.81 12.54 81.24
CA PRO D 245 93.28 11.96 82.51
C PRO D 245 92.12 11.28 83.24
N ASN D 246 91.02 12.02 83.42
CA ASN D 246 89.83 11.51 84.09
C ASN D 246 89.37 10.15 83.58
N ALA D 247 88.84 10.13 82.36
CA ALA D 247 88.36 8.89 81.74
C ALA D 247 89.50 7.89 81.62
N THR D 248 89.14 6.62 81.51
CA THR D 248 90.13 5.55 81.39
C THR D 248 90.22 5.05 79.96
N TYR D 249 91.25 4.26 79.66
CA TYR D 249 91.43 3.70 78.33
C TYR D 249 91.94 2.27 78.51
N VAL D 250 92.36 1.64 77.42
CA VAL D 250 92.87 0.28 77.49
C VAL D 250 93.85 -0.11 76.38
N LYS D 251 94.54 -1.22 76.61
CA LYS D 251 95.49 -1.76 75.66
C LYS D 251 94.88 -3.09 75.27
N ALA D 252 94.97 -3.45 74.00
CA ALA D 252 94.40 -4.71 73.56
C ALA D 252 94.82 -5.03 72.15
N LYS D 253 94.66 -6.29 71.77
CA LYS D 253 95.00 -6.73 70.43
C LYS D 253 93.75 -6.48 69.62
N VAL D 254 93.91 -6.08 68.36
CA VAL D 254 92.78 -5.81 67.47
C VAL D 254 93.04 -6.54 66.16
N ARG D 255 92.30 -7.62 65.92
CA ARG D 255 92.50 -8.42 64.73
C ARG D 255 91.44 -8.19 63.66
N ARG D 256 91.87 -8.20 62.40
CA ARG D 256 90.96 -8.00 61.29
C ARG D 256 91.03 -9.27 60.46
N LYS D 257 91.02 -9.12 59.14
CA LYS D 257 91.09 -10.27 58.26
C LYS D 257 92.13 -11.23 58.79
N ASP D 258 93.37 -10.75 58.89
CA ASP D 258 94.49 -11.54 59.41
C ASP D 258 95.44 -10.66 60.21
N LYS D 259 95.75 -9.49 59.63
CA LYS D 259 96.64 -8.52 60.26
C LYS D 259 96.25 -8.30 61.72
N GLU D 260 97.23 -8.31 62.61
CA GLU D 260 96.97 -8.11 64.03
C GLU D 260 97.81 -6.95 64.54
N GLU D 261 97.21 -6.09 65.34
CA GLU D 261 97.90 -4.96 65.93
C GLU D 261 97.51 -4.86 67.41
N THR D 262 98.14 -3.94 68.12
CA THR D 262 97.86 -3.75 69.54
C THR D 262 97.53 -2.28 69.71
N TRP D 263 96.30 -1.98 70.10
CA TRP D 263 95.86 -0.59 70.26
C TRP D 263 95.58 -0.14 71.69
N ILE D 264 95.67 1.16 71.88
CA ILE D 264 95.41 1.79 73.16
C ILE D 264 94.40 2.89 72.89
N VAL D 265 93.15 2.60 73.23
CA VAL D 265 92.04 3.55 73.04
C VAL D 265 91.05 3.48 74.20
N SER D 266 89.99 4.27 74.11
CA SER D 266 88.96 4.32 75.15
C SER D 266 88.26 2.98 75.38
N LYS D 267 87.98 2.68 76.65
CA LYS D 267 87.31 1.44 77.02
C LYS D 267 86.07 1.31 76.14
N GLU D 268 85.18 2.29 76.23
CA GLU D 268 83.97 2.30 75.43
C GLU D 268 84.35 2.22 73.96
N ALA D 269 85.45 2.87 73.59
CA ALA D 269 85.94 2.86 72.20
C ALA D 269 86.28 1.43 71.80
N ALA D 270 86.60 0.60 72.78
CA ALA D 270 86.91 -0.79 72.51
C ALA D 270 85.56 -1.38 72.16
N TYR D 271 84.61 -1.19 73.06
CA TYR D 271 83.25 -1.68 72.90
C TYR D 271 82.78 -1.50 71.47
N LYS D 272 82.52 -0.25 71.07
CA LYS D 272 82.05 0.04 69.72
C LYS D 272 82.82 -0.72 68.65
N LEU D 273 84.14 -0.69 68.76
CA LEU D 273 85.01 -1.36 67.80
C LEU D 273 84.85 -2.87 67.79
N SER D 274 84.48 -3.45 68.94
CA SER D 274 84.29 -4.89 69.03
C SER D 274 83.24 -5.34 68.02
N PHE D 275 82.33 -4.43 67.69
CA PHE D 275 81.28 -4.70 66.72
C PHE D 275 81.78 -4.31 65.35
N GLN D 276 82.54 -3.22 65.31
CA GLN D 276 83.06 -2.68 64.04
C GLN D 276 83.88 -3.63 63.17
N ASP D 277 83.62 -4.93 63.30
CA ASP D 277 84.29 -5.95 62.52
C ASP D 277 85.76 -6.15 62.84
N ARG D 278 86.06 -6.37 64.11
CA ARG D 278 87.44 -6.57 64.56
C ARG D 278 87.42 -7.21 65.92
N GLU D 279 88.09 -8.35 66.09
CA GLU D 279 88.12 -8.97 67.41
C GLU D 279 89.05 -8.14 68.28
N ILE D 280 88.55 -7.73 69.43
CA ILE D 280 89.32 -6.92 70.36
C ILE D 280 89.45 -7.64 71.68
N GLU D 281 90.57 -8.32 71.87
CA GLU D 281 90.79 -9.03 73.12
C GLU D 281 91.56 -8.07 74.03
N VAL D 282 90.92 -7.66 75.11
CA VAL D 282 91.53 -6.74 76.07
C VAL D 282 92.84 -7.28 76.59
N ILE D 283 93.58 -6.45 77.32
CA ILE D 283 94.87 -6.83 77.88
C ILE D 283 95.20 -5.99 79.11
N GLU D 284 94.96 -4.68 79.01
CA GLU D 284 95.27 -3.82 80.14
C GLU D 284 94.48 -2.51 80.11
N GLU D 285 93.99 -2.11 81.27
CA GLU D 285 93.23 -0.86 81.41
C GLU D 285 94.18 0.18 81.96
N PHE D 286 93.89 1.44 81.68
CA PHE D 286 94.73 2.53 82.16
C PHE D 286 93.98 3.35 83.20
N LYS D 287 94.42 4.58 83.40
CA LYS D 287 93.80 5.45 84.37
C LYS D 287 93.56 6.80 83.72
N GLY D 288 94.13 6.98 82.54
CA GLY D 288 93.96 8.23 81.83
C GLY D 288 95.23 9.03 81.62
N GLU D 289 95.77 9.56 82.72
CA GLU D 289 96.99 10.37 82.67
C GLU D 289 98.20 9.49 82.37
N LYS D 290 98.01 8.18 82.51
CA LYS D 290 99.08 7.23 82.24
C LYS D 290 99.70 7.58 80.89
N LEU D 291 98.89 7.52 79.84
CA LEU D 291 99.35 7.82 78.49
C LEU D 291 100.10 9.15 78.45
N ILE D 292 99.78 10.05 79.36
CA ILE D 292 100.45 11.33 79.39
C ILE D 292 101.93 11.13 79.62
N GLY D 293 102.73 11.94 78.93
CA GLY D 293 104.17 11.82 79.07
C GLY D 293 104.72 11.19 77.80
N LYS D 294 104.41 9.92 77.58
CA LYS D 294 104.90 9.25 76.39
C LYS D 294 104.75 10.15 75.18
N TYR D 295 105.57 9.90 74.18
CA TYR D 295 105.51 10.66 72.93
C TYR D 295 105.03 9.69 71.87
N VAL D 296 104.58 10.21 70.74
CA VAL D 296 104.10 9.37 69.66
C VAL D 296 104.41 10.01 68.30
N ARG D 297 104.95 9.20 67.39
CA ARG D 297 105.34 9.67 66.07
C ARG D 297 104.20 9.85 65.07
N ASN D 298 104.11 11.06 64.51
CA ASN D 298 103.08 11.36 63.52
C ASN D 298 103.32 10.44 62.32
N PRO D 299 102.43 9.47 62.11
CA PRO D 299 102.49 8.50 61.03
C PRO D 299 102.75 9.03 59.62
N VAL D 300 101.95 9.98 59.17
CA VAL D 300 102.10 10.54 57.84
C VAL D 300 103.45 11.20 57.60
N SER D 301 103.80 12.16 58.46
CA SER D 301 105.08 12.86 58.34
C SER D 301 106.20 11.98 58.86
N GLY D 302 107.03 12.54 59.74
CA GLY D 302 108.13 11.79 60.31
C GLY D 302 108.38 12.28 61.72
N ASP D 303 108.00 13.52 61.97
CA ASP D 303 108.18 14.14 63.28
C ASP D 303 107.51 13.35 64.38
N GLU D 304 107.68 13.81 65.61
CA GLU D 304 107.10 13.16 66.77
C GLU D 304 106.39 14.22 67.60
N VAL D 305 105.61 13.78 68.58
CA VAL D 305 104.88 14.70 69.44
C VAL D 305 104.61 14.09 70.80
N ILE D 306 104.26 14.94 71.77
CA ILE D 306 103.97 14.48 73.11
C ILE D 306 102.47 14.28 73.27
N ILE D 307 102.09 13.44 74.22
CA ILE D 307 100.68 13.19 74.50
C ILE D 307 100.27 14.08 75.66
N LEU D 308 99.58 15.17 75.34
CA LEU D 308 99.13 16.12 76.35
C LEU D 308 97.78 15.70 76.90
N PRO D 309 97.50 16.04 78.16
CA PRO D 309 96.24 15.70 78.81
C PRO D 309 95.23 16.79 78.47
N ALA D 310 93.95 16.42 78.49
CA ALA D 310 92.90 17.38 78.19
C ALA D 310 91.62 17.02 78.92
N GLU D 311 90.63 17.91 78.84
CA GLU D 311 89.36 17.69 79.50
C GLU D 311 88.22 17.64 78.48
N PHE D 312 88.39 18.33 77.36
CA PHE D 312 87.34 18.38 76.34
C PHE D 312 87.20 17.10 75.50
N VAL D 313 88.18 16.22 75.56
CA VAL D 313 88.10 14.99 74.79
C VAL D 313 87.05 14.02 75.32
N ASP D 314 86.01 13.80 74.51
CA ASP D 314 84.92 12.90 74.87
C ASP D 314 85.39 11.46 74.62
N PRO D 315 85.25 10.59 75.63
CA PRO D 315 85.66 9.18 75.55
C PRO D 315 84.68 8.35 74.71
N ASP D 316 83.39 8.48 75.03
CA ASP D 316 82.34 7.77 74.32
C ASP D 316 82.33 8.20 72.86
N ASN D 317 83.09 9.24 72.55
CA ASN D 317 83.17 9.76 71.19
C ASN D 317 84.45 9.31 70.51
N ALA D 318 84.31 8.36 69.58
CA ALA D 318 85.42 7.82 68.83
C ALA D 318 86.34 6.97 69.70
N THR D 319 87.65 7.16 69.49
CA THR D 319 88.68 6.43 70.22
C THR D 319 89.11 7.13 71.48
N GLY D 320 88.74 8.41 71.60
CA GLY D 320 89.11 9.16 72.79
C GLY D 320 90.36 9.97 72.52
N VAL D 321 91.34 9.33 71.90
CA VAL D 321 92.59 9.99 71.57
C VAL D 321 92.35 10.92 70.39
N VAL D 322 92.70 12.19 70.57
CA VAL D 322 92.50 13.22 69.56
C VAL D 322 93.80 13.88 69.11
N MET D 323 94.08 13.83 67.81
CA MET D 323 95.29 14.45 67.29
C MET D 323 95.09 15.95 67.35
N SER D 324 96.01 16.64 68.00
CA SER D 324 95.94 18.08 68.15
C SER D 324 96.66 18.87 67.05
N VAL D 325 95.96 19.86 66.50
CA VAL D 325 96.47 20.74 65.46
C VAL D 325 95.81 22.09 65.72
N PRO D 326 96.41 22.91 66.59
CA PRO D 326 95.93 24.24 66.98
C PRO D 326 96.00 25.29 65.87
N ALA D 327 96.79 25.00 64.85
CA ALA D 327 96.95 25.92 63.73
C ALA D 327 95.59 26.19 63.10
N HIS D 328 94.61 25.36 63.43
CA HIS D 328 93.27 25.52 62.87
C HIS D 328 92.18 25.21 63.89
N ALA D 329 91.66 23.98 63.89
CA ALA D 329 90.60 23.58 64.82
C ALA D 329 90.67 24.38 66.14
N PRO D 330 89.85 25.44 66.26
CA PRO D 330 89.77 26.32 67.43
C PRO D 330 89.70 25.66 68.81
N PHE D 331 89.44 24.36 68.85
CA PHE D 331 89.37 23.66 70.13
C PHE D 331 90.78 23.32 70.61
N ASP D 332 91.75 23.60 69.76
CA ASP D 332 93.14 23.33 70.07
C ASP D 332 93.85 24.53 70.68
N HIS D 333 93.65 24.69 71.98
CA HIS D 333 94.25 25.77 72.76
C HIS D 333 93.46 25.88 74.05
N VAL D 334 92.46 25.01 74.20
CA VAL D 334 91.63 25.03 75.41
C VAL D 334 92.44 24.60 76.61
N ALA D 335 93.01 23.41 76.54
CA ALA D 335 93.82 22.89 77.62
C ALA D 335 95.24 23.44 77.45
N LEU D 336 95.58 23.81 76.22
CA LEU D 336 96.90 24.36 75.93
C LEU D 336 97.15 25.57 76.82
N GLU D 337 96.12 26.40 77.00
CA GLU D 337 96.24 27.57 77.86
C GLU D 337 96.48 27.01 79.25
N ASP D 338 97.71 26.60 79.52
CA ASP D 338 98.09 26.01 80.80
C ASP D 338 98.23 27.06 81.89
N LEU D 339 97.89 26.66 83.10
CA LEU D 339 97.97 27.54 84.25
C LEU D 339 97.95 26.74 85.55
N LYS D 340 97.27 25.60 85.54
CA LYS D 340 97.18 24.76 86.72
C LYS D 340 98.49 24.04 87.07
N ARG D 341 98.39 23.13 88.04
CA ARG D 341 99.53 22.37 88.53
C ARG D 341 99.33 20.87 88.29
N GLU D 342 100.11 20.33 87.35
CA GLU D 342 100.03 18.91 87.00
C GLU D 342 101.31 18.12 87.33
N THR D 343 102.37 18.34 86.54
CA THR D 343 103.64 17.66 86.74
C THR D 343 104.79 18.29 85.94
N GLU D 344 105.13 17.68 84.79
CA GLU D 344 106.22 18.15 83.93
C GLU D 344 105.99 19.57 83.42
N ILE D 345 107.05 20.21 82.91
CA ILE D 345 106.93 21.58 82.40
C ILE D 345 107.88 21.90 81.24
N LEU D 346 107.80 23.13 80.74
CA LEU D 346 108.62 23.62 79.64
C LEU D 346 108.22 23.05 78.27
N GLU D 347 107.45 23.84 77.52
CA GLU D 347 106.98 23.45 76.20
C GLU D 347 106.08 24.55 75.64
N LYS D 348 105.73 25.49 76.52
CA LYS D 348 104.87 26.60 76.15
C LYS D 348 105.44 27.34 74.95
N TYR D 349 106.70 27.03 74.63
CA TYR D 349 107.39 27.65 73.50
C TYR D 349 107.58 26.68 72.34
N ASP D 350 106.59 25.82 72.14
CA ASP D 350 106.63 24.85 71.05
C ASP D 350 106.13 25.53 69.77
N ILE D 351 106.92 25.45 68.71
CA ILE D 351 106.56 26.05 67.44
C ILE D 351 105.10 25.71 67.10
N ASP D 352 104.46 26.55 66.29
CA ASP D 352 103.07 26.34 65.91
C ASP D 352 102.86 26.39 64.40
N PRO D 353 103.16 25.29 63.68
CA PRO D 353 102.99 25.27 62.23
C PRO D 353 101.54 25.52 61.85
N ARG D 354 101.22 25.39 60.57
CA ARG D 354 99.85 25.63 60.14
C ARG D 354 99.56 25.32 58.67
N ILE D 355 98.47 24.59 58.43
CA ILE D 355 98.03 24.24 57.08
C ILE D 355 97.25 25.48 56.66
N VAL D 356 96.44 25.36 55.60
CA VAL D 356 95.62 26.47 55.16
C VAL D 356 94.22 25.95 54.87
N PHE D 373 90.19 34.09 58.63
CA PHE D 373 90.64 34.98 57.53
C PHE D 373 92.17 35.06 57.49
N PRO D 374 92.82 35.28 58.65
CA PRO D 374 94.29 35.38 58.76
C PRO D 374 95.11 34.09 58.52
N ALA D 375 96.11 33.86 59.36
CA ALA D 375 96.98 32.69 59.25
C ALA D 375 96.89 31.76 60.47
N VAL D 376 97.82 31.92 61.40
CA VAL D 376 97.86 31.11 62.61
C VAL D 376 96.61 31.33 63.47
N GLU D 377 95.45 31.16 62.85
CA GLU D 377 94.14 31.35 63.49
C GLU D 377 94.16 31.31 65.04
N GLU D 378 93.40 32.23 65.61
CA GLU D 378 93.26 32.37 67.07
C GLU D 378 92.56 33.72 67.28
N VAL D 379 92.33 34.39 66.16
CA VAL D 379 91.68 35.69 66.14
C VAL D 379 90.18 35.43 66.12
N ASN D 380 89.83 34.16 66.03
CA ASN D 380 88.44 33.71 66.01
C ASN D 380 88.08 33.12 67.37
N LYS D 381 89.04 32.41 67.98
CA LYS D 381 88.82 31.80 69.29
C LYS D 381 88.64 32.88 70.35
N LEU D 382 89.58 33.81 70.40
CA LEU D 382 89.52 34.92 71.35
C LEU D 382 88.80 36.08 70.68
N GLY D 383 88.50 35.91 69.40
CA GLY D 383 87.79 36.92 68.64
C GLY D 383 86.36 36.94 69.13
N ILE D 384 86.11 36.12 70.15
CA ILE D 384 84.80 36.01 70.78
C ILE D 384 85.09 36.23 72.27
N LYS D 385 84.35 35.55 73.14
CA LYS D 385 84.54 35.69 74.58
C LYS D 385 84.68 34.33 75.25
N SER D 386 85.81 33.67 74.99
CA SER D 386 86.07 32.34 75.55
C SER D 386 87.25 32.36 76.51
N GLN D 387 87.04 31.84 77.72
CA GLN D 387 88.08 31.78 78.74
C GLN D 387 88.87 30.46 78.71
N LYS D 388 88.47 29.51 79.54
CA LYS D 388 89.15 28.21 79.62
C LYS D 388 88.46 27.12 78.81
N ASP D 389 87.62 26.33 79.46
CA ASP D 389 86.91 25.25 78.81
C ASP D 389 85.40 25.45 78.79
N LYS D 390 84.87 25.85 77.64
CA LYS D 390 83.43 26.10 77.49
C LYS D 390 82.90 25.47 76.20
N GLU D 391 81.78 24.74 76.33
CA GLU D 391 81.15 24.09 75.18
C GLU D 391 80.52 25.11 74.24
N LYS D 392 80.45 26.36 74.69
CA LYS D 392 79.88 27.43 73.88
C LYS D 392 80.66 27.54 72.58
N LEU D 393 81.81 26.88 72.55
CA LEU D 393 82.68 26.87 71.38
C LEU D 393 82.32 25.74 70.44
N GLU D 394 81.48 24.82 70.92
CA GLU D 394 81.06 23.67 70.13
C GLU D 394 80.56 24.10 68.75
N GLN D 395 80.43 25.41 68.56
CA GLN D 395 79.95 25.97 67.30
C GLN D 395 81.06 26.74 66.57
N ALA D 396 81.68 27.69 67.28
CA ALA D 396 82.75 28.50 66.71
C ALA D 396 83.91 27.61 66.26
N THR D 397 83.82 26.33 66.57
CA THR D 397 84.86 25.38 66.20
C THR D 397 84.67 24.85 64.79
N LYS D 398 83.43 24.87 64.30
CA LYS D 398 83.15 24.37 62.95
C LYS D 398 82.77 25.52 62.02
N THR D 399 82.90 26.74 62.51
CA THR D 399 82.59 27.92 61.71
C THR D 399 83.78 28.15 60.80
N ILE D 400 84.96 27.86 61.33
CA ILE D 400 86.21 28.02 60.60
C ILE D 400 86.38 26.89 59.59
N TYR D 401 85.79 25.74 59.92
CA TYR D 401 85.86 24.55 59.07
C TYR D 401 85.27 24.77 57.69
N LYS D 402 84.25 25.63 57.61
CA LYS D 402 83.57 25.93 56.35
C LYS D 402 84.22 27.02 55.49
N ALA D 403 84.61 28.11 56.13
CA ALA D 403 85.24 29.22 55.42
C ALA D 403 86.34 28.68 54.52
N GLU D 404 87.45 28.27 55.14
CA GLU D 404 88.58 27.73 54.41
C GLU D 404 88.31 26.26 54.05
N TYR D 405 87.13 26.01 53.50
CA TYR D 405 86.73 24.67 53.07
C TYR D 405 86.51 24.77 51.56
N HIS D 406 85.57 25.63 51.18
CA HIS D 406 85.29 25.87 49.76
C HIS D 406 86.32 26.87 49.27
N LYS D 407 86.66 27.81 50.15
CA LYS D 407 87.65 28.84 49.88
C LYS D 407 88.88 28.52 50.73
N GLY D 408 89.71 27.60 50.26
CA GLY D 408 90.89 27.25 51.02
C GLY D 408 92.03 26.68 50.19
N ILE D 409 92.99 27.54 49.84
CA ILE D 409 94.14 27.10 49.06
C ILE D 409 95.05 26.32 50.01
N PHE D 410 95.73 25.31 49.49
CA PHE D 410 96.60 24.46 50.30
C PHE D 410 98.08 24.86 50.26
N LYS D 411 98.68 24.94 51.44
CA LYS D 411 100.10 25.30 51.56
C LYS D 411 100.71 24.54 52.72
N VAL D 412 101.50 23.52 52.40
CA VAL D 412 102.16 22.68 53.40
C VAL D 412 103.41 22.10 52.74
N PRO D 413 104.36 21.57 53.55
CA PRO D 413 105.56 21.00 52.94
C PRO D 413 105.22 20.15 51.70
N PRO D 414 104.22 19.27 51.81
CA PRO D 414 103.86 18.44 50.65
C PRO D 414 103.03 19.24 49.64
N TYR D 415 102.65 18.56 48.55
CA TYR D 415 101.85 19.15 47.49
C TYR D 415 100.94 20.28 47.95
N GLU D 416 100.80 21.31 47.12
CA GLU D 416 99.96 22.46 47.46
C GLU D 416 99.12 22.95 46.28
N GLY D 417 98.42 24.06 46.49
CA GLY D 417 97.58 24.64 45.46
C GLY D 417 96.10 24.29 45.51
N LYS D 418 95.80 23.01 45.33
CA LYS D 418 94.43 22.49 45.33
C LYS D 418 93.61 22.94 46.55
N PRO D 419 92.26 22.84 46.46
CA PRO D 419 91.34 23.23 47.54
C PRO D 419 91.30 22.23 48.71
N VAL D 420 90.83 22.71 49.86
CA VAL D 420 90.73 21.88 51.06
C VAL D 420 89.92 20.61 50.81
N GLN D 421 88.85 20.73 50.03
CA GLN D 421 88.01 19.58 49.73
C GLN D 421 88.76 18.60 48.83
N GLU D 422 90.09 18.66 48.85
CA GLU D 422 90.89 17.77 48.02
C GLU D 422 91.91 16.97 48.83
N VAL D 423 92.57 17.61 49.80
CA VAL D 423 93.53 16.92 50.64
C VAL D 423 92.74 16.08 51.64
N LYS D 424 91.53 16.56 51.97
CA LYS D 424 90.63 15.87 52.87
C LYS D 424 90.09 14.70 52.08
N GLU D 425 90.83 14.31 51.05
CA GLU D 425 90.49 13.21 50.18
C GLU D 425 91.73 12.80 49.37
N ALA D 426 92.89 13.23 49.85
CA ALA D 426 94.17 12.90 49.21
C ALA D 426 95.01 12.26 50.30
N ILE D 427 94.69 12.64 51.53
CA ILE D 427 95.37 12.13 52.72
C ILE D 427 94.62 10.90 53.21
N ALA D 428 93.34 11.09 53.51
CA ALA D 428 92.48 10.03 53.99
C ALA D 428 92.41 8.88 52.99
N LYS D 429 92.64 9.19 51.72
CA LYS D 429 92.62 8.16 50.69
C LYS D 429 93.97 7.45 50.74
N GLU D 430 95.01 8.20 51.04
CA GLU D 430 96.37 7.65 51.13
C GLU D 430 96.60 6.85 52.41
N MET D 431 96.26 7.44 53.56
CA MET D 431 96.45 6.77 54.84
C MET D 431 95.70 5.44 54.87
N LEU D 432 94.40 5.50 54.57
CA LEU D 432 93.57 4.31 54.54
C LEU D 432 94.19 3.26 53.64
N GLU D 433 94.83 3.74 52.58
CA GLU D 433 95.48 2.86 51.62
C GLU D 433 96.74 2.21 52.16
N LYS D 434 97.57 3.00 52.85
CA LYS D 434 98.81 2.49 53.41
C LYS D 434 98.60 1.97 54.82
N GLY D 435 97.34 1.86 55.23
CA GLY D 435 97.01 1.37 56.56
C GLY D 435 97.57 2.25 57.64
N ILE D 436 97.79 3.52 57.30
CA ILE D 436 98.32 4.48 58.26
C ILE D 436 97.13 5.09 58.99
N ALA D 437 95.95 4.64 58.62
CA ALA D 437 94.71 5.11 59.23
C ALA D 437 93.54 4.19 58.89
N GLU D 438 92.59 4.09 59.81
CA GLU D 438 91.42 3.25 59.61
C GLU D 438 90.18 4.08 59.94
N ILE D 439 89.00 3.60 59.56
CA ILE D 439 87.79 4.36 59.81
C ILE D 439 86.91 3.81 60.91
N MET D 440 86.63 4.64 61.89
CA MET D 440 85.76 4.22 62.98
C MET D 440 84.44 4.96 62.82
N TYR D 441 83.36 4.19 62.67
CA TYR D 441 82.02 4.75 62.52
C TYR D 441 81.46 5.11 63.89
N GLU D 442 80.96 6.33 64.01
CA GLU D 442 80.37 6.78 65.27
C GLU D 442 79.40 7.95 65.09
N PHE D 443 78.34 7.94 65.88
CA PHE D 443 77.28 8.96 65.85
C PHE D 443 77.74 10.38 66.13
N ALA D 444 76.88 11.33 65.79
CA ALA D 444 77.17 12.75 66.00
C ALA D 444 76.74 13.13 67.41
N GLU D 445 75.79 12.36 67.95
CA GLU D 445 75.26 12.60 69.29
C GLU D 445 75.11 11.25 70.00
N LYS D 446 74.82 11.27 71.31
CA LYS D 446 74.68 10.03 72.08
C LYS D 446 73.24 9.58 72.26
N ASN D 447 72.28 10.43 71.89
CA ASN D 447 70.87 10.09 72.05
C ASN D 447 70.33 9.21 70.91
N VAL D 448 70.70 7.92 70.95
CA VAL D 448 70.26 6.94 69.97
C VAL D 448 69.99 5.63 70.70
N ILE D 449 68.78 5.47 71.20
CA ILE D 449 68.41 4.26 71.94
C ILE D 449 67.69 3.27 71.03
N SER D 450 67.77 1.99 71.39
CA SER D 450 67.15 0.90 70.63
C SER D 450 65.67 0.70 70.96
N ARG D 451 65.04 -0.25 70.28
CA ARG D 451 63.63 -0.55 70.51
C ARG D 451 63.39 -1.02 71.93
N PHE D 452 64.12 -2.05 72.34
CA PHE D 452 64.00 -2.60 73.69
C PHE D 452 64.28 -1.50 74.72
N GLY D 453 65.56 -1.20 74.91
CA GLY D 453 65.95 -0.18 75.87
C GLY D 453 67.46 0.06 75.85
N ASN D 454 68.19 -0.90 75.27
CA ASN D 454 69.64 -0.80 75.17
C ASN D 454 70.03 0.47 74.44
N ARG D 455 71.33 0.78 74.41
CA ARG D 455 71.83 1.97 73.72
C ARG D 455 72.38 1.51 72.36
N ALA D 456 72.05 2.24 71.30
CA ALA D 456 72.47 1.88 69.95
C ALA D 456 73.96 2.06 69.63
N VAL D 457 74.48 1.11 68.86
CA VAL D 457 75.88 1.12 68.42
C VAL D 457 75.83 0.94 66.90
N ILE D 458 76.95 0.55 66.30
CA ILE D 458 77.00 0.33 64.87
C ILE D 458 77.80 -0.92 64.57
N LYS D 459 77.30 -1.73 63.66
CA LYS D 459 78.00 -2.96 63.29
C LYS D 459 78.28 -3.03 61.80
N ILE D 460 79.51 -3.39 61.47
CA ILE D 460 79.90 -3.53 60.09
C ILE D 460 79.53 -4.94 59.68
N ILE D 461 78.98 -5.08 58.48
CA ILE D 461 78.59 -6.38 57.99
C ILE D 461 79.57 -6.81 56.91
N HIS D 462 80.31 -7.87 57.17
CA HIS D 462 81.27 -8.36 56.20
C HIS D 462 80.55 -8.92 54.97
N ASP D 463 79.78 -9.98 55.19
CA ASP D 463 79.03 -10.63 54.12
C ASP D 463 78.15 -9.65 53.34
N GLN D 464 77.12 -9.15 54.01
CA GLN D 464 76.14 -8.21 53.43
C GLN D 464 76.14 -8.19 51.92
N TRP D 465 75.32 -9.04 51.33
CA TRP D 465 75.23 -9.12 49.88
C TRP D 465 74.75 -7.79 49.31
N PHE D 466 75.18 -7.51 48.09
CA PHE D 466 74.81 -6.28 47.40
C PHE D 466 74.34 -6.53 45.97
N ILE D 467 73.81 -5.46 45.40
CA ILE D 467 73.39 -5.42 44.02
C ILE D 467 74.07 -4.14 43.61
N ASP D 468 75.10 -4.26 42.79
CA ASP D 468 75.85 -3.10 42.37
C ASP D 468 75.18 -2.30 41.28
N TYR D 469 74.37 -1.33 41.69
CA TYR D 469 73.71 -0.45 40.74
C TYR D 469 74.76 0.65 40.55
N GLY D 470 76.02 0.21 40.57
CA GLY D 470 77.14 1.12 40.40
C GLY D 470 77.82 0.81 39.09
N ASN D 471 78.14 -0.46 38.86
CA ASN D 471 78.78 -0.93 37.63
C ASN D 471 78.38 -0.07 36.44
N PRO D 472 79.18 0.96 36.11
CA PRO D 472 78.94 1.88 35.00
C PRO D 472 78.53 1.33 33.64
N GLU D 473 78.84 0.06 33.37
CA GLU D 473 78.48 -0.52 32.07
C GLU D 473 77.00 -0.87 32.06
N TRP D 474 76.46 -1.02 33.27
CA TRP D 474 75.06 -1.34 33.47
C TRP D 474 74.31 -0.03 33.67
N LYS D 475 74.92 0.89 34.43
CA LYS D 475 74.36 2.20 34.72
C LYS D 475 74.25 3.06 33.45
N GLU D 476 74.67 2.50 32.33
CA GLU D 476 74.56 3.19 31.06
C GLU D 476 73.45 2.45 30.36
N LYS D 477 73.53 1.12 30.42
CA LYS D 477 72.52 0.26 29.81
C LYS D 477 71.16 0.80 30.27
N ALA D 478 71.06 1.12 31.56
CA ALA D 478 69.84 1.65 32.13
C ALA D 478 69.55 3.01 31.48
N ARG D 479 70.37 3.99 31.82
CA ARG D 479 70.25 5.35 31.27
C ARG D 479 69.95 5.31 29.77
N LYS D 480 70.44 4.27 29.10
CA LYS D 480 70.25 4.10 27.65
C LYS D 480 68.82 3.67 27.31
N ALA D 481 68.13 3.11 28.31
CA ALA D 481 66.76 2.67 28.15
C ALA D 481 65.85 3.84 28.45
N LEU D 482 65.92 4.35 29.68
CA LEU D 482 65.11 5.49 30.15
C LEU D 482 64.79 6.54 29.09
N GLU D 483 65.73 6.79 28.20
CA GLU D 483 65.56 7.78 27.14
C GLU D 483 64.64 7.24 26.06
N ARG D 484 64.54 5.92 26.00
CA ARG D 484 63.69 5.25 25.03
C ARG D 484 62.29 5.04 25.62
N MET D 485 62.16 5.24 26.93
CA MET D 485 60.88 5.09 27.61
C MET D 485 60.06 6.37 27.50
N LYS D 486 59.04 6.46 28.34
CA LYS D 486 58.17 7.63 28.37
C LYS D 486 57.94 7.91 29.84
N ILE D 487 57.98 9.19 30.20
CA ILE D 487 57.79 9.56 31.59
C ILE D 487 56.55 10.41 31.78
N LEU D 488 55.88 10.25 32.91
CA LEU D 488 54.69 11.02 33.20
C LEU D 488 54.60 11.31 34.68
N PRO D 489 54.64 12.60 35.06
CA PRO D 489 54.77 13.72 34.12
C PRO D 489 56.08 13.64 33.37
N GLU D 490 56.33 14.55 32.45
CA GLU D 490 57.60 14.49 31.72
C GLU D 490 58.66 15.29 32.46
N THR D 491 58.21 16.17 33.33
CA THR D 491 59.12 16.99 34.09
C THR D 491 59.82 16.17 35.16
N ARG D 492 59.75 14.86 35.03
CA ARG D 492 60.39 13.94 35.98
C ARG D 492 61.53 13.24 35.28
N ARG D 493 61.63 13.47 33.97
CA ARG D 493 62.68 12.88 33.15
C ARG D 493 63.99 13.07 33.91
N ALA D 494 64.25 14.31 34.29
CA ALA D 494 65.44 14.70 35.05
C ALA D 494 65.68 13.76 36.24
N GLN D 495 64.92 13.98 37.31
CA GLN D 495 64.99 13.17 38.52
C GLN D 495 65.38 11.73 38.27
N PHE D 496 64.81 11.11 37.25
CA PHE D 496 65.15 9.72 36.97
C PHE D 496 66.63 9.58 36.59
N GLU D 497 67.03 10.26 35.52
CA GLU D 497 68.42 10.25 35.07
C GLU D 497 69.29 10.51 36.28
N ALA D 498 69.14 11.70 36.85
CA ALA D 498 69.89 12.10 38.04
C ALA D 498 70.00 11.00 39.10
N ILE D 499 69.03 10.10 39.17
CA ILE D 499 69.07 9.01 40.15
C ILE D 499 69.90 7.86 39.59
N ILE D 500 69.82 7.66 38.27
CA ILE D 500 70.59 6.60 37.64
C ILE D 500 72.05 6.86 37.94
N ASP D 501 72.40 8.11 38.18
CA ASP D 501 73.77 8.48 38.49
C ASP D 501 74.07 8.24 39.95
N TRP D 502 73.62 9.15 40.80
CA TRP D 502 73.83 9.09 42.24
C TRP D 502 73.25 7.84 42.91
N LEU D 503 73.59 6.67 42.38
CA LEU D 503 73.10 5.40 42.92
C LEU D 503 74.23 4.37 42.91
N ASP D 504 74.57 3.88 44.09
CA ASP D 504 75.65 2.90 44.20
C ASP D 504 75.14 1.46 44.20
N LYS D 505 75.46 0.72 45.26
CA LYS D 505 75.06 -0.68 45.40
C LYS D 505 74.10 -0.80 46.56
N LYS D 506 73.02 -1.54 46.35
CA LYS D 506 72.03 -1.70 47.40
C LYS D 506 72.03 -3.09 48.01
N ALA D 507 72.00 -3.12 49.34
CA ALA D 507 71.98 -4.36 50.09
C ALA D 507 70.74 -5.13 49.72
N CYS D 508 70.89 -6.10 48.82
CA CYS D 508 69.77 -6.90 48.37
C CYS D 508 69.49 -8.13 49.23
N ALA D 509 69.30 -7.92 50.53
CA ALA D 509 69.02 -9.02 51.43
C ALA D 509 69.06 -8.57 52.88
N ARG D 510 68.46 -9.39 53.74
CA ARG D 510 68.39 -9.12 55.16
C ARG D 510 68.55 -10.45 55.90
N LYS D 511 68.11 -10.51 57.14
CA LYS D 511 68.20 -11.73 57.94
C LYS D 511 66.87 -12.00 58.64
N ILE D 512 65.95 -11.04 58.59
CA ILE D 512 64.66 -11.20 59.24
C ILE D 512 63.46 -11.03 58.27
N GLY D 513 62.28 -11.41 58.75
CA GLY D 513 61.06 -11.31 57.97
C GLY D 513 60.87 -12.39 56.93
N LEU D 514 59.84 -12.24 56.11
CA LEU D 514 59.56 -13.20 55.06
C LEU D 514 60.27 -12.76 53.78
N GLY D 515 60.25 -13.62 52.77
CA GLY D 515 60.90 -13.31 51.51
C GLY D 515 61.46 -14.57 50.90
N THR D 516 62.15 -14.42 49.77
CA THR D 516 62.75 -15.57 49.09
C THR D 516 64.23 -15.67 49.48
N PRO D 517 64.66 -16.84 49.97
CA PRO D 517 66.06 -17.04 50.38
C PRO D 517 67.07 -17.10 49.22
N LEU D 518 68.22 -16.47 49.43
CA LEU D 518 69.27 -16.44 48.43
C LEU D 518 69.72 -17.86 48.09
N PRO D 519 69.48 -18.28 46.85
CA PRO D 519 69.83 -19.60 46.32
C PRO D 519 71.30 -20.01 46.47
N TRP D 520 72.10 -19.18 47.14
CA TRP D 520 73.50 -19.47 47.34
C TRP D 520 73.97 -19.02 48.72
N ASP D 521 73.03 -18.87 49.63
CA ASP D 521 73.32 -18.45 51.00
C ASP D 521 71.99 -18.34 51.74
N PRO D 522 71.32 -19.49 51.92
CA PRO D 522 70.03 -19.61 52.60
C PRO D 522 69.92 -18.83 53.90
N GLU D 523 71.04 -18.38 54.42
CA GLU D 523 71.03 -17.60 55.65
C GLU D 523 70.37 -16.25 55.34
N TRP D 524 70.65 -15.76 54.13
CA TRP D 524 70.16 -14.47 53.66
C TRP D 524 68.81 -14.46 52.96
N VAL D 525 67.91 -13.62 53.47
CA VAL D 525 66.55 -13.47 52.96
C VAL D 525 66.41 -12.24 52.06
N ILE D 526 66.10 -12.47 50.79
CA ILE D 526 65.96 -11.38 49.84
C ILE D 526 64.90 -10.37 50.27
N GLU D 527 65.34 -9.13 50.47
CA GLU D 527 64.44 -8.06 50.90
C GLU D 527 63.43 -7.69 49.82
N SER D 528 62.39 -6.98 50.25
CA SER D 528 61.30 -6.52 49.41
C SER D 528 61.68 -5.81 48.10
N LEU D 529 62.01 -4.53 48.21
CA LEU D 529 62.36 -3.68 47.07
C LEU D 529 63.36 -4.26 46.09
N SER D 530 63.92 -5.42 46.40
CA SER D 530 64.91 -6.03 45.52
C SER D 530 64.34 -7.18 44.67
N ASP D 531 63.33 -7.88 45.22
CA ASP D 531 62.69 -8.99 44.50
C ASP D 531 61.56 -8.45 43.63
N SER D 532 61.02 -7.32 44.06
CA SER D 532 59.94 -6.65 43.38
C SER D 532 60.40 -5.73 42.27
N THR D 533 60.99 -6.28 41.22
CA THR D 533 61.44 -5.41 40.14
C THR D 533 61.19 -5.98 38.76
N ILE D 534 60.99 -7.28 38.66
CA ILE D 534 60.72 -7.83 37.35
C ILE D 534 59.54 -8.79 37.36
N TYR D 535 58.76 -8.75 38.44
CA TYR D 535 57.60 -9.63 38.56
C TYR D 535 56.59 -9.31 37.47
N MET D 536 56.70 -8.11 36.91
CA MET D 536 55.82 -7.66 35.84
C MET D 536 55.67 -8.78 34.82
N ALA D 537 56.75 -9.53 34.59
CA ALA D 537 56.72 -10.62 33.61
C ALA D 537 56.27 -11.96 34.18
N TYR D 538 56.12 -12.05 35.50
CA TYR D 538 55.65 -13.30 36.06
C TYR D 538 54.16 -13.36 35.72
N TYR D 539 53.46 -12.27 35.97
CA TYR D 539 52.03 -12.17 35.65
C TYR D 539 51.83 -12.74 34.24
N THR D 540 52.70 -12.33 33.32
CA THR D 540 52.61 -12.77 31.93
C THR D 540 52.31 -14.27 31.79
N ILE D 541 52.62 -15.05 32.81
CA ILE D 541 52.36 -16.48 32.78
C ILE D 541 51.64 -16.93 34.05
N SER D 542 51.57 -16.05 35.04
CA SER D 542 50.90 -16.32 36.31
C SER D 542 49.63 -17.16 36.14
N ARG D 543 48.94 -16.97 35.02
CA ARG D 543 47.72 -17.71 34.73
C ARG D 543 47.98 -19.21 34.67
N HIS D 544 48.58 -19.66 33.58
CA HIS D 544 48.88 -21.08 33.38
C HIS D 544 49.53 -21.78 34.57
N ILE D 545 50.21 -21.02 35.41
CA ILE D 545 50.88 -21.60 36.58
C ILE D 545 49.82 -21.90 37.64
N ASN D 546 48.86 -20.99 37.81
CA ASN D 546 47.78 -21.18 38.78
C ASN D 546 46.94 -22.32 38.24
N LYS D 547 46.97 -22.46 36.93
CA LYS D 547 46.22 -23.50 36.25
C LYS D 547 46.78 -24.83 36.73
N LEU D 548 48.05 -25.05 36.43
CA LEU D 548 48.73 -26.28 36.82
C LEU D 548 48.78 -26.43 38.34
N ARG D 549 49.30 -25.41 39.02
CA ARG D 549 49.42 -25.40 40.47
C ARG D 549 48.08 -25.80 41.10
N GLN D 550 47.00 -25.47 40.42
CA GLN D 550 45.64 -25.76 40.88
C GLN D 550 45.42 -27.22 41.28
N GLU D 551 45.93 -28.14 40.47
CA GLU D 551 45.77 -29.56 40.74
C GLU D 551 47.09 -30.34 40.63
N GLY D 552 47.93 -30.19 41.66
CA GLY D 552 49.21 -30.86 41.75
C GLY D 552 49.94 -31.36 40.51
N LYS D 553 49.68 -30.77 39.34
CA LYS D 553 50.35 -31.18 38.11
C LYS D 553 51.61 -30.36 37.90
N LEU D 554 52.06 -29.69 38.96
CA LEU D 554 53.24 -28.84 38.91
C LEU D 554 54.24 -29.10 40.03
N ASP D 555 55.45 -29.49 39.67
CA ASP D 555 56.49 -29.71 40.67
C ASP D 555 57.34 -28.44 40.67
N PRO D 556 57.17 -27.60 41.71
CA PRO D 556 57.91 -26.34 41.85
C PRO D 556 59.36 -26.45 41.39
N GLU D 557 60.04 -27.45 41.92
CA GLU D 557 61.44 -27.70 41.59
C GLU D 557 61.67 -27.60 40.10
N LYS D 558 60.94 -28.42 39.34
CA LYS D 558 61.08 -28.46 37.90
C LYS D 558 61.16 -27.08 37.25
N LEU D 559 60.79 -26.04 37.99
CA LEU D 559 60.84 -24.67 37.48
C LEU D 559 62.23 -24.12 37.77
N THR D 560 63.15 -24.35 36.84
CA THR D 560 64.54 -23.96 37.00
C THR D 560 65.08 -22.84 36.08
N PRO D 561 66.27 -22.30 36.42
CA PRO D 561 66.91 -21.24 35.63
C PRO D 561 66.88 -21.62 34.16
N GLU D 562 67.21 -22.89 33.91
CA GLU D 562 67.22 -23.42 32.56
C GLU D 562 65.83 -23.18 32.00
N PHE D 563 64.83 -23.53 32.80
CA PHE D 563 63.42 -23.41 32.44
C PHE D 563 62.99 -21.98 32.09
N PHE D 564 62.95 -21.10 33.09
CA PHE D 564 62.54 -19.72 32.89
C PHE D 564 63.21 -19.05 31.70
N ASP D 565 64.45 -19.45 31.40
CA ASP D 565 65.18 -18.86 30.30
C ASP D 565 64.56 -19.06 28.92
N TYR D 566 64.04 -20.26 28.68
CA TYR D 566 63.43 -20.52 27.38
C TYR D 566 62.28 -19.56 27.18
N ILE D 567 61.47 -19.42 28.21
CA ILE D 567 60.29 -18.58 28.16
C ILE D 567 60.52 -17.13 28.56
N PHE D 568 61.53 -16.49 27.94
CA PHE D 568 61.87 -15.09 28.18
C PHE D 568 62.98 -14.62 27.22
N LEU D 569 63.91 -15.52 26.92
CA LEU D 569 65.01 -15.21 26.03
C LEU D 569 65.08 -16.18 24.87
N GLU D 570 65.52 -17.41 25.16
CA GLU D 570 65.64 -18.45 24.13
C GLU D 570 64.53 -18.36 23.08
N GLU D 571 64.90 -18.09 21.83
CA GLU D 571 63.93 -17.99 20.74
C GLU D 571 63.18 -19.33 20.69
N PHE D 572 62.06 -19.36 19.98
CA PHE D 572 61.23 -20.56 19.87
C PHE D 572 61.79 -21.76 19.12
N SER D 573 62.23 -22.76 19.89
CA SER D 573 62.77 -24.01 19.35
C SER D 573 61.79 -25.08 19.82
N GLU D 574 61.07 -25.69 18.88
CA GLU D 574 60.07 -26.70 19.18
C GLU D 574 60.54 -27.80 20.13
N ASP D 575 61.85 -28.04 20.15
CA ASP D 575 62.44 -29.08 20.98
C ASP D 575 62.69 -28.68 22.44
N LYS D 576 63.14 -27.46 22.67
CA LYS D 576 63.41 -27.00 24.03
C LYS D 576 62.14 -27.21 24.85
N GLU D 577 61.02 -27.24 24.14
CA GLU D 577 59.72 -27.45 24.76
C GLU D 577 59.59 -28.93 25.11
N LYS D 578 59.88 -29.78 24.14
CA LYS D 578 59.83 -31.22 24.33
C LYS D 578 60.82 -31.59 25.43
N GLU D 579 62.04 -31.07 25.28
CA GLU D 579 63.12 -31.29 26.24
C GLU D 579 62.66 -30.93 27.65
N LEU D 580 62.08 -29.73 27.78
CA LEU D 580 61.60 -29.24 29.07
C LEU D 580 60.33 -29.92 29.52
N GLU D 581 59.65 -30.60 28.59
CA GLU D 581 58.41 -31.28 28.93
C GLU D 581 58.64 -32.29 30.06
N LYS D 582 59.49 -33.27 29.80
CA LYS D 582 59.78 -34.30 30.79
C LYS D 582 60.51 -33.73 32.00
N LYS D 583 61.53 -32.94 31.74
CA LYS D 583 62.34 -32.32 32.79
C LYS D 583 61.46 -31.65 33.86
N THR D 584 60.38 -31.02 33.43
CA THR D 584 59.46 -30.32 34.32
C THR D 584 58.21 -31.14 34.65
N GLY D 585 57.73 -31.88 33.66
CA GLY D 585 56.53 -32.67 33.85
C GLY D 585 55.32 -31.86 33.43
N ILE D 586 55.53 -30.96 32.47
CA ILE D 586 54.47 -30.10 31.96
C ILE D 586 54.37 -30.30 30.45
N PRO D 587 53.13 -30.35 29.92
CA PRO D 587 52.94 -30.53 28.48
C PRO D 587 53.74 -29.50 27.72
N ALA D 588 54.20 -29.88 26.53
CA ALA D 588 55.00 -28.98 25.70
C ALA D 588 54.14 -27.82 25.21
N GLU D 589 52.97 -28.14 24.67
CA GLU D 589 52.07 -27.11 24.14
C GLU D 589 51.64 -26.10 25.20
N ILE D 590 51.73 -26.47 26.47
CA ILE D 590 51.37 -25.56 27.56
C ILE D 590 52.51 -24.59 27.76
N ILE D 591 53.73 -25.05 27.48
CA ILE D 591 54.90 -24.21 27.62
C ILE D 591 54.86 -23.19 26.49
N HIS D 592 54.73 -23.70 25.27
CA HIS D 592 54.67 -22.85 24.08
C HIS D 592 53.73 -21.68 24.31
N GLU D 593 52.53 -22.00 24.77
CA GLU D 593 51.50 -21.01 25.05
C GLU D 593 52.04 -19.99 26.08
N MET D 594 52.59 -20.51 27.17
CA MET D 594 53.13 -19.67 28.22
C MET D 594 54.05 -18.61 27.65
N LYS D 595 55.05 -19.06 26.92
CA LYS D 595 56.00 -18.14 26.32
C LYS D 595 55.31 -17.26 25.29
N GLU D 596 54.36 -17.84 24.57
CA GLU D 596 53.61 -17.11 23.57
C GLU D 596 52.93 -15.94 24.28
N GLU D 597 52.51 -16.18 25.52
CA GLU D 597 51.87 -15.14 26.32
C GLU D 597 52.88 -14.01 26.45
N PHE D 598 53.90 -14.22 27.28
CA PHE D 598 54.95 -13.25 27.53
C PHE D 598 55.35 -12.49 26.27
N GLU D 599 55.75 -13.22 25.25
CA GLU D 599 56.16 -12.58 24.00
C GLU D 599 55.09 -11.60 23.52
N TYR D 600 53.83 -11.94 23.77
CA TYR D 600 52.73 -11.07 23.35
C TYR D 600 52.67 -9.84 24.26
N TRP D 601 52.35 -10.09 25.52
CA TRP D 601 52.21 -9.05 26.53
C TRP D 601 53.37 -8.10 26.85
N TYR D 602 54.61 -8.51 26.62
CA TYR D 602 55.76 -7.63 26.90
C TYR D 602 56.18 -7.00 25.57
N PRO D 603 56.76 -5.79 25.63
CA PRO D 603 57.09 -4.91 26.76
C PRO D 603 55.88 -4.38 27.54
N LEU D 604 56.10 -3.95 28.78
CA LEU D 604 55.01 -3.40 29.59
C LEU D 604 54.76 -1.95 29.25
N ASP D 605 53.83 -1.70 28.33
CA ASP D 605 53.49 -0.35 27.89
C ASP D 605 53.54 0.73 28.97
N TRP D 606 53.07 0.42 30.17
CA TRP D 606 53.12 1.39 31.27
C TRP D 606 53.24 0.71 32.63
N ARG D 607 53.83 1.44 33.56
CA ARG D 607 54.05 0.98 34.93
C ARG D 607 53.76 2.15 35.85
N CYS D 608 52.64 2.07 36.58
CA CYS D 608 52.25 3.15 37.48
C CYS D 608 52.72 2.99 38.92
N SER D 609 52.86 4.12 39.59
CA SER D 609 53.29 4.13 40.97
C SER D 609 53.36 5.53 41.51
N GLY D 610 53.52 5.64 42.82
CA GLY D 610 53.63 6.93 43.47
C GLY D 610 54.96 7.53 43.11
N LYS D 611 55.12 8.82 43.35
CA LYS D 611 56.35 9.49 43.03
C LYS D 611 57.49 9.09 43.96
N ASP D 612 57.16 8.78 45.21
CA ASP D 612 58.17 8.40 46.19
C ASP D 612 59.00 7.17 45.81
N LEU D 613 58.58 6.45 44.77
CA LEU D 613 59.33 5.26 44.35
C LEU D 613 60.25 5.51 43.16
N ILE D 614 60.38 6.77 42.78
CA ILE D 614 61.25 7.14 41.68
C ILE D 614 62.69 6.92 42.15
N PRO D 615 63.03 7.48 43.33
CA PRO D 615 64.38 7.34 43.90
C PRO D 615 64.73 5.92 44.33
N ASN D 616 64.05 4.93 43.76
CA ASN D 616 64.37 3.54 44.08
C ASN D 616 63.69 2.52 43.18
N HIS D 617 62.70 1.80 43.71
CA HIS D 617 62.03 0.78 42.91
C HIS D 617 61.78 1.17 41.45
N LEU D 618 61.12 2.30 41.24
CA LEU D 618 60.83 2.71 39.88
C LEU D 618 62.11 2.63 39.07
N THR D 619 63.22 2.99 39.70
CA THR D 619 64.53 2.96 39.05
C THR D 619 65.11 1.55 38.95
N PHE D 620 65.19 0.84 40.09
CA PHE D 620 65.70 -0.53 40.10
C PHE D 620 64.94 -1.30 39.03
N PHE D 621 63.69 -0.90 38.86
CA PHE D 621 62.78 -1.47 37.87
C PHE D 621 63.39 -1.42 36.46
N ILE D 622 63.97 -0.27 36.10
CA ILE D 622 64.59 -0.11 34.78
C ILE D 622 65.87 -0.95 34.70
N PHE D 623 66.68 -0.87 35.75
CA PHE D 623 67.93 -1.60 35.82
C PHE D 623 67.72 -3.10 35.64
N ASN D 624 67.25 -3.77 36.69
CA ASN D 624 67.02 -5.21 36.60
C ASN D 624 66.53 -5.60 35.21
N HIS D 625 65.68 -4.76 34.65
CA HIS D 625 65.13 -5.02 33.33
C HIS D 625 66.18 -5.10 32.23
N VAL D 626 66.90 -4.00 32.04
CA VAL D 626 67.93 -3.93 31.01
C VAL D 626 68.99 -5.00 31.23
N ALA D 627 69.07 -5.47 32.46
CA ALA D 627 70.04 -6.49 32.82
C ALA D 627 69.63 -7.89 32.36
N ILE D 628 68.33 -8.13 32.26
CA ILE D 628 67.82 -9.45 31.87
C ILE D 628 67.02 -9.61 30.57
N PHE D 629 66.24 -8.60 30.18
CA PHE D 629 65.41 -8.76 28.97
C PHE D 629 65.94 -8.18 27.69
N ARG D 630 65.86 -9.01 26.66
CA ARG D 630 66.37 -8.72 25.32
C ARG D 630 66.19 -7.34 24.69
N GLU D 631 66.40 -6.27 25.48
CA GLU D 631 66.27 -4.87 25.03
C GLU D 631 64.90 -4.51 24.40
N GLU D 632 64.47 -5.30 23.42
CA GLU D 632 63.18 -5.09 22.76
C GLU D 632 62.06 -5.50 23.73
N HIS D 633 62.42 -5.68 25.00
CA HIS D 633 61.47 -6.02 26.04
C HIS D 633 61.59 -5.00 27.15
N TRP D 634 62.32 -3.93 26.87
CA TRP D 634 62.51 -2.89 27.87
C TRP D 634 61.25 -2.07 28.09
N PRO D 635 60.98 -1.70 29.36
CA PRO D 635 59.81 -0.91 29.72
C PRO D 635 59.63 0.17 28.67
N LYS D 636 58.39 0.55 28.41
CA LYS D 636 58.13 1.58 27.40
C LYS D 636 57.67 2.90 28.01
N GLY D 637 57.55 2.95 29.33
CA GLY D 637 57.11 4.18 29.96
C GLY D 637 56.68 4.03 31.40
N ILE D 638 56.75 5.12 32.13
CA ILE D 638 56.39 5.12 33.53
C ILE D 638 55.54 6.33 33.86
N ALA D 639 54.51 6.11 34.67
CA ALA D 639 53.62 7.18 35.08
C ALA D 639 53.52 7.16 36.61
N VAL D 640 53.65 8.33 37.22
CA VAL D 640 53.62 8.43 38.68
C VAL D 640 52.53 9.39 39.15
N ASN D 641 52.23 9.36 40.44
CA ASN D 641 51.20 10.25 40.97
C ASN D 641 51.44 10.74 42.38
N GLY D 642 50.83 11.88 42.70
CA GLY D 642 50.98 12.48 44.01
C GLY D 642 50.40 11.67 45.15
N PHE D 643 50.56 12.22 46.35
CA PHE D 643 50.06 11.60 47.57
C PHE D 643 48.67 12.20 47.77
N GLY D 644 48.08 11.97 48.94
CA GLY D 644 46.77 12.52 49.23
C GLY D 644 46.70 12.80 50.70
N THR D 645 45.98 13.86 51.09
CA THR D 645 45.85 14.19 52.51
C THR D 645 44.42 14.00 52.99
N LEU D 646 44.07 14.60 54.13
CA LEU D 646 42.73 14.43 54.68
C LEU D 646 42.27 15.61 55.53
N GLU D 647 41.72 16.62 54.87
CA GLU D 647 41.25 17.82 55.54
C GLU D 647 42.48 18.64 55.87
N GLY D 648 43.46 18.58 54.98
CA GLY D 648 44.70 19.31 55.19
C GLY D 648 45.74 18.42 55.84
N GLN D 649 45.50 18.07 57.10
CA GLN D 649 46.36 17.19 57.89
C GLN D 649 46.79 15.95 57.14
N LYS D 650 48.06 15.57 57.26
CA LYS D 650 48.53 14.39 56.58
C LYS D 650 48.10 13.13 57.30
N MET D 651 47.70 12.13 56.52
CA MET D 651 47.24 10.88 57.08
C MET D 651 48.38 10.10 57.70
N SER D 652 48.29 9.91 59.01
CA SER D 652 49.27 9.16 59.78
C SER D 652 48.67 7.97 60.50
N LYS D 653 49.18 6.78 60.20
CA LYS D 653 48.71 5.55 60.82
C LYS D 653 48.69 5.70 62.34
N SER D 654 49.51 6.62 62.87
CA SER D 654 49.58 6.81 64.31
C SER D 654 48.62 7.82 64.89
N LYS D 655 48.43 8.95 64.22
CA LYS D 655 47.50 9.97 64.75
C LYS D 655 46.06 9.45 64.64
N GLY D 656 45.84 8.53 63.71
CA GLY D 656 44.51 7.97 63.52
C GLY D 656 43.69 8.53 62.39
N ASN D 657 43.92 9.80 62.05
CA ASN D 657 43.16 10.38 60.96
C ASN D 657 43.61 9.80 59.63
N VAL D 658 42.99 8.70 59.25
CA VAL D 658 43.27 8.03 58.00
C VAL D 658 41.99 7.37 57.54
N LEU D 659 41.60 7.68 56.30
CA LEU D 659 40.39 7.14 55.70
C LEU D 659 40.77 5.92 54.88
N ASN D 660 40.19 4.78 55.21
CA ASN D 660 40.48 3.54 54.49
C ASN D 660 39.81 3.60 53.14
N PHE D 661 40.37 2.88 52.18
CA PHE D 661 39.80 2.90 50.84
C PHE D 661 38.41 2.33 50.97
N ILE D 662 38.35 1.08 51.41
CA ILE D 662 37.08 0.39 51.57
C ILE D 662 36.16 1.14 52.53
N ASP D 663 36.68 1.43 53.71
CA ASP D 663 35.94 2.14 54.71
C ASP D 663 35.33 3.40 54.11
N ALA D 664 35.84 3.84 52.97
CA ALA D 664 35.34 5.05 52.30
C ALA D 664 34.41 4.76 51.14
N ILE D 665 34.64 3.64 50.47
CA ILE D 665 33.79 3.24 49.37
C ILE D 665 32.40 3.01 49.97
N GLU D 666 32.39 2.50 51.20
CA GLU D 666 31.16 2.18 51.90
C GLU D 666 30.31 3.40 52.18
N GLU D 667 30.91 4.50 52.64
CA GLU D 667 30.10 5.66 52.93
C GLU D 667 29.88 6.69 51.81
N ASN D 668 30.27 6.37 50.59
CA ASN D 668 30.08 7.29 49.47
C ASN D 668 29.79 6.56 48.19
N GLY D 669 30.23 5.30 48.12
CA GLY D 669 30.02 4.50 46.92
C GLY D 669 31.21 4.55 45.99
N ALA D 670 31.57 3.41 45.43
CA ALA D 670 32.71 3.33 44.53
C ALA D 670 32.74 4.48 43.54
N ASP D 671 31.87 4.40 42.54
CA ASP D 671 31.79 5.41 41.50
C ASP D 671 31.98 6.82 42.01
N VAL D 672 31.30 7.20 43.08
CA VAL D 672 31.54 8.56 43.58
C VAL D 672 33.03 8.64 43.94
N VAL D 673 33.45 7.91 44.98
CA VAL D 673 34.85 7.92 45.42
C VAL D 673 35.80 7.92 44.25
N ARG D 674 35.72 6.88 43.44
CA ARG D 674 36.57 6.79 42.26
C ARG D 674 36.69 8.13 41.54
N LEU D 675 35.60 8.62 40.96
CA LEU D 675 35.65 9.89 40.27
C LEU D 675 36.08 11.06 41.15
N TYR D 676 35.66 11.10 42.41
CA TYR D 676 36.07 12.21 43.26
C TYR D 676 37.57 12.37 43.32
N ILE D 677 38.26 11.25 43.18
CA ILE D 677 39.72 11.23 43.22
C ILE D 677 40.28 11.88 41.97
N MET D 678 40.09 11.24 40.82
CA MET D 678 40.59 11.79 39.57
C MET D 678 40.13 13.23 39.47
N SER D 679 38.97 13.50 40.04
CA SER D 679 38.42 14.82 40.05
C SER D 679 39.45 15.84 40.54
N LEU D 680 40.16 15.48 41.60
CA LEU D 680 41.11 16.39 42.24
C LEU D 680 42.50 16.74 41.72
N ALA D 681 43.22 15.83 41.07
CA ALA D 681 44.55 16.18 40.61
C ALA D 681 45.15 15.21 39.63
N GLU D 682 46.22 15.65 38.98
CA GLU D 682 46.86 14.82 37.97
C GLU D 682 48.39 14.76 38.09
N HIS D 683 48.95 13.68 37.56
CA HIS D 683 50.38 13.45 37.57
C HIS D 683 50.96 13.36 38.97
N ASP D 684 51.95 14.19 39.25
CA ASP D 684 52.62 14.16 40.55
C ASP D 684 52.06 15.10 41.59
N SER D 685 50.94 15.75 41.30
CA SER D 685 50.37 16.69 42.28
C SER D 685 49.59 15.94 43.35
N ASP D 686 49.77 16.35 44.61
CA ASP D 686 49.05 15.71 45.71
C ASP D 686 47.61 16.20 45.69
N PHE D 687 46.75 15.52 46.44
CA PHE D 687 45.35 15.91 46.53
C PHE D 687 44.91 15.90 47.98
N ASP D 688 43.90 16.70 48.31
CA ASP D 688 43.41 16.77 49.68
C ASP D 688 41.96 16.35 49.72
N TRP D 689 41.68 15.26 50.43
CA TRP D 689 40.33 14.72 50.57
C TRP D 689 39.55 15.53 51.57
N ARG D 690 38.47 16.14 51.10
CA ARG D 690 37.62 16.96 51.93
C ARG D 690 36.17 16.42 51.92
N ARG D 691 35.61 16.25 53.10
CA ARG D 691 34.25 15.72 53.25
C ARG D 691 33.23 16.48 52.44
N LYS D 692 33.16 17.79 52.66
CA LYS D 692 32.23 18.63 51.92
C LYS D 692 32.38 18.36 50.44
N GLU D 693 33.56 18.62 49.92
CA GLU D 693 33.84 18.41 48.50
C GLU D 693 33.25 17.13 47.92
N VAL D 694 33.48 16.01 48.61
CA VAL D 694 33.03 14.71 48.13
C VAL D 694 31.55 14.53 48.24
N GLY D 695 30.95 15.10 49.27
CA GLY D 695 29.52 15.00 49.43
C GLY D 695 28.83 15.70 48.26
N LYS D 696 29.29 16.93 48.00
CA LYS D 696 28.76 17.74 46.92
C LYS D 696 29.02 17.13 45.57
N LEU D 697 30.15 16.48 45.39
CA LEU D 697 30.39 15.85 44.11
C LEU D 697 29.39 14.74 44.00
N ARG D 698 28.97 14.20 45.14
CA ARG D 698 28.00 13.10 45.15
C ARG D 698 26.66 13.54 44.55
N LYS D 699 26.11 14.64 45.09
CA LYS D 699 24.86 15.18 44.60
C LYS D 699 25.00 15.30 43.11
N GLN D 700 26.01 16.04 42.68
CA GLN D 700 26.24 16.22 41.25
C GLN D 700 26.21 14.89 40.50
N ILE D 701 26.70 13.82 41.11
CA ILE D 701 26.70 12.51 40.47
C ILE D 701 25.28 12.07 40.23
N GLU D 702 24.47 12.22 41.28
CA GLU D 702 23.06 11.86 41.21
C GLU D 702 22.38 12.63 40.07
N ARG D 703 22.45 13.96 40.12
CA ARG D 703 21.87 14.80 39.07
C ARG D 703 22.26 14.20 37.73
N PHE D 704 23.53 13.86 37.58
CA PHE D 704 23.99 13.26 36.34
C PHE D 704 23.18 11.98 36.14
N TYR D 705 23.23 11.10 37.14
CA TYR D 705 22.52 9.82 37.06
C TYR D 705 21.10 10.00 36.55
N GLU D 706 20.25 10.63 37.37
CA GLU D 706 18.84 10.89 37.04
C GLU D 706 18.69 11.35 35.61
N LEU D 707 19.22 12.54 35.33
CA LEU D 707 19.18 13.10 34.01
C LEU D 707 19.33 12.05 32.92
N ILE D 708 20.40 11.28 32.95
CA ILE D 708 20.57 10.27 31.92
C ILE D 708 19.32 9.43 31.86
N SER D 709 18.89 8.93 33.02
CA SER D 709 17.71 8.10 33.14
C SER D 709 16.49 8.70 32.43
N GLN D 710 16.32 10.02 32.57
CA GLN D 710 15.23 10.69 31.90
C GLN D 710 15.48 10.56 30.40
N PHE D 711 16.47 11.29 29.89
CA PHE D 711 16.77 11.23 28.46
C PHE D 711 16.69 9.80 27.94
N ALA D 712 16.84 8.84 28.84
CA ALA D 712 16.80 7.43 28.48
C ALA D 712 15.45 7.06 27.88
N GLU D 713 14.40 7.73 28.36
CA GLU D 713 13.04 7.51 27.88
C GLU D 713 13.01 7.81 26.39
N TYR D 714 13.06 9.10 26.08
CA TYR D 714 13.05 9.62 24.71
C TYR D 714 13.27 8.55 23.65
N GLU D 715 12.39 8.53 22.67
CA GLU D 715 12.47 7.57 21.58
C GLU D 715 13.71 7.80 20.72
N VAL D 716 14.36 6.72 20.29
CA VAL D 716 15.53 6.85 19.44
C VAL D 716 15.02 6.93 18.00
N LYS D 717 14.43 8.08 17.65
CA LYS D 717 13.88 8.26 16.32
C LYS D 717 14.92 8.68 15.28
N GLY D 718 15.68 9.73 15.57
CA GLY D 718 16.67 10.20 14.63
C GLY D 718 16.08 11.09 13.55
N ASN D 719 16.81 11.25 12.44
CA ASN D 719 16.36 12.07 11.31
C ASN D 719 15.49 13.24 11.73
N VAL D 720 16.13 14.29 12.25
CA VAL D 720 15.39 15.46 12.68
C VAL D 720 15.96 16.74 12.11
N GLU D 721 15.22 17.83 12.34
CA GLU D 721 15.62 19.15 11.86
C GLU D 721 15.96 20.01 13.08
N LEU D 722 17.16 19.81 13.60
CA LEU D 722 17.63 20.54 14.78
C LEU D 722 17.91 22.02 14.54
N LYS D 723 17.53 22.86 15.49
CA LYS D 723 17.81 24.28 15.36
C LYS D 723 19.29 24.43 15.74
N ASP D 724 19.80 25.65 15.71
CA ASP D 724 21.21 25.90 16.03
C ASP D 724 21.62 25.60 17.47
N ILE D 725 20.85 26.11 18.43
CA ILE D 725 21.14 25.89 19.85
C ILE D 725 21.36 24.40 20.10
N ASP D 726 20.89 23.57 19.17
CA ASP D 726 21.06 22.14 19.31
C ASP D 726 22.43 21.75 18.75
N ARG D 727 22.78 22.37 17.63
CA ARG D 727 24.06 22.12 16.95
C ARG D 727 25.19 22.46 17.90
N TRP D 728 24.90 23.39 18.79
CA TRP D 728 25.83 23.86 19.79
C TRP D 728 26.04 22.77 20.81
N MET D 729 25.00 22.46 21.59
CA MET D 729 25.12 21.42 22.61
C MET D 729 25.72 20.18 21.99
N LEU D 730 25.67 20.13 20.67
CA LEU D 730 26.24 19.00 19.95
C LEU D 730 27.71 19.25 19.63
N HIS D 731 28.07 20.53 19.52
CA HIS D 731 29.45 20.91 19.25
C HIS D 731 30.26 20.65 20.50
N ARG D 732 29.79 21.18 21.62
CA ARG D 732 30.46 21.02 22.89
C ARG D 732 30.62 19.55 23.26
N LEU D 733 29.67 18.72 22.86
CA LEU D 733 29.78 17.30 23.17
C LEU D 733 31.06 16.86 22.45
N ASN D 734 31.10 17.11 21.13
CA ASN D 734 32.25 16.78 20.29
C ASN D 734 33.56 17.30 20.89
N LYS D 735 33.48 18.53 21.40
CA LYS D 735 34.62 19.18 22.02
C LYS D 735 35.03 18.34 23.20
N ALA D 736 34.15 18.24 24.18
CA ALA D 736 34.40 17.44 25.36
C ALA D 736 34.85 16.04 24.99
N ILE D 737 34.37 15.52 23.87
CA ILE D 737 34.77 14.18 23.48
C ILE D 737 36.28 14.18 23.23
N LYS D 738 36.74 15.11 22.40
CA LYS D 738 38.15 15.21 22.05
C LYS D 738 39.06 15.55 23.22
N GLU D 739 38.82 16.68 23.86
CA GLU D 739 39.64 17.07 24.99
C GLU D 739 39.85 15.94 25.96
N THR D 740 38.77 15.18 26.22
CA THR D 740 38.83 14.05 27.14
C THR D 740 39.76 12.98 26.62
N THR D 741 39.56 12.59 25.37
CA THR D 741 40.39 11.56 24.74
C THR D 741 41.85 11.84 25.00
N ASN D 742 42.20 13.12 25.02
CA ASN D 742 43.57 13.58 25.25
C ASN D 742 43.99 13.38 26.69
N ALA D 743 43.48 14.24 27.57
CA ALA D 743 43.81 14.16 28.99
C ALA D 743 44.06 12.69 29.37
N LEU D 744 43.22 11.80 28.84
CA LEU D 744 43.36 10.39 29.13
C LEU D 744 44.60 9.78 28.48
N GLU D 745 44.75 9.99 27.18
CA GLU D 745 45.90 9.46 26.47
C GLU D 745 47.16 9.80 27.26
N GLU D 746 47.10 10.89 28.04
CA GLU D 746 48.23 11.32 28.85
C GLU D 746 48.01 11.22 30.36
N PHE D 747 47.24 10.24 30.83
CA PHE D 747 47.03 10.08 32.28
C PHE D 747 46.75 11.39 32.99
N ARG D 748 46.03 12.30 32.35
CA ARG D 748 45.74 13.59 32.96
C ARG D 748 44.34 13.67 33.54
N THR D 749 44.05 12.77 34.47
CA THR D 749 42.75 12.68 35.11
C THR D 749 42.03 13.98 35.44
N ARG D 750 42.54 14.79 36.37
CA ARG D 750 41.84 16.02 36.72
C ARG D 750 41.25 16.72 35.50
N THR D 751 42.06 16.85 34.45
CA THR D 751 41.59 17.49 33.25
C THR D 751 40.45 16.69 32.69
N ALA D 752 40.72 15.45 32.30
CA ALA D 752 39.68 14.60 31.74
C ALA D 752 38.37 14.92 32.45
N VAL D 753 38.27 14.52 33.72
CA VAL D 753 37.09 14.79 34.52
C VAL D 753 36.51 16.18 34.32
N GLN D 754 37.37 17.16 34.07
CA GLN D 754 36.89 18.53 33.87
C GLN D 754 36.16 18.62 32.54
N TRP D 755 36.57 17.81 31.58
CA TRP D 755 35.89 17.81 30.31
C TRP D 755 34.72 16.85 30.38
N ALA D 756 35.04 15.56 30.34
CA ALA D 756 34.05 14.51 30.38
C ALA D 756 32.95 14.67 31.43
N PHE D 757 33.19 15.41 32.48
CA PHE D 757 32.14 15.55 33.48
C PHE D 757 31.66 16.96 33.70
N TYR D 758 32.36 17.70 34.56
CA TYR D 758 31.99 19.08 34.86
C TYR D 758 31.67 19.96 33.63
N SER D 759 32.34 19.69 32.50
CA SER D 759 32.10 20.46 31.29
C SER D 759 30.74 20.16 30.71
N ILE D 760 30.60 18.95 30.17
CA ILE D 760 29.34 18.50 29.59
C ILE D 760 28.21 18.95 30.49
N MET D 761 28.31 18.63 31.77
CA MET D 761 27.30 19.04 32.73
C MET D 761 26.92 20.49 32.49
N ASN D 762 27.87 21.40 32.69
CA ASN D 762 27.62 22.82 32.50
C ASN D 762 27.03 23.14 31.14
N ASP D 763 27.75 22.80 30.08
CA ASP D 763 27.27 23.07 28.74
C ASP D 763 25.80 22.65 28.57
N LEU D 764 25.45 21.49 29.12
CA LEU D 764 24.09 20.96 29.05
C LEU D 764 23.10 21.76 29.87
N ARG D 765 23.47 22.13 31.09
CA ARG D 765 22.54 22.89 31.89
C ARG D 765 22.17 24.17 31.18
N TRP D 766 23.08 24.70 30.37
CA TRP D 766 22.79 25.94 29.67
C TRP D 766 21.84 25.61 28.55
N TYR D 767 22.19 24.59 27.76
CA TYR D 767 21.34 24.18 26.66
C TYR D 767 19.92 24.06 27.15
N LEU D 768 19.74 23.42 28.29
CA LEU D 768 18.41 23.29 28.87
C LEU D 768 17.92 24.71 29.09
N ARG D 769 18.46 25.39 30.10
CA ARG D 769 18.07 26.76 30.40
C ARG D 769 17.80 27.53 29.10
N ARG D 770 18.58 27.20 28.07
CA ARG D 770 18.46 27.83 26.75
C ARG D 770 17.18 27.48 26.01
N THR D 771 16.88 26.19 25.94
CA THR D 771 15.68 25.74 25.29
C THR D 771 14.64 25.30 26.30
N GLU D 772 14.38 26.15 27.29
CA GLU D 772 13.37 25.81 28.28
C GLU D 772 12.00 25.88 27.59
N GLY D 773 10.99 25.30 28.22
CA GLY D 773 9.65 25.30 27.68
C GLY D 773 9.52 24.72 26.27
N ARG D 774 10.61 24.17 25.75
CA ARG D 774 10.63 23.57 24.43
C ARG D 774 10.82 22.08 24.54
N ASP D 775 10.37 21.32 23.52
CA ASP D 775 10.54 19.89 23.55
C ASP D 775 10.07 19.18 22.30
N ASP D 776 10.86 19.25 21.23
CA ASP D 776 10.49 18.61 19.98
C ASP D 776 11.30 17.36 19.69
N GLU D 777 10.92 16.67 18.61
CA GLU D 777 11.59 15.46 18.20
C GLU D 777 13.09 15.72 18.18
N ALA D 778 13.47 16.98 17.99
CA ALA D 778 14.88 17.38 17.94
C ALA D 778 15.56 17.53 19.30
N LYS D 779 15.05 18.42 20.14
CA LYS D 779 15.63 18.61 21.47
C LYS D 779 15.76 17.24 22.13
N ARG D 780 14.93 16.31 21.71
CA ARG D 780 15.00 14.97 22.26
C ARG D 780 16.29 14.36 21.70
N TYR D 781 16.37 14.18 20.39
CA TYR D 781 17.55 13.62 19.76
C TYR D 781 18.84 14.06 20.44
N VAL D 782 19.06 15.37 20.46
CA VAL D 782 20.23 15.95 21.12
C VAL D 782 20.37 15.21 22.43
N LEU D 783 19.52 15.58 23.38
CA LEU D 783 19.50 14.98 24.71
C LEU D 783 19.67 13.49 24.82
N ARG D 784 19.06 12.75 23.91
CA ARG D 784 19.11 11.30 23.94
C ARG D 784 20.46 10.80 23.46
N THR D 785 21.02 11.47 22.46
CA THR D 785 22.31 11.06 21.93
C THR D 785 23.44 11.58 22.84
N LEU D 786 23.20 12.72 23.48
CA LEU D 786 24.18 13.29 24.37
C LEU D 786 24.36 12.20 25.36
N ALA D 787 23.24 11.76 25.94
CA ALA D 787 23.23 10.70 26.94
C ALA D 787 24.06 9.52 26.55
N ASP D 788 23.88 9.04 25.33
CA ASP D 788 24.65 7.90 24.84
C ASP D 788 26.15 8.16 25.04
N VAL D 789 26.62 9.27 24.47
CA VAL D 789 28.02 9.63 24.60
C VAL D 789 28.35 9.85 26.06
N TRP D 790 27.89 10.94 26.63
CA TRP D 790 28.19 11.23 28.03
C TRP D 790 28.38 9.99 28.87
N VAL D 791 27.55 8.98 28.66
CA VAL D 791 27.63 7.75 29.46
C VAL D 791 28.87 6.96 29.13
N ARG D 792 29.16 6.83 27.84
CA ARG D 792 30.36 6.09 27.41
C ARG D 792 31.62 6.80 27.92
N LEU D 793 31.58 8.13 28.00
CA LEU D 793 32.73 8.90 28.48
C LEU D 793 33.10 8.63 29.95
N MET D 794 32.14 8.77 30.87
CA MET D 794 32.41 8.56 32.30
C MET D 794 32.66 7.10 32.64
N ALA D 795 32.42 6.22 31.67
CA ALA D 795 32.60 4.79 31.86
C ALA D 795 33.78 4.41 32.76
N PRO D 796 34.98 5.00 32.52
CA PRO D 796 36.16 4.67 33.34
C PRO D 796 36.14 5.22 34.76
N PHE D 797 35.66 6.44 34.93
CA PHE D 797 35.64 7.02 36.25
C PHE D 797 34.58 6.36 37.13
N THR D 798 33.38 6.19 36.58
CA THR D 798 32.25 5.57 37.29
C THR D 798 31.68 4.42 36.47
N PRO D 799 32.39 3.28 36.43
CA PRO D 799 31.99 2.10 35.68
C PRO D 799 30.71 1.40 36.10
N HIS D 800 30.25 1.65 37.32
CA HIS D 800 29.05 0.95 37.77
C HIS D 800 27.76 1.63 37.29
N ILE D 801 27.44 2.79 37.85
CA ILE D 801 26.23 3.48 37.46
C ILE D 801 26.16 3.63 35.94
N CYS D 802 27.24 3.34 35.24
CA CYS D 802 27.22 3.45 33.78
C CYS D 802 26.82 2.15 33.13
N GLU D 803 27.24 1.04 33.73
CA GLU D 803 26.88 -0.27 33.20
C GLU D 803 25.38 -0.37 33.35
N GLU D 804 24.87 0.37 34.34
CA GLU D 804 23.46 0.43 34.66
C GLU D 804 22.75 1.31 33.65
N LEU D 805 23.16 2.58 33.62
CA LEU D 805 22.57 3.54 32.68
C LEU D 805 22.76 3.09 31.24
N TRP D 806 23.85 2.37 30.99
CA TRP D 806 24.10 1.88 29.64
C TRP D 806 22.97 0.91 29.33
N GLU D 807 22.41 0.30 30.37
CA GLU D 807 21.31 -0.65 30.24
C GLU D 807 20.01 0.12 30.06
N LYS D 808 19.84 1.17 30.87
CA LYS D 808 18.67 2.04 30.78
C LYS D 808 18.52 2.57 29.35
N LEU D 809 19.64 2.90 28.71
CA LEU D 809 19.57 3.38 27.35
C LEU D 809 19.47 2.13 26.52
N GLY D 810 19.31 2.28 25.20
CA GLY D 810 19.23 1.11 24.35
C GLY D 810 20.11 -0.05 24.82
N GLY D 811 21.38 0.26 25.08
CA GLY D 811 22.32 -0.74 25.56
C GLY D 811 22.74 -1.80 24.56
N GLU D 812 23.98 -2.26 24.71
CA GLU D 812 24.58 -3.28 23.86
C GLU D 812 25.83 -3.77 24.60
N GLY D 813 25.96 -5.09 24.78
CA GLY D 813 27.10 -5.63 25.51
C GLY D 813 27.34 -4.86 26.80
N PHE D 814 28.49 -5.07 27.44
CA PHE D 814 28.82 -4.34 28.68
C PHE D 814 29.31 -2.95 28.27
N VAL D 815 29.08 -1.92 29.09
CA VAL D 815 29.54 -0.59 28.73
C VAL D 815 31.05 -0.65 28.70
N SER D 816 31.59 -1.35 29.69
CA SER D 816 33.02 -1.51 29.81
C SER D 816 33.70 -1.96 28.53
N LEU D 817 33.00 -2.69 27.67
CA LEU D 817 33.61 -3.16 26.43
C LEU D 817 33.17 -2.30 25.25
N ALA D 818 32.32 -1.31 25.51
CA ALA D 818 31.80 -0.43 24.49
C ALA D 818 32.91 0.44 23.89
N LYS D 819 32.91 0.59 22.57
CA LYS D 819 33.92 1.42 21.91
C LYS D 819 33.87 2.82 22.50
N TRP D 820 35.00 3.49 22.48
CA TRP D 820 35.13 4.83 23.02
C TRP D 820 34.72 5.86 21.99
N PRO D 821 33.88 6.81 22.40
CA PRO D 821 33.38 7.88 21.53
C PRO D 821 34.42 8.87 21.05
N GLU D 822 34.64 8.94 19.76
CA GLU D 822 35.59 9.91 19.24
C GLU D 822 34.77 10.94 18.47
N PRO D 823 35.23 12.20 18.42
CA PRO D 823 34.50 13.26 17.71
C PRO D 823 33.83 12.78 16.44
N VAL D 824 32.70 13.39 16.12
CA VAL D 824 31.96 12.97 14.93
C VAL D 824 32.11 13.91 13.75
N GLU D 825 32.07 13.30 12.56
CA GLU D 825 32.18 14.02 11.31
C GLU D 825 31.57 15.42 11.48
N GLU D 826 32.45 16.39 11.66
CA GLU D 826 31.99 17.74 11.81
C GLU D 826 31.03 17.76 12.98
N TRP D 827 29.77 18.14 12.79
CA TRP D 827 28.89 18.17 13.97
C TRP D 827 29.60 19.26 14.81
N TRP D 828 30.73 19.69 14.25
CA TRP D 828 31.65 20.71 14.76
C TRP D 828 31.11 22.04 14.24
N ASN D 829 31.22 23.09 15.03
CA ASN D 829 30.72 24.39 14.59
C ASN D 829 31.39 25.51 15.37
N GLU D 830 32.64 25.80 15.05
CA GLU D 830 33.39 26.86 15.73
C GLU D 830 32.55 28.13 15.66
N THR D 831 31.84 28.24 14.54
CA THR D 831 31.00 29.38 14.21
C THR D 831 29.80 29.60 15.14
N ILE D 832 28.95 28.60 15.28
CA ILE D 832 27.79 28.74 16.16
C ILE D 832 28.25 28.83 17.60
N GLU D 833 29.40 28.22 17.91
CA GLU D 833 29.94 28.28 19.25
C GLU D 833 30.26 29.74 19.51
N ALA D 834 30.79 30.39 18.48
CA ALA D 834 31.15 31.80 18.54
C ALA D 834 29.93 32.69 18.64
N GLU D 835 28.94 32.39 17.82
CA GLU D 835 27.73 33.18 17.81
C GLU D 835 27.06 33.15 19.19
N GLU D 836 27.04 31.97 19.81
CA GLU D 836 26.41 31.82 21.11
C GLU D 836 27.02 32.68 22.21
N GLU D 837 28.35 32.81 22.22
CA GLU D 837 28.98 33.63 23.24
C GLU D 837 28.72 35.08 22.89
N PHE D 838 28.57 35.36 21.61
CA PHE D 838 28.27 36.72 21.19
C PHE D 838 26.98 37.19 21.89
N ILE D 839 25.87 36.53 21.59
CA ILE D 839 24.60 36.90 22.22
C ILE D 839 24.77 36.96 23.74
N ARG D 840 25.53 36.02 24.28
CA ARG D 840 25.80 35.98 25.72
C ARG D 840 26.37 37.31 26.15
N SER D 841 27.38 37.74 25.42
CA SER D 841 28.09 38.98 25.71
C SER D 841 27.16 40.18 25.60
N VAL D 842 26.33 40.18 24.57
CA VAL D 842 25.40 41.28 24.38
C VAL D 842 24.62 41.40 25.67
N MET D 843 23.97 40.31 26.04
CA MET D 843 23.20 40.27 27.26
C MET D 843 23.98 40.90 28.40
N GLU D 844 25.23 40.47 28.55
CA GLU D 844 26.09 40.98 29.59
C GLU D 844 26.18 42.49 29.52
N ASP D 845 26.35 43.01 28.30
CA ASP D 845 26.46 44.44 28.09
C ASP D 845 25.23 45.17 28.57
N ILE D 846 24.09 44.82 27.98
CA ILE D 846 22.82 45.44 28.35
C ILE D 846 22.68 45.42 29.86
N LYS D 847 22.93 44.26 30.45
CA LYS D 847 22.82 44.10 31.89
C LYS D 847 23.65 45.14 32.61
N GLU D 848 24.86 45.38 32.11
CA GLU D 848 25.74 46.35 32.75
C GLU D 848 25.27 47.77 32.49
N ILE D 849 24.87 48.05 31.27
CA ILE D 849 24.40 49.38 30.93
C ILE D 849 23.31 49.82 31.89
N ILE D 850 22.44 48.88 32.23
CA ILE D 850 21.34 49.18 33.13
C ILE D 850 21.83 49.23 34.57
N GLU D 851 22.63 48.25 34.97
CA GLU D 851 23.15 48.19 36.33
C GLU D 851 23.93 49.44 36.71
N VAL D 852 24.40 50.19 35.73
CA VAL D 852 25.18 51.38 36.01
C VAL D 852 24.40 52.66 35.95
N ALA D 853 23.12 52.60 35.58
CA ALA D 853 22.32 53.81 35.49
C ALA D 853 20.79 53.69 35.73
N LYS D 854 20.04 53.61 34.64
CA LYS D 854 18.58 53.52 34.61
C LYS D 854 17.82 52.65 35.60
N ILE D 855 16.49 52.70 35.47
CA ILE D 855 15.59 51.95 36.33
C ILE D 855 14.32 51.58 35.55
N GLU D 856 14.09 50.29 35.38
CA GLU D 856 12.93 49.77 34.67
C GLU D 856 13.01 49.92 33.16
N ASN D 857 12.12 50.74 32.60
CA ASN D 857 12.03 50.96 31.15
C ASN D 857 11.82 49.62 30.45
N ALA D 858 10.68 49.52 29.76
CA ALA D 858 10.29 48.30 29.07
C ALA D 858 11.15 47.81 27.91
N LYS D 859 12.05 48.64 27.41
CA LYS D 859 12.86 48.18 26.30
C LYS D 859 14.14 48.93 26.08
N ARG D 860 14.88 48.44 25.10
CA ARG D 860 16.14 49.01 24.68
C ARG D 860 16.16 48.76 23.19
N ALA D 861 17.08 49.39 22.46
CA ALA D 861 17.18 49.20 21.02
C ALA D 861 18.65 49.01 20.69
N TYR D 862 18.95 48.11 19.77
CA TYR D 862 20.34 47.91 19.40
C TYR D 862 20.52 47.37 18.00
N ILE D 863 21.59 47.80 17.34
CA ILE D 863 21.87 47.39 15.98
C ILE D 863 23.24 46.76 15.83
N TYR D 864 23.36 45.80 14.91
CA TYR D 864 24.64 45.16 14.69
C TYR D 864 25.45 45.99 13.72
N THR D 865 26.17 45.32 12.82
CA THR D 865 27.02 45.99 11.85
C THR D 865 26.92 45.36 10.46
N ALA D 866 27.71 45.88 9.53
CA ALA D 866 27.76 45.41 8.15
C ALA D 866 29.19 45.50 7.61
N GLU D 867 29.49 44.68 6.60
CA GLU D 867 30.82 44.62 5.99
C GLU D 867 31.57 45.93 5.83
N ASP D 868 31.39 46.58 4.69
CA ASP D 868 32.07 47.83 4.38
C ASP D 868 32.12 48.80 5.55
N TRP D 869 31.02 49.52 5.75
CA TRP D 869 30.90 50.52 6.81
C TRP D 869 31.82 50.15 7.99
N LYS D 870 31.90 48.84 8.29
CA LYS D 870 32.73 48.30 9.38
C LYS D 870 33.47 47.01 9.00
N TRP D 871 33.05 45.90 9.62
CA TRP D 871 33.63 44.56 9.42
C TRP D 871 34.71 44.36 8.37
N LYS D 872 34.46 44.82 7.14
CA LYS D 872 35.45 44.65 6.08
C LYS D 872 36.77 45.28 6.46
N VAL D 873 36.71 46.29 7.31
CA VAL D 873 37.90 46.96 7.78
C VAL D 873 38.69 45.97 8.62
N ALA D 874 38.06 45.50 9.69
CA ALA D 874 38.65 44.56 10.64
C ALA D 874 39.22 43.27 10.07
N GLU D 875 38.55 42.71 9.07
CA GLU D 875 39.02 41.47 8.44
C GLU D 875 40.18 41.77 7.49
N VAL D 876 40.61 43.03 7.48
CA VAL D 876 41.72 43.48 6.64
C VAL D 876 42.83 43.96 7.58
N VAL D 877 42.45 44.74 8.59
CA VAL D 877 43.40 45.22 9.57
C VAL D 877 44.09 43.98 10.11
N SER D 878 43.31 42.94 10.31
CA SER D 878 43.82 41.68 10.81
C SER D 878 44.67 40.96 9.76
N GLU D 879 45.30 41.74 8.91
CA GLU D 879 46.16 41.17 7.88
C GLU D 879 47.20 42.18 7.44
N LYS D 880 47.48 43.11 8.34
CA LYS D 880 48.47 44.16 8.13
C LYS D 880 49.01 44.42 9.52
N ARG D 881 48.15 44.16 10.51
CA ARG D 881 48.48 44.34 11.92
C ARG D 881 49.47 45.48 12.10
N ASP D 882 49.23 46.60 11.41
CA ASP D 882 50.15 47.72 11.52
C ASP D 882 49.53 49.08 11.87
N PHE D 883 49.08 49.83 10.88
CA PHE D 883 48.50 51.15 11.12
C PHE D 883 48.16 51.86 9.82
N LYS D 884 48.98 51.61 8.80
CA LYS D 884 48.84 52.23 7.50
C LYS D 884 48.60 51.23 6.38
N SER D 885 49.58 50.36 6.13
CA SER D 885 49.46 49.36 5.06
C SER D 885 48.02 48.89 4.87
N SER D 886 47.27 48.87 5.97
CA SER D 886 45.88 48.48 5.97
C SER D 886 45.04 49.65 5.45
N MET D 887 45.24 50.81 6.08
CA MET D 887 44.54 52.04 5.72
C MET D 887 44.80 52.37 4.24
N GLU D 888 45.90 51.87 3.71
CA GLU D 888 46.26 52.07 2.30
C GLU D 888 45.44 51.07 1.50
N GLU D 889 45.44 49.84 1.99
CA GLU D 889 44.70 48.75 1.37
C GLU D 889 43.20 49.08 1.31
N LEU D 890 42.75 49.95 2.22
CA LEU D 890 41.34 50.31 2.28
C LEU D 890 40.88 51.52 1.46
N MET D 891 41.37 52.72 1.81
CA MET D 891 40.98 53.94 1.11
C MET D 891 40.97 53.76 -0.41
N LYS D 892 41.65 52.70 -0.85
CA LYS D 892 41.75 52.36 -2.26
C LYS D 892 40.48 51.58 -2.66
N ASP D 893 39.40 51.79 -1.89
CA ASP D 893 38.12 51.11 -2.14
C ASP D 893 36.89 52.01 -1.92
N SER D 894 36.02 52.01 -2.93
CA SER D 894 34.79 52.78 -2.91
C SER D 894 33.85 52.18 -1.86
N GLU D 895 32.78 52.91 -1.55
CA GLU D 895 31.79 52.47 -0.57
C GLU D 895 32.46 52.15 0.77
N ILE D 896 33.79 52.22 0.79
CA ILE D 896 34.55 51.99 2.01
C ILE D 896 35.26 53.31 2.34
N ARG D 897 35.87 53.94 1.35
CA ARG D 897 36.53 55.22 1.61
C ARG D 897 35.39 56.21 1.84
N LYS D 898 34.22 55.80 1.37
CA LYS D 898 32.96 56.56 1.49
C LYS D 898 32.75 57.18 2.87
N HIS D 899 33.40 56.61 3.89
CA HIS D 899 33.28 57.12 5.26
C HIS D 899 34.57 57.81 5.64
N GLY D 900 35.67 57.27 5.12
CA GLY D 900 37.00 57.83 5.36
C GLY D 900 37.31 58.32 6.77
N LYS D 901 36.94 59.56 7.06
CA LYS D 901 37.18 60.18 8.36
C LYS D 901 36.68 59.27 9.48
N GLU D 902 35.81 58.32 9.13
CA GLU D 902 35.25 57.40 10.11
C GLU D 902 36.02 56.08 10.20
N VAL D 903 36.90 55.82 9.24
CA VAL D 903 37.70 54.60 9.24
C VAL D 903 38.82 54.75 10.26
N ALA D 904 38.44 55.24 11.44
CA ALA D 904 39.33 55.40 12.56
C ALA D 904 39.06 54.10 13.30
N LYS D 905 38.18 53.31 12.70
CA LYS D 905 37.79 52.00 13.22
C LYS D 905 39.04 51.16 13.19
N ILE D 906 40.00 51.56 12.36
CA ILE D 906 41.25 50.82 12.24
C ILE D 906 42.16 51.12 13.41
N VAL D 907 42.19 52.38 13.83
CA VAL D 907 43.01 52.76 14.96
C VAL D 907 42.60 51.84 16.10
N GLN D 908 41.45 52.11 16.70
CA GLN D 908 40.93 51.29 17.79
C GLN D 908 41.17 49.80 17.53
N LYS D 909 40.45 49.25 16.56
CA LYS D 909 40.59 47.85 16.21
C LYS D 909 42.03 47.37 16.27
N LEU D 910 42.96 48.28 15.98
CA LEU D 910 44.37 47.92 15.99
C LEU D 910 44.92 47.69 17.40
N ILE D 911 44.57 48.55 18.34
CA ILE D 911 45.06 48.44 19.72
C ILE D 911 44.38 47.36 20.58
N LYS D 912 43.95 46.28 19.94
CA LYS D 912 43.29 45.18 20.64
C LYS D 912 43.51 43.95 19.80
N GLU D 913 44.65 43.91 19.11
CA GLU D 913 45.04 42.79 18.26
C GLU D 913 43.98 42.35 17.23
N ARG D 914 44.44 41.65 16.20
CA ARG D 914 43.63 41.15 15.08
C ARG D 914 42.20 40.67 15.35
N THR D 915 41.68 39.90 14.38
CA THR D 915 40.32 39.36 14.43
C THR D 915 40.27 37.85 14.65
N PHE D 916 39.10 37.30 14.31
CA PHE D 916 38.78 35.88 14.38
C PHE D 916 37.96 35.62 13.14
N ASP D 917 37.08 34.63 13.24
CA ASP D 917 36.21 34.25 12.13
C ASP D 917 35.10 35.28 11.95
N VAL D 918 34.22 34.99 10.99
CA VAL D 918 33.11 35.88 10.69
C VAL D 918 31.77 35.24 11.07
N LYS D 919 31.22 35.67 12.20
CA LYS D 919 29.92 35.16 12.62
C LYS D 919 28.92 35.98 11.84
N ARG D 920 29.00 35.82 10.51
CA ARG D 920 28.16 36.53 9.54
C ARG D 920 26.66 36.53 9.86
N ILE D 921 26.03 35.36 9.84
CA ILE D 921 24.60 35.27 10.13
C ILE D 921 24.29 35.92 11.49
N ASN D 922 25.33 36.50 12.09
CA ASN D 922 25.27 37.21 13.38
C ASN D 922 23.91 37.73 13.81
N GLU D 923 23.52 38.87 13.27
CA GLU D 923 22.24 39.50 13.60
C GLU D 923 21.15 38.44 13.67
N GLU D 924 21.26 37.44 12.81
CA GLU D 924 20.28 36.37 12.77
C GLU D 924 20.34 35.58 14.07
N LYS D 925 21.54 35.39 14.62
CA LYS D 925 21.62 34.64 15.87
C LYS D 925 20.98 35.49 16.95
N ALA D 926 21.28 36.79 16.94
CA ALA D 926 20.70 37.70 17.91
C ALA D 926 19.17 37.60 17.69
N LEU D 927 18.82 37.20 16.49
CA LEU D 927 17.44 37.04 16.07
C LEU D 927 16.94 35.62 16.45
N ARG D 928 17.39 34.63 15.67
CA ARG D 928 17.04 33.22 15.87
C ARG D 928 17.20 32.72 17.30
N GLU D 929 16.21 31.93 17.73
CA GLU D 929 16.11 31.34 19.08
C GLU D 929 16.76 32.13 20.22
N ALA D 930 17.17 33.37 19.91
CA ALA D 930 17.82 34.24 20.88
C ALA D 930 16.84 35.31 21.30
N LYS D 931 16.22 35.95 20.30
CA LYS D 931 15.27 37.03 20.52
C LYS D 931 14.37 36.85 21.74
N GLU D 932 13.60 35.77 21.78
CA GLU D 932 12.71 35.51 22.90
C GLU D 932 13.50 35.25 24.18
N PHE D 933 14.44 34.32 24.11
CA PHE D 933 15.25 34.00 25.28
C PHE D 933 15.74 35.29 25.91
N MET D 934 16.58 36.01 25.18
CA MET D 934 17.14 37.26 25.66
C MET D 934 16.13 38.11 26.40
N GLU D 935 15.00 38.39 25.77
CA GLU D 935 13.96 39.20 26.38
C GLU D 935 13.39 38.56 27.63
N LYS D 936 13.25 37.23 27.58
CA LYS D 936 12.72 36.49 28.71
C LYS D 936 13.67 36.58 29.91
N GLU D 937 14.96 36.50 29.64
CA GLU D 937 15.97 36.57 30.68
C GLU D 937 16.21 38.00 31.14
N LEU D 938 16.33 38.92 30.19
CA LEU D 938 16.57 40.32 30.55
C LEU D 938 15.31 41.02 31.05
N GLY D 939 14.15 40.45 30.74
CA GLY D 939 12.88 41.04 31.16
C GLY D 939 12.69 42.39 30.49
N ILE D 940 13.17 42.48 29.26
CA ILE D 940 13.12 43.70 28.48
C ILE D 940 12.80 43.41 27.02
N GLU D 941 12.30 44.40 26.29
CA GLU D 941 11.96 44.22 24.89
C GLU D 941 13.18 44.48 24.02
N ILE D 942 13.56 43.48 23.22
CA ILE D 942 14.70 43.60 22.32
C ILE D 942 14.23 43.99 20.94
N ILE D 943 15.00 44.84 20.29
CA ILE D 943 14.68 45.34 18.96
C ILE D 943 15.95 45.30 18.13
N ILE D 944 16.13 44.23 17.36
CA ILE D 944 17.31 44.09 16.53
C ILE D 944 17.26 45.03 15.33
N ASN D 945 18.40 45.21 14.67
CA ASN D 945 18.55 46.07 13.49
C ASN D 945 17.35 46.95 13.12
N PRO D 946 17.09 48.03 13.88
CA PRO D 946 15.95 48.89 13.55
C PRO D 946 16.21 49.69 12.29
N THR D 947 15.48 50.78 12.16
CA THR D 947 15.62 51.68 11.02
C THR D 947 15.79 53.08 11.60
N GLU D 948 14.90 53.43 12.53
CA GLU D 948 14.94 54.72 13.19
C GLU D 948 16.30 54.81 13.89
N ASP D 949 16.77 56.02 14.18
CA ASP D 949 18.06 56.20 14.86
C ASP D 949 17.85 56.73 16.28
N LYS D 950 18.11 55.88 17.28
CA LYS D 950 17.92 56.26 18.67
C LYS D 950 18.99 57.19 19.26
N GLY D 951 19.73 56.71 20.25
CA GLY D 951 20.75 57.54 20.85
C GLY D 951 22.04 57.54 20.06
N GLY D 952 21.93 57.68 18.75
CA GLY D 952 23.11 57.66 17.93
C GLY D 952 23.42 56.20 17.66
N LYS D 953 22.39 55.38 17.69
CA LYS D 953 22.54 53.96 17.45
C LYS D 953 23.21 53.69 16.11
N LYS D 954 22.40 53.55 15.07
CA LYS D 954 22.86 53.25 13.73
C LYS D 954 24.35 53.37 13.46
N LYS D 955 24.92 52.23 13.07
CA LYS D 955 26.33 52.08 12.75
C LYS D 955 27.36 52.85 13.58
N GLN D 956 26.98 53.20 14.80
CA GLN D 956 27.90 53.87 15.70
C GLN D 956 28.35 52.67 16.55
N ALA D 957 28.51 51.52 15.89
CA ALA D 957 28.89 50.27 16.54
C ALA D 957 30.02 49.48 15.90
N MET D 958 30.55 48.52 16.66
CA MET D 958 31.64 47.67 16.22
C MET D 958 31.32 46.18 16.18
N PRO D 959 32.10 45.41 15.42
CA PRO D 959 31.94 43.96 15.27
C PRO D 959 32.09 43.27 16.61
N LEU D 960 31.21 42.31 16.88
CA LEU D 960 31.22 41.54 18.12
C LEU D 960 30.85 42.41 19.30
N LYS D 961 30.67 43.70 19.04
CA LYS D 961 30.28 44.64 20.07
C LYS D 961 29.27 45.59 19.45
N PRO D 962 28.05 45.09 19.16
CA PRO D 962 27.05 45.96 18.55
C PRO D 962 26.78 47.14 19.46
N ALA D 963 26.10 48.15 18.95
CA ALA D 963 25.80 49.31 19.77
C ALA D 963 24.39 49.16 20.27
N ILE D 964 24.20 49.37 21.57
CA ILE D 964 22.86 49.25 22.13
C ILE D 964 22.50 50.54 22.86
N PHE D 965 21.21 50.81 22.93
CA PHE D 965 20.68 51.99 23.60
C PHE D 965 19.42 51.54 24.33
N ILE D 966 19.41 51.67 25.66
CA ILE D 966 18.22 51.26 26.39
C ILE D 966 17.31 52.47 26.58
N GLU D 967 16.04 52.31 26.21
CA GLU D 967 14.97 53.33 26.29
C GLU D 967 14.27 53.63 24.95
#